data_7FAP
#
_entry.id   7FAP
#
loop_
_entity.id
_entity.type
_entity.pdbx_description
1 polymer 'Erythrocyte membrane protein 1, PfEMP1'
2 branched '2-acetamido-2-deoxy-4-O-sulfo-beta-D-galactopyranose-(1-3)-beta-D-glucopyranuronic acid-(1-3)-2-acetamido-2-deoxy-4-O-sulfo-beta-D-galactopyranose-(1-4)-beta-D-glucopyranuronic acid-(1-3)-2-acetamido-2-deoxy-4-O-sulfo-beta-D-galactopyranose-(1-4)-beta-D-glucopyranuronic acid-(1-3)-2-acetamido-2-deoxy-4-O-sulfo-beta-D-galactopyranose-(1-4)-beta-D-glucopyranuronic acid-(1-3)-2-acetamido-2-deoxy-4-O-sulfo-beta-D-galactopyranose-(1-4)-beta-D-glucopyranuronic acid-(1-3)-2-acetamido-2-deoxy-4-O-sulfo-beta-D-galactopyranose-(1-4)-beta-D-glucopyranuronic acid'
#
_entity_poly.entity_id   1
_entity_poly.type   'polypeptide(L)'
_entity_poly.pdbx_seq_one_letter_code
;MDKSSIANKIEAYLGAKSDDSKIDQSLKADPSEVQYYGSGGDGYYLRKNICKITVNHSDSGTNDPCDRIPPPYGDNDQWK
CAIILSKVSEKPENVFVPPRRQRMCINNLEKLNVDKIRDKHAFLADVLLTARNEGERIVQNHPDTNSSNVCNALERSFAD
IADIIRGTDLWKGTNSNLEQNLKQMFAKIRENDKVLQDKYPKDQNYRKLREDWWNANRQKVWEVITCGARSNDLLIKRGW
RTSGKSNGDNKLELCRKCGHYEEKVPTKLDYVPQFLRWLTEWIEDFYREKQNLIDDMERHREECTSEDHKSKEGTSYCST
CKDKCKKYCECVKKWKSEWENQKNKYTELYQQNKNETSQKNTSRYDDYVKDFFKKLEANYSSLENYIKGDPYFAEYATKL
SFILNSSDANNPSEKIQKNNDEVCNCNESGIASVEQEQISDPSSNKTCITHSSIKANKKKVCKHVKLGVRENDKDLRVCV
IEHTSLSGVENCCCQDFLRILQENCSDNKSGSSSNGSCNNKNQEACEKNLEKVLASLTNCYKCDKCKSEQSKKNNKNWIW
KKSSGKEGGLQKEYANTIGLPPRTQSLCLVVCLDEKGKKTQELKNIRTNSELLKEWIIAAFHEGKNLKPSHEKKNDDNGK
KLCKALEYSFADYGDLIKGTSIWDNEYTKDLELNLQKIFGKLFRKYIKKNNTAEQDTSYSSLDELRESWWNTNKKYIWLA
MKHGAGMNSTTCCGDGSVTGSGSSCDDIPTIDLIPQYLRFLQEWVEHFCKQRQEKVKPVIENCKSCKESGGTCNGECKTE
CKNKCEVYKKFIEDCKGGDGTAGSSWVKRWDQIYKRYSKYIEDAKRNRKAGTKNCGPSSTTNAAENKCVQSDIDSFFKHL
IDIGLTTPSSYLSIVLDDNICGADKAPWTTYTTYTTTEKCNKETDKSKLQQCNTAVVVNVPSPLGNTPHGYKYACQCKIP
TNEETCDDRKEYMNQWSCGSARTMKRGYKNDNYELCKYNGVDVKPTTVRSNSSKLDDKDVTFFNLFEQWNKEIQYQIEQY
MTNTKISCNNEKNVLSRVSDEAAQPKFSDNERDRNSITHEDKNCKEKCKCYSLWIEKINDQWDKQKDNYNKFQRKQIYDA
NKGSQNKKVVSLSNFLFFSCWEEYIQKYFNGDWSKIKNIGSDTFEFLIKKCGNDSGDGETIFSEKLNNAEKKCKENESTN
NKMKSSETSCDCSEPIYIRGCQPKIYDGKIFPGKGGEKQWICKDTIIHGDTNGACIPPRTQNLCVGELWDKRYGGRSNIK
NDTKESLKQKIKNAIQKETELLYEYHDKGTAIISRNPMKGQKEKEEKNNDSNGLPKGFCHAVQRSFIDYKNMILGTSVNI
YEYIGKLQEDIKKIIEKGTTKQNGKTVGSGAENVNAWWKGIEGEMWDAVRCAITKINKKQKKNGTFSIDECGIFPPTGND
EDQSVSWFKEWSEQFCIERLQYEKNIRDACTNNGQGDKIQGDCKRKCEEYKKYISEKKQEWDKQKTKYENKYVGKSASDL
LKENYPECISANFDFIFNDNIEYKTYYPYGDYSSICSCEQVKYYEYNNAEKKNNKSLCHEKGNDRTWSKKYIKKLENGRT
LEGVYVPPRRQQLCLYELFPIIIKNKNDITNAKKELLETLQIVAEREAYYLWKQYHAHNDTTYLAHKKACCAIRGSFYDL
EDIIKGNDLVHDEYTKYIDSKLNEIFDSSNKNDIETKRARTDWWENEAIAVPNITGANKSDPKTIRQLVWDAMQSGVRKA
IDEEKEKKKPNENFPPCMGVQHIGIAKPQFIRWLEEWTNEFCEKYTKYFEDMKSNCNLRKGADDCDDNSNIECKKACANY
TNWLNPKRIEWNGMSNYYNKIYRKSNKESEDGKDYSMIMEPTVIDYLNKRCNGEINGNYICCSCKNIGENSTSGTVNKKL
QKKETQCEDNKGPLDLMNKVLNKMDPKYSEHKMKCTEVYLEHVEEQLKEIDNAIKDYKLYPLDRCFDDKSKMKVCDLIGD
AIGCKHKTKLDELDEWNDVDMRDPYNKYKGVLIPPRRRQLCFSRIVRGPANLRNLKEFKEEILKGAQSEGKFLGNYYNED
KDKEKALEAMKNSFYDYEYIIKGSDMLTNIQFKDIKRKLDRLLEKETNNTEKVDDWWETNKKSIWNAMLCGYKKSGNKII
DPSWCTIPTTETPPQFLRWIKEWGTNVCIQKEEHKEYVKSKCSNVTNLGAQESESKNCTSEIKKYQEWSRKRSIQWEAIS
EGYKKYKGMDEFKNTFKNIKEPDANEPNANEYLKKHCSKCPCGFNDMQEITKYTNIGNEAFKQIKEQVDIPAELEDVIYR
LKHHEYDKGNDYICNKYKNINVNMKKNNDDTWTDLVKNSSDINKGVLLPPRRKNLFLKIDESDICKYKRDPKLFKDFIYS
SAISEVERLKKVYGEAKTKVVHAMKYSFADIGSIIKGDDMMENNSSDKIGKILGDGVGQNEKRKKWWDMNKYHIWESMLC
GYKHAYGNISENDRKMLDIPNNDDEHQFLRWFQEWTENFCTKRNELYENMVTACNSAKCNTSNGSVDKKECTEACKNYSN
FILIKKKEYQSLNSQYDMNYKETKAEKKESPEYFKDKCNGECSCLSEYFKDETRWKNPYETLDDTEVKNN
;
_entity_poly.pdbx_strand_id   A
#
loop_
_chem_comp.id
_chem_comp.type
_chem_comp.name
_chem_comp.formula
ASG D-saccharide, beta linking 2-acetamido-2-deoxy-4-O-sulfo-beta-D-galactopyranose 'C8 H15 N O9 S'
BDP D-saccharide, beta linking 'beta-D-glucopyranuronic acid' 'C6 H10 O7'
#
# COMPACT_ATOMS: atom_id res chain seq x y z
N ILE A 23 12.59 42.21 1.35
CA ILE A 23 11.64 41.60 0.42
C ILE A 23 10.70 40.69 1.19
N ASP A 24 9.47 40.54 0.69
CA ASP A 24 8.48 39.73 1.38
C ASP A 24 8.88 38.26 1.46
N GLN A 25 9.52 37.74 0.42
CA GLN A 25 9.90 36.33 0.40
C GLN A 25 10.98 36.01 1.44
N SER A 26 11.64 37.03 1.98
CA SER A 26 12.63 36.81 3.05
C SER A 26 11.98 36.67 4.42
N LEU A 27 10.66 36.84 4.51
CA LEU A 27 9.94 36.67 5.76
C LEU A 27 8.99 35.49 5.76
N LYS A 28 8.44 35.12 4.61
CA LYS A 28 7.58 33.95 4.51
C LYS A 28 8.39 32.70 4.80
N ALA A 29 7.87 31.84 5.66
CA ALA A 29 8.54 30.60 6.04
C ALA A 29 7.58 29.43 5.92
N ASP A 30 8.15 28.25 5.73
CA ASP A 30 7.37 27.02 5.68
C ASP A 30 8.04 25.95 6.54
N PRO A 31 7.40 25.53 7.63
CA PRO A 31 8.03 24.54 8.53
C PRO A 31 8.26 23.19 7.87
N SER A 32 7.68 22.98 6.69
CA SER A 32 7.93 21.73 5.94
C SER A 32 9.39 21.71 5.47
N GLU A 33 10.04 22.86 5.45
CA GLU A 33 11.43 22.96 4.96
C GLU A 33 12.38 22.27 5.94
N VAL A 34 12.31 22.63 7.23
CA VAL A 34 13.24 22.04 8.24
C VAL A 34 13.16 20.52 8.19
N GLN A 35 14.28 19.85 7.94
CA GLN A 35 14.30 18.40 7.79
C GLN A 35 13.85 17.69 9.06
N TYR A 36 14.36 18.12 10.21
CA TYR A 36 14.02 17.49 11.49
C TYR A 36 14.18 18.52 12.59
N TYR A 37 13.61 18.20 13.75
CA TYR A 37 13.57 19.10 14.89
C TYR A 37 14.37 18.49 16.04
N GLY A 38 14.26 19.13 17.21
CA GLY A 38 14.91 18.62 18.41
C GLY A 38 14.01 17.70 19.20
N GLY A 43 9.41 17.33 9.31
CA GLY A 43 10.07 17.18 8.02
C GLY A 43 9.11 17.19 6.85
N TYR A 44 9.05 16.08 6.13
CA TYR A 44 8.12 15.93 5.02
C TYR A 44 6.77 15.48 5.57
N TYR A 45 6.33 16.12 6.64
CA TYR A 45 5.07 15.75 7.29
C TYR A 45 4.24 17.01 7.49
N LEU A 46 4.91 18.16 7.55
CA LEU A 46 4.24 19.45 7.59
C LEU A 46 4.01 20.01 6.19
N ARG A 47 3.92 19.15 5.19
CA ARG A 47 3.56 19.53 3.83
C ARG A 47 2.22 18.89 3.51
N LYS A 48 1.17 19.71 3.43
CA LYS A 48 -0.22 19.33 3.19
C LYS A 48 -0.84 18.61 4.38
N ASN A 49 -0.02 18.37 5.40
CA ASN A 49 -0.52 17.68 6.61
C ASN A 49 -0.09 18.46 7.85
N ILE A 50 -0.38 19.76 7.84
CA ILE A 50 -0.02 20.63 8.95
C ILE A 50 -1.14 20.56 9.98
N CYS A 51 -2.24 19.91 9.60
CA CYS A 51 -3.40 19.83 10.47
C CYS A 51 -3.05 19.24 11.84
N LYS A 52 -2.08 18.33 11.88
CA LYS A 52 -1.63 17.70 13.12
C LYS A 52 -0.11 17.89 13.23
N ILE A 53 0.30 18.94 13.91
CA ILE A 53 1.72 19.19 14.17
C ILE A 53 2.06 18.83 15.60
N GLY A 61 12.78 22.82 18.19
CA GLY A 61 13.77 23.35 19.11
C GLY A 61 13.31 23.29 20.55
N THR A 62 12.27 24.06 20.88
CA THR A 62 11.70 24.08 22.22
C THR A 62 10.93 22.78 22.43
N ASN A 63 11.51 21.85 23.19
CA ASN A 63 10.94 20.53 23.37
C ASN A 63 9.73 20.54 24.30
N ASP A 64 9.45 21.65 24.97
CA ASP A 64 8.40 21.72 25.99
C ASP A 64 7.01 21.76 25.37
N PRO A 65 6.12 20.82 25.67
CA PRO A 65 4.76 20.89 25.13
C PRO A 65 4.03 22.14 25.59
N CYS A 66 3.06 22.56 24.77
CA CYS A 66 2.20 23.73 25.11
C CYS A 66 0.98 23.22 25.86
N ASP A 67 0.91 23.43 27.17
CA ASP A 67 -0.17 22.93 28.01
C ASP A 67 -0.56 23.98 29.03
N ARG A 68 -1.83 24.35 29.04
CA ARG A 68 -2.38 25.29 30.01
C ARG A 68 -3.90 25.34 29.86
N PRO A 71 -8.54 26.29 30.65
CA PRO A 71 -8.77 25.80 29.28
C PRO A 71 -10.12 26.20 28.65
N PRO A 72 -11.24 26.10 29.37
CA PRO A 72 -12.53 26.45 28.74
C PRO A 72 -12.62 27.94 28.44
N TYR A 73 -13.69 28.30 27.73
CA TYR A 73 -13.89 29.66 27.27
C TYR A 73 -14.80 30.43 28.22
N GLY A 74 -14.36 31.60 28.63
CA GLY A 74 -15.15 32.44 29.52
C GLY A 74 -15.14 32.02 30.97
N ASP A 75 -14.28 31.07 31.35
CA ASP A 75 -14.23 30.58 32.72
C ASP A 75 -13.56 31.57 33.66
N ASN A 76 -12.62 32.39 33.16
CA ASN A 76 -11.92 33.37 33.98
C ASN A 76 -12.70 34.66 34.17
N ASP A 77 -14.02 34.63 33.91
CA ASP A 77 -14.83 35.83 34.09
C ASP A 77 -14.86 36.30 35.53
N GLN A 78 -14.62 35.41 36.48
CA GLN A 78 -14.61 35.77 37.89
C GLN A 78 -13.42 36.67 38.23
N ARG A 101 -10.04 38.31 27.22
CA ARG A 101 -9.41 37.09 27.68
C ARG A 101 -7.89 37.19 27.49
N GLN A 102 -7.14 36.84 28.52
CA GLN A 102 -5.69 36.95 28.51
C GLN A 102 -4.96 35.62 28.64
N ARG A 103 -5.44 34.71 29.49
CA ARG A 103 -4.76 33.44 29.72
C ARG A 103 -5.07 32.49 28.58
N MET A 104 -4.03 31.97 27.94
CA MET A 104 -4.19 31.19 26.73
C MET A 104 -3.00 30.26 26.51
N CYS A 105 -3.13 29.35 25.54
CA CYS A 105 -2.06 28.37 25.25
C CYS A 105 -0.85 29.09 24.65
N ILE A 106 0.08 29.53 25.50
CA ILE A 106 1.27 30.21 25.02
C ILE A 106 2.49 29.62 25.73
N ASN A 107 2.28 28.50 26.43
CA ASN A 107 3.35 27.91 27.25
C ASN A 107 4.53 27.48 26.39
N ASN A 108 4.28 27.05 25.16
CA ASN A 108 5.38 26.57 24.28
C ASN A 108 6.41 27.70 24.12
N LEU A 109 5.94 28.89 23.74
CA LEU A 109 6.84 30.02 23.55
C LEU A 109 7.39 30.57 24.86
N GLU A 110 6.77 30.22 25.99
CA GLU A 110 7.22 30.75 27.27
C GLU A 110 8.62 30.25 27.62
N LYS A 111 8.91 28.97 27.33
CA LYS A 111 10.20 28.36 27.57
C LYS A 111 11.01 28.22 26.29
N LEU A 112 10.92 29.23 25.41
CA LEU A 112 11.59 29.18 24.12
C LEU A 112 13.10 29.15 24.26
N ASN A 113 13.71 28.00 23.98
CA ASN A 113 15.16 27.85 24.03
C ASN A 113 15.72 28.25 22.67
N VAL A 114 16.12 29.52 22.55
CA VAL A 114 16.51 30.08 21.27
C VAL A 114 17.84 29.53 20.77
N ASP A 115 18.65 28.94 21.65
CA ASP A 115 19.95 28.44 21.23
C ASP A 115 19.82 27.33 20.19
N LYS A 116 18.86 26.43 20.39
CA LYS A 116 18.64 25.31 19.47
C LYS A 116 17.51 25.68 18.52
N ILE A 117 17.81 26.56 17.56
CA ILE A 117 16.80 27.03 16.61
C ILE A 117 17.43 27.09 15.23
N ARG A 118 16.70 26.61 14.23
CA ARG A 118 17.14 26.59 12.84
C ARG A 118 16.35 27.65 12.07
N ASP A 119 16.90 28.86 11.98
CA ASP A 119 16.30 29.97 11.26
C ASP A 119 14.92 30.32 11.79
N LYS A 120 14.13 31.05 10.99
CA LYS A 120 12.77 31.38 11.38
C LYS A 120 11.78 30.27 11.11
N HIS A 121 12.16 29.27 10.30
CA HIS A 121 11.24 28.19 9.96
C HIS A 121 10.86 27.39 11.20
N ALA A 122 11.84 27.09 12.05
CA ALA A 122 11.54 26.43 13.32
C ALA A 122 10.71 27.33 14.24
N PHE A 123 10.96 28.63 14.21
CA PHE A 123 10.14 29.56 14.98
C PHE A 123 8.70 29.55 14.49
N LEU A 124 8.51 29.53 13.16
CA LEU A 124 7.17 29.44 12.62
C LEU A 124 6.52 28.11 12.96
N ALA A 125 7.30 27.02 12.98
CA ALA A 125 6.74 25.73 13.39
C ALA A 125 6.28 25.77 14.83
N ASP A 126 7.04 26.48 15.68
CA ASP A 126 6.70 26.60 17.12
C ASP A 126 5.41 27.42 17.25
N VAL A 127 5.29 28.50 16.48
CA VAL A 127 4.06 29.30 16.49
C VAL A 127 2.88 28.49 15.98
N LEU A 128 3.11 27.68 14.95
CA LEU A 128 2.05 26.83 14.42
C LEU A 128 1.61 25.81 15.46
N LEU A 129 2.55 25.25 16.22
CA LEU A 129 2.19 24.31 17.27
C LEU A 129 1.39 24.99 18.37
N THR A 130 1.80 26.18 18.80
CA THR A 130 1.07 26.87 19.85
C THR A 130 -0.25 27.43 19.35
N ALA A 131 -0.45 27.51 18.03
CA ALA A 131 -1.74 27.86 17.47
C ALA A 131 -2.65 26.66 17.30
N ARG A 132 -2.11 25.51 16.90
CA ARG A 132 -2.92 24.31 16.75
C ARG A 132 -3.36 23.77 18.11
N ASN A 133 -2.45 23.75 19.09
CA ASN A 133 -2.81 23.22 20.40
C ASN A 133 -3.75 24.11 21.14
N GLU A 134 -4.01 25.33 20.67
CA GLU A 134 -5.07 26.16 21.22
C GLU A 134 -6.32 26.16 20.37
N GLY A 135 -6.21 26.02 19.05
CA GLY A 135 -7.40 25.87 18.23
C GLY A 135 -8.14 24.59 18.55
N GLU A 136 -7.42 23.48 18.66
CA GLU A 136 -8.05 22.21 19.00
C GLU A 136 -8.54 22.18 20.44
N ARG A 137 -8.03 23.09 21.29
CA ARG A 137 -8.46 23.13 22.72
C ARG A 137 -9.54 24.21 22.92
N ILE A 138 -9.80 25.04 21.92
CA ILE A 138 -10.88 26.01 21.97
C ILE A 138 -12.08 25.58 21.16
N VAL A 139 -11.90 24.71 20.16
CA VAL A 139 -13.04 24.18 19.41
C VAL A 139 -13.91 23.32 20.32
N GLN A 140 -13.30 22.48 21.14
CA GLN A 140 -14.02 21.52 21.97
C GLN A 140 -14.35 22.07 23.36
N ASN A 141 -13.99 23.32 23.65
CA ASN A 141 -14.22 23.90 24.97
C ASN A 141 -14.81 25.30 24.85
N HIS A 142 -15.70 25.49 23.87
CA HIS A 142 -16.39 26.75 23.67
C HIS A 142 -17.88 26.49 23.57
N PRO A 143 -18.61 26.52 24.69
CA PRO A 143 -20.04 26.17 24.64
C PRO A 143 -20.89 27.30 24.08
N ASP A 144 -21.30 27.17 22.81
CA ASP A 144 -22.28 28.07 22.21
C ASP A 144 -23.35 27.37 21.41
N THR A 145 -23.08 26.18 20.86
CA THR A 145 -23.98 25.50 19.92
C THR A 145 -24.33 26.43 18.75
N ASN A 146 -23.33 27.22 18.34
CA ASN A 146 -23.48 28.12 17.19
C ASN A 146 -22.06 28.37 16.67
N SER A 147 -21.71 27.71 15.56
CA SER A 147 -20.34 27.74 15.09
C SER A 147 -19.92 29.13 14.62
N SER A 148 -20.88 30.02 14.34
CA SER A 148 -20.55 31.40 14.01
C SER A 148 -19.84 32.11 15.14
N ASN A 149 -19.92 31.60 16.36
CA ASN A 149 -19.19 32.14 17.50
C ASN A 149 -17.92 31.37 17.82
N VAL A 150 -17.89 30.06 17.56
CA VAL A 150 -16.64 29.31 17.65
C VAL A 150 -15.63 29.88 16.67
N CYS A 151 -16.14 30.25 15.50
CA CYS A 151 -15.29 30.89 14.46
C CYS A 151 -14.69 32.16 15.05
N ASN A 152 -15.54 32.98 15.66
CA ASN A 152 -15.10 34.23 16.25
C ASN A 152 -14.03 33.98 17.31
N ALA A 153 -14.21 32.95 18.13
CA ALA A 153 -13.21 32.60 19.14
C ALA A 153 -11.88 32.23 18.49
N LEU A 154 -11.94 31.44 17.42
CA LEU A 154 -10.71 31.06 16.72
C LEU A 154 -10.02 32.27 16.10
N GLU A 155 -10.78 33.17 15.47
CA GLU A 155 -10.18 34.35 14.88
C GLU A 155 -9.62 35.29 15.95
N ARG A 156 -10.24 35.34 17.12
CA ARG A 156 -9.70 36.17 18.19
C ARG A 156 -8.44 35.57 18.79
N SER A 157 -8.37 34.24 18.88
CA SER A 157 -7.12 33.61 19.27
C SER A 157 -6.02 33.86 18.24
N PHE A 158 -6.37 33.83 16.96
CA PHE A 158 -5.42 34.17 15.90
C PHE A 158 -4.93 35.60 16.03
N ALA A 159 -5.85 36.49 16.40
CA ALA A 159 -5.52 37.92 16.59
C ALA A 159 -4.62 38.08 17.82
N ASP A 160 -4.81 37.26 18.84
CA ASP A 160 -3.95 37.30 20.02
C ASP A 160 -2.57 36.75 19.72
N ILE A 161 -2.47 35.74 18.86
CA ILE A 161 -1.15 35.29 18.39
C ILE A 161 -0.46 36.41 17.63
N ALA A 162 -1.20 37.12 16.78
CA ALA A 162 -0.65 38.29 16.10
C ALA A 162 -0.05 39.27 17.11
N ASP A 163 -0.82 39.60 18.14
CA ASP A 163 -0.36 40.55 19.15
C ASP A 163 0.84 40.04 19.93
N ILE A 164 0.86 38.77 20.29
CA ILE A 164 1.99 38.20 21.01
C ILE A 164 3.27 38.28 20.16
N ILE A 165 3.16 37.91 18.88
CA ILE A 165 4.34 37.91 18.02
C ILE A 165 4.84 39.33 17.76
N ARG A 166 3.93 40.25 17.46
CA ARG A 166 4.32 41.63 17.16
C ARG A 166 4.66 42.46 18.39
N GLY A 167 4.61 41.89 19.60
CA GLY A 167 4.97 42.66 20.78
C GLY A 167 3.93 43.65 21.26
N THR A 168 2.73 43.61 20.70
CA THR A 168 1.66 44.53 21.07
C THR A 168 0.85 44.00 22.26
N ASP A 169 1.18 42.81 22.76
CA ASP A 169 0.44 42.22 23.87
C ASP A 169 0.42 43.17 25.06
N LEU A 170 -0.78 43.58 25.46
CA LEU A 170 -0.93 44.61 26.48
C LEU A 170 -0.35 44.16 27.82
N TRP A 171 -0.64 42.93 28.22
CA TRP A 171 -0.15 42.43 29.50
C TRP A 171 1.23 41.80 29.35
N ASN A 177 8.60 36.63 30.61
CA ASN A 177 9.69 35.89 29.97
C ASN A 177 9.39 35.65 28.49
N LEU A 178 8.14 35.86 28.09
CA LEU A 178 7.74 35.67 26.70
C LEU A 178 8.40 36.70 25.79
N GLU A 179 8.32 37.98 26.16
CA GLU A 179 8.80 39.04 25.29
C GLU A 179 10.30 38.98 25.11
N GLN A 180 11.05 38.58 26.15
CA GLN A 180 12.50 38.47 26.00
C GLN A 180 12.87 37.39 25.00
N ASN A 181 12.23 36.23 25.08
CA ASN A 181 12.50 35.16 24.12
C ASN A 181 12.12 35.58 22.71
N LEU A 182 10.96 36.23 22.55
CA LEU A 182 10.55 36.68 21.22
C LEU A 182 11.51 37.75 20.67
N LYS A 183 11.97 38.66 21.54
CA LYS A 183 12.92 39.67 21.12
C LYS A 183 14.21 39.04 20.63
N GLN A 184 14.73 38.07 21.38
CA GLN A 184 15.98 37.44 20.97
C GLN A 184 15.78 36.63 19.69
N MET A 185 14.62 35.97 19.55
CA MET A 185 14.34 35.23 18.33
C MET A 185 14.30 36.14 17.11
N PHE A 186 13.64 37.29 17.23
CA PHE A 186 13.61 38.21 16.10
C PHE A 186 14.99 38.84 15.85
N ALA A 187 15.78 39.03 16.90
CA ALA A 187 17.14 39.51 16.71
C ALA A 187 17.98 38.51 15.92
N LYS A 188 17.86 37.23 16.25
CA LYS A 188 18.60 36.20 15.52
C LYS A 188 18.03 35.92 14.14
N ILE A 189 16.74 36.22 13.91
CA ILE A 189 16.19 36.16 12.56
C ILE A 189 16.75 37.29 11.71
N ARG A 190 16.86 38.49 12.30
CA ARG A 190 17.48 39.61 11.60
C ARG A 190 18.93 39.31 11.23
N GLU A 191 19.59 38.42 11.98
CA GLU A 191 20.94 37.99 11.62
C GLU A 191 20.96 37.24 10.29
N ASN A 192 19.88 36.56 9.93
CA ASN A 192 19.81 35.82 8.68
C ASN A 192 19.75 36.78 7.49
N LYS A 194 19.20 41.47 3.54
CA LYS A 194 17.94 41.88 4.15
C LYS A 194 18.14 42.21 5.61
N VAL A 195 19.36 42.64 5.95
CA VAL A 195 19.69 42.95 7.33
C VAL A 195 19.30 44.39 7.63
N LEU A 196 18.22 44.56 8.39
CA LEU A 196 17.66 45.87 8.75
C LEU A 196 17.22 46.64 7.50
N GLN A 197 16.29 46.03 6.76
CA GLN A 197 15.56 46.71 5.69
C GLN A 197 14.06 46.58 5.82
N ASP A 198 13.56 45.85 6.82
CA ASP A 198 12.13 45.66 7.00
C ASP A 198 11.54 46.75 7.89
N GLN A 204 14.23 49.58 19.79
CA GLN A 204 12.95 49.38 19.11
C GLN A 204 12.50 47.93 19.23
N ASN A 205 13.45 47.03 19.52
CA ASN A 205 13.19 45.60 19.64
C ASN A 205 12.55 45.03 18.38
N TYR A 206 12.89 45.61 17.23
CA TYR A 206 12.49 45.10 15.92
C TYR A 206 10.97 45.03 15.78
N ARG A 207 10.31 46.16 16.08
CA ARG A 207 8.86 46.22 15.98
C ARG A 207 8.40 46.01 14.54
N LYS A 208 9.00 46.74 13.61
CA LYS A 208 8.60 46.63 12.21
C LYS A 208 9.00 45.31 11.59
N LEU A 209 10.12 44.73 12.03
CA LEU A 209 10.45 43.37 11.61
C LEU A 209 9.37 42.40 12.03
N ARG A 210 8.89 42.53 13.27
CA ARG A 210 7.80 41.68 13.74
C ARG A 210 6.54 41.88 12.90
N GLU A 211 6.20 43.14 12.62
CA GLU A 211 4.99 43.42 11.86
C GLU A 211 5.07 42.84 10.45
N ASP A 212 6.21 43.02 9.76
CA ASP A 212 6.36 42.48 8.42
C ASP A 212 6.37 40.96 8.42
N TRP A 213 7.05 40.36 9.41
CA TRP A 213 7.08 38.90 9.48
C TRP A 213 5.69 38.35 9.73
N TRP A 214 4.89 39.01 10.56
CA TRP A 214 3.52 38.58 10.76
C TRP A 214 2.71 38.71 9.49
N ASN A 215 2.79 39.86 8.83
CA ASN A 215 2.03 40.08 7.59
C ASN A 215 2.48 39.15 6.48
N ALA A 216 3.66 38.55 6.59
CA ALA A 216 4.10 37.55 5.62
C ALA A 216 3.51 36.17 5.92
N ASN A 217 3.51 35.76 7.18
CA ASN A 217 3.01 34.46 7.60
C ASN A 217 1.67 34.56 8.31
N ARG A 218 0.88 35.59 8.00
CA ARG A 218 -0.45 35.73 8.59
C ARG A 218 -1.41 34.65 8.11
N GLN A 219 -1.31 34.26 6.85
CA GLN A 219 -2.23 33.28 6.27
C GLN A 219 -1.97 31.86 6.76
N LYS A 220 -0.70 31.45 6.87
CA LYS A 220 -0.39 30.08 7.27
C LYS A 220 -0.93 29.79 8.67
N VAL A 221 -0.64 30.65 9.63
CA VAL A 221 -1.07 30.42 11.00
C VAL A 221 -2.59 30.40 11.10
N TRP A 222 -3.30 31.12 10.22
CA TRP A 222 -4.75 31.07 10.26
C TRP A 222 -5.28 29.72 9.78
N GLU A 223 -4.73 29.20 8.69
CA GLU A 223 -5.15 27.89 8.19
C GLU A 223 -4.62 26.75 9.03
N VAL A 224 -3.73 27.03 9.99
CA VAL A 224 -3.36 26.05 10.99
C VAL A 224 -4.18 26.18 12.27
N ILE A 225 -4.66 27.38 12.59
CA ILE A 225 -5.52 27.52 13.77
C ILE A 225 -6.95 27.08 13.45
N THR A 226 -7.35 27.14 12.17
CA THR A 226 -8.69 26.71 11.79
C THR A 226 -8.77 25.24 11.41
N CYS A 227 -7.65 24.53 11.33
CA CYS A 227 -7.70 23.10 11.08
C CYS A 227 -8.20 22.38 12.33
N GLY A 228 -8.65 21.14 12.13
CA GLY A 228 -9.25 20.36 13.19
C GLY A 228 -10.65 20.77 13.56
N ALA A 229 -11.09 21.96 13.16
CA ALA A 229 -12.48 22.36 13.37
C ALA A 229 -13.40 21.48 12.54
N ARG A 230 -14.67 21.41 12.95
CA ARG A 230 -15.63 20.55 12.28
C ARG A 230 -15.79 20.98 10.82
N SER A 231 -15.86 19.98 9.93
CA SER A 231 -15.94 20.29 8.47
C SER A 231 -17.06 21.29 8.21
N ASN A 232 -18.06 21.33 9.11
CA ASN A 232 -19.14 22.35 8.97
C ASN A 232 -18.88 23.51 9.94
N ASP A 233 -18.39 24.63 9.42
CA ASP A 233 -18.19 25.85 10.27
C ASP A 233 -19.02 26.98 9.64
N LEU A 234 -18.85 28.22 10.08
CA LEU A 234 -19.73 29.30 9.56
C LEU A 234 -18.92 30.49 9.03
N LEU A 235 -17.73 30.75 9.57
CA LEU A 235 -16.93 31.92 9.14
C LEU A 235 -15.47 31.50 8.99
N ILE A 236 -15.16 30.24 9.31
CA ILE A 236 -13.77 29.70 9.21
C ILE A 236 -13.64 29.10 7.81
N LYS A 237 -12.42 29.00 7.26
CA LYS A 237 -12.18 28.43 5.91
C LYS A 237 -13.01 27.15 5.68
N ARG A 238 -13.21 26.31 6.71
CA ARG A 238 -14.05 25.09 6.60
C ARG A 238 -15.53 25.48 6.60
N GLY A 239 -15.95 26.38 5.71
CA GLY A 239 -17.33 26.79 5.63
C GLY A 239 -17.59 28.28 5.78
N TRP A 240 -16.77 29.09 5.10
CA TRP A 240 -16.94 30.57 5.15
C TRP A 240 -18.23 30.95 4.41
N ARG A 241 -19.30 31.23 5.15
CA ARG A 241 -20.54 31.75 4.53
C ARG A 241 -20.32 33.24 4.22
N THR A 242 -20.76 33.69 3.06
CA THR A 242 -20.60 35.09 2.66
C THR A 242 -21.50 36.01 3.48
N SER A 243 -22.74 35.58 3.73
CA SER A 243 -23.72 36.36 4.47
C SER A 243 -23.93 37.74 3.83
N GLY A 244 -24.28 37.71 2.54
CA GLY A 244 -24.54 38.94 1.82
C GLY A 244 -25.92 39.51 2.04
N LYS A 245 -26.76 38.85 2.82
CA LYS A 245 -28.10 39.33 3.09
C LYS A 245 -28.07 40.59 3.94
N GLU A 263 -8.51 31.98 -1.70
CA GLU A 263 -7.63 31.48 -0.65
C GLU A 263 -6.96 32.63 0.10
N LYS A 264 -7.70 33.22 1.05
CA LYS A 264 -7.21 34.34 1.82
C LYS A 264 -7.86 34.31 3.20
N VAL A 265 -7.24 35.01 4.14
CA VAL A 265 -7.77 35.08 5.51
C VAL A 265 -9.05 35.91 5.49
N PRO A 266 -10.19 35.33 5.92
CA PRO A 266 -11.47 36.03 5.77
C PRO A 266 -11.78 37.06 6.84
N THR A 267 -11.01 37.12 7.93
CA THR A 267 -11.41 37.95 9.05
C THR A 267 -10.75 39.33 9.05
N LYS A 268 -9.44 39.39 8.77
CA LYS A 268 -8.61 40.60 8.91
C LYS A 268 -9.03 41.40 10.15
N LEU A 269 -9.06 40.71 11.28
CA LEU A 269 -9.43 41.29 12.56
C LEU A 269 -8.24 41.71 13.41
N ASP A 270 -7.11 41.03 13.26
CA ASP A 270 -5.94 41.29 14.10
C ASP A 270 -5.39 42.70 13.93
N TYR A 271 -5.75 43.40 12.86
CA TYR A 271 -5.28 44.76 12.67
C TYR A 271 -5.96 45.74 13.62
N VAL A 272 -7.08 45.36 14.19
CA VAL A 272 -7.74 46.19 15.22
C VAL A 272 -6.86 46.25 16.45
N PRO A 273 -6.78 47.38 17.16
CA PRO A 273 -6.01 47.41 18.41
C PRO A 273 -6.54 46.39 19.40
N GLN A 274 -5.60 45.79 20.16
CA GLN A 274 -5.95 44.65 21.00
C GLN A 274 -6.90 45.04 22.12
N PHE A 275 -6.89 46.31 22.53
CA PHE A 275 -7.85 46.75 23.55
C PHE A 275 -9.27 46.62 23.04
N LEU A 276 -9.51 47.03 21.79
CA LEU A 276 -10.84 46.89 21.21
C LEU A 276 -11.23 45.43 21.03
N ARG A 277 -10.26 44.60 20.65
CA ARG A 277 -10.52 43.14 20.47
C ARG A 277 -10.85 42.50 21.82
N TRP A 278 -10.22 42.95 22.90
CA TRP A 278 -10.55 42.46 24.24
C TRP A 278 -11.92 42.94 24.69
N LEU A 279 -12.26 44.20 24.39
CA LEU A 279 -13.57 44.70 24.76
C LEU A 279 -14.68 43.94 24.02
N THR A 280 -14.47 43.66 22.73
CA THR A 280 -15.46 42.91 21.97
C THR A 280 -15.58 41.48 22.48
N GLU A 281 -14.45 40.83 22.77
CA GLU A 281 -14.49 39.48 23.32
C GLU A 281 -15.23 39.46 24.65
N TRP A 282 -14.96 40.43 25.51
CA TRP A 282 -15.63 40.52 26.80
C TRP A 282 -17.13 40.72 26.64
N ILE A 283 -17.55 41.63 25.75
CA ILE A 283 -18.98 41.89 25.62
C ILE A 283 -19.68 40.68 25.03
N GLU A 284 -19.05 40.01 24.07
CA GLU A 284 -19.62 38.79 23.52
C GLU A 284 -19.76 37.73 24.59
N ASP A 285 -18.73 37.53 25.41
CA ASP A 285 -18.78 36.52 26.46
C ASP A 285 -19.88 36.84 27.47
N PHE A 286 -19.91 38.07 27.98
CA PHE A 286 -20.86 38.39 29.03
C PHE A 286 -22.29 38.40 28.52
N TYR A 287 -22.52 38.79 27.26
CA TYR A 287 -23.88 38.78 26.77
C TYR A 287 -24.34 37.40 26.31
N ARG A 288 -23.45 36.53 25.83
CA ARG A 288 -23.85 35.15 25.62
C ARG A 288 -24.12 34.45 26.94
N GLU A 289 -23.37 34.80 27.99
CA GLU A 289 -23.67 34.26 29.32
C GLU A 289 -24.99 34.80 29.85
N LYS A 290 -25.32 36.07 29.56
CA LYS A 290 -26.62 36.60 29.94
C LYS A 290 -27.75 35.90 29.19
N GLN A 291 -27.54 35.59 27.91
CA GLN A 291 -28.52 34.83 27.16
C GLN A 291 -28.70 33.43 27.75
N ASN A 292 -27.59 32.77 28.10
CA ASN A 292 -27.68 31.47 28.76
C ASN A 292 -28.42 31.58 30.09
N LEU A 293 -28.19 32.68 30.82
CA LEU A 293 -28.86 32.90 32.09
C LEU A 293 -30.37 33.05 31.88
N ILE A 294 -30.78 33.81 30.88
CA ILE A 294 -32.21 34.03 30.65
C ILE A 294 -32.85 32.77 30.10
N ASP A 295 -32.07 31.89 29.46
CA ASP A 295 -32.61 30.61 29.02
C ASP A 295 -32.79 29.65 30.19
N ASP A 296 -31.74 29.44 30.97
CA ASP A 296 -31.83 28.54 32.12
C ASP A 296 -32.82 29.09 33.15
N MET A 297 -32.73 30.38 33.45
CA MET A 297 -33.69 31.04 34.35
C MET A 297 -34.73 31.74 33.49
N GLU A 298 -35.76 30.98 33.12
CA GLU A 298 -36.81 31.50 32.26
C GLU A 298 -37.59 32.61 32.96
N ARG A 299 -38.01 33.61 32.19
CA ARG A 299 -38.81 34.70 32.75
C ARG A 299 -40.15 34.20 33.25
N HIS A 300 -40.78 33.30 32.49
CA HIS A 300 -42.09 32.77 32.86
C HIS A 300 -41.95 31.54 33.75
N THR A 315 -39.20 28.96 41.64
CA THR A 315 -40.21 29.65 42.48
C THR A 315 -39.56 30.84 43.19
N SER A 316 -38.37 30.62 43.76
CA SER A 316 -37.63 31.71 44.44
C SER A 316 -36.39 32.08 43.64
N TYR A 317 -35.60 33.06 44.12
CA TYR A 317 -34.36 33.49 43.43
C TYR A 317 -34.64 33.74 41.95
N CYS A 318 -35.71 34.49 41.65
CA CYS A 318 -36.10 34.72 40.23
C CYS A 318 -35.23 35.83 39.63
N SER A 319 -34.41 36.49 40.45
CA SER A 319 -33.56 37.57 39.94
C SER A 319 -32.20 37.62 40.65
N THR A 320 -31.83 36.57 41.37
CA THR A 320 -30.53 36.56 42.07
C THR A 320 -29.38 36.64 41.06
N CYS A 321 -29.40 35.75 40.07
CA CYS A 321 -28.37 35.79 39.02
C CYS A 321 -28.47 37.04 38.17
N LYS A 322 -29.67 37.58 37.98
CA LYS A 322 -29.81 38.84 37.24
C LYS A 322 -29.10 39.98 37.96
N ASP A 323 -29.31 40.10 39.28
CA ASP A 323 -28.60 41.13 40.04
C ASP A 323 -27.11 40.85 40.12
N LYS A 324 -26.71 39.58 40.13
CA LYS A 324 -25.29 39.23 40.09
C LYS A 324 -24.64 39.71 38.80
N CYS A 325 -25.29 39.44 37.66
CA CYS A 325 -24.77 39.89 36.37
C CYS A 325 -24.76 41.42 36.29
N LYS A 326 -25.80 42.07 36.82
CA LYS A 326 -25.83 43.53 36.81
C LYS A 326 -24.72 44.10 37.69
N LYS A 327 -24.45 43.45 38.82
CA LYS A 327 -23.37 43.91 39.70
C LYS A 327 -22.03 43.84 38.99
N TYR A 328 -21.76 42.73 38.29
CA TYR A 328 -20.52 42.69 37.52
C TYR A 328 -20.54 43.66 36.34
N CYS A 329 -21.70 43.92 35.74
CA CYS A 329 -21.77 44.89 34.65
C CYS A 329 -21.44 46.30 35.15
N GLU A 330 -21.80 46.61 36.39
CA GLU A 330 -21.39 47.87 36.99
C GLU A 330 -19.93 47.85 37.44
N CYS A 331 -19.44 46.69 37.87
CA CYS A 331 -18.05 46.57 38.34
C CYS A 331 -17.04 46.59 37.20
N VAL A 332 -17.48 46.33 35.96
CA VAL A 332 -16.59 46.33 34.81
C VAL A 332 -16.58 47.71 34.18
N LYS A 333 -16.98 48.73 34.96
CA LYS A 333 -16.93 50.11 34.48
C LYS A 333 -15.52 50.53 34.10
N LYS A 334 -14.51 49.81 34.61
CA LYS A 334 -13.13 50.12 34.30
C LYS A 334 -12.82 50.05 32.80
N TRP A 335 -13.62 49.32 32.03
CA TRP A 335 -13.43 49.31 30.58
C TRP A 335 -13.63 50.69 29.98
N LYS A 336 -14.40 51.55 30.66
CA LYS A 336 -14.71 52.90 30.11
C LYS A 336 -13.86 54.00 30.77
N SER A 337 -14.07 54.29 32.05
CA SER A 337 -13.37 55.44 32.67
C SER A 337 -12.15 55.02 33.49
N GLU A 338 -11.55 53.86 33.21
CA GLU A 338 -10.31 53.51 33.94
C GLU A 338 -9.31 52.88 32.98
N TRP A 339 -9.54 51.62 32.59
CA TRP A 339 -8.57 50.94 31.74
C TRP A 339 -8.40 51.64 30.40
N GLU A 340 -9.48 52.17 29.83
CA GLU A 340 -9.39 52.83 28.54
C GLU A 340 -8.49 54.06 28.61
N ASN A 341 -8.63 54.85 29.67
CA ASN A 341 -7.81 56.05 29.83
C ASN A 341 -6.35 55.71 30.10
N GLN A 342 -6.07 54.51 30.60
CA GLN A 342 -4.69 54.11 30.87
C GLN A 342 -3.87 53.98 29.60
N LYS A 343 -4.51 53.73 28.46
CA LYS A 343 -3.80 53.61 27.18
C LYS A 343 -3.52 54.99 26.60
N ASN A 554 -36.50 24.04 -16.00
CA ASN A 554 -35.10 23.76 -16.30
C ASN A 554 -34.65 22.41 -15.75
N ASN A 555 -34.57 21.42 -16.64
CA ASN A 555 -34.05 20.12 -16.24
C ASN A 555 -32.56 20.19 -15.92
N LYS A 556 -32.23 20.10 -14.63
CA LYS A 556 -30.86 20.32 -14.19
C LYS A 556 -29.96 19.19 -14.64
N ASN A 557 -28.66 19.49 -14.70
CA ASN A 557 -27.63 18.52 -15.06
C ASN A 557 -26.70 18.32 -13.87
N TRP A 558 -25.82 17.33 -14.00
CA TRP A 558 -24.87 17.01 -12.94
C TRP A 558 -23.82 18.11 -12.86
N ILE A 559 -23.81 18.85 -11.74
CA ILE A 559 -22.91 20.05 -11.62
C ILE A 559 -21.44 19.64 -11.57
N TRP A 560 -21.06 18.77 -10.62
CA TRP A 560 -19.69 18.30 -10.43
C TRP A 560 -18.72 19.40 -10.03
N LYS A 561 -19.21 20.63 -9.93
CA LYS A 561 -18.31 21.79 -9.71
C LYS A 561 -18.54 22.43 -8.34
N LYS A 562 -17.57 23.21 -7.85
CA LYS A 562 -17.65 23.89 -6.53
C LYS A 562 -18.81 24.88 -6.50
N SER A 563 -19.23 25.24 -5.30
CA SER A 563 -20.33 26.18 -5.12
C SER A 563 -19.81 27.59 -5.34
N SER A 564 -20.12 28.16 -6.50
CA SER A 564 -19.67 29.50 -6.86
C SER A 564 -20.78 30.49 -6.53
N GLY A 565 -20.90 30.81 -5.24
CA GLY A 565 -21.86 31.80 -4.79
C GLY A 565 -23.30 31.35 -4.91
N LYS A 566 -24.06 32.01 -5.78
CA LYS A 566 -25.49 31.72 -5.92
C LYS A 566 -25.75 30.38 -6.58
N GLU A 567 -24.92 29.97 -7.51
CA GLU A 567 -25.14 28.72 -8.23
C GLU A 567 -24.86 27.52 -7.32
N GLY A 568 -25.53 26.42 -7.63
CA GLY A 568 -25.36 25.20 -6.87
C GLY A 568 -24.12 24.44 -7.28
N GLY A 569 -23.89 23.33 -6.61
CA GLY A 569 -22.73 22.50 -6.87
C GLY A 569 -22.18 21.93 -5.59
N LEU A 570 -20.90 21.58 -5.63
CA LEU A 570 -20.25 20.92 -4.52
C LEU A 570 -19.71 21.93 -3.52
N GLN A 571 -19.55 21.49 -2.28
CA GLN A 571 -18.80 22.26 -1.30
C GLN A 571 -17.31 21.92 -1.44
N LYS A 572 -16.47 22.83 -0.95
CA LYS A 572 -15.03 22.64 -1.10
C LYS A 572 -14.58 21.38 -0.36
N GLU A 573 -13.44 20.84 -0.83
CA GLU A 573 -12.89 19.55 -0.41
C GLU A 573 -13.73 18.41 -1.00
N TYR A 574 -14.87 18.76 -1.59
CA TYR A 574 -15.66 17.82 -2.36
C TYR A 574 -15.87 18.28 -3.80
N ALA A 575 -15.35 19.44 -4.17
CA ALA A 575 -15.47 19.93 -5.54
C ALA A 575 -14.78 18.96 -6.50
N ASN A 576 -15.45 18.67 -7.60
CA ASN A 576 -14.95 17.75 -8.62
C ASN A 576 -14.56 16.40 -8.00
N THR A 577 -15.43 15.91 -7.12
CA THR A 577 -15.32 14.58 -6.54
C THR A 577 -16.53 13.71 -6.82
N ILE A 578 -17.73 14.30 -6.83
CA ILE A 578 -18.96 13.60 -7.20
C ILE A 578 -19.98 14.64 -7.65
N GLY A 579 -20.79 14.26 -8.63
CA GLY A 579 -21.77 15.17 -9.17
C GLY A 579 -23.07 15.17 -8.39
N LEU A 580 -23.76 16.30 -8.46
CA LEU A 580 -25.07 16.44 -7.82
C LEU A 580 -26.15 15.92 -8.76
N PRO A 581 -26.92 14.92 -8.37
CA PRO A 581 -28.09 14.52 -9.16
C PRO A 581 -29.06 15.68 -9.30
N PRO A 582 -29.74 15.79 -10.43
CA PRO A 582 -30.71 16.88 -10.59
C PRO A 582 -31.79 16.87 -9.51
N ARG A 583 -32.18 15.67 -9.07
CA ARG A 583 -33.14 15.57 -7.97
C ARG A 583 -32.57 16.15 -6.68
N THR A 584 -31.27 15.91 -6.44
CA THR A 584 -30.65 16.46 -5.24
C THR A 584 -30.71 17.98 -5.24
N GLN A 585 -30.45 18.61 -6.38
CA GLN A 585 -30.48 20.06 -6.46
C GLN A 585 -31.91 20.59 -6.46
N SER A 586 -32.87 19.82 -6.94
CA SER A 586 -34.26 20.25 -7.01
C SER A 586 -35.06 19.87 -5.78
N LEU A 587 -34.41 19.37 -4.74
CA LEU A 587 -35.11 19.00 -3.51
C LEU A 587 -35.86 20.18 -2.92
N CYS A 588 -37.12 19.96 -2.57
CA CYS A 588 -37.85 20.96 -1.83
C CYS A 588 -37.30 21.05 -0.41
N LEU A 589 -37.14 22.27 0.07
CA LEU A 589 -36.51 22.51 1.36
C LEU A 589 -37.41 23.40 2.21
N VAL A 590 -37.00 23.65 3.45
CA VAL A 590 -37.80 24.47 4.36
C VAL A 590 -37.89 25.90 3.85
N VAL A 591 -36.77 26.47 3.38
CA VAL A 591 -36.79 27.83 2.85
C VAL A 591 -37.46 27.91 1.48
N CYS A 592 -37.32 26.89 0.64
CA CYS A 592 -37.92 26.86 -0.69
C CYS A 592 -39.38 26.43 -0.66
N LEU A 593 -39.99 26.45 0.53
CA LEU A 593 -41.36 25.96 0.71
C LEU A 593 -42.37 27.11 0.69
N ASP A 594 -42.58 27.69 -0.49
CA ASP A 594 -43.53 28.79 -0.65
C ASP A 594 -44.94 28.23 -0.56
N GLU A 595 -45.57 28.40 0.59
CA GLU A 595 -46.93 27.83 0.80
C GLU A 595 -47.99 28.78 0.24
N LYS A 596 -48.12 29.97 0.84
CA LYS A 596 -49.15 30.94 0.39
C LYS A 596 -48.48 32.23 -0.06
N GLY A 597 -49.22 33.12 -0.74
CA GLY A 597 -48.67 34.42 -1.12
C GLY A 597 -48.11 35.13 0.09
N LYS A 598 -48.85 35.14 1.20
CA LYS A 598 -48.31 35.70 2.46
C LYS A 598 -47.26 34.72 2.97
N LYS A 599 -46.00 35.13 3.02
CA LYS A 599 -44.90 34.19 3.40
C LYS A 599 -44.84 34.06 4.93
N THR A 600 -45.60 34.87 5.68
CA THR A 600 -45.56 34.87 7.17
C THR A 600 -45.52 33.45 7.75
N GLN A 601 -46.34 32.53 7.24
CA GLN A 601 -46.42 31.16 7.80
C GLN A 601 -45.05 30.48 7.71
N GLU A 602 -44.42 30.51 6.53
CA GLU A 602 -43.10 29.86 6.32
C GLU A 602 -41.98 30.77 6.85
N LEU A 603 -42.33 31.99 7.26
CA LEU A 603 -41.31 32.95 7.76
C LEU A 603 -41.35 32.97 9.29
N LYS A 604 -41.30 34.17 9.90
CA LYS A 604 -41.25 34.30 11.36
C LYS A 604 -40.20 33.33 11.88
N ASN A 605 -40.49 32.53 12.90
CA ASN A 605 -39.58 31.51 13.39
C ASN A 605 -40.41 30.40 14.01
N ILE A 606 -39.73 29.36 14.48
CA ILE A 606 -40.40 28.19 15.03
C ILE A 606 -40.09 28.09 16.52
N ARG A 607 -41.00 27.45 17.26
CA ARG A 607 -40.97 27.50 18.71
C ARG A 607 -40.53 26.18 19.32
N THR A 608 -41.04 25.06 18.82
CA THR A 608 -40.84 23.76 19.44
C THR A 608 -40.45 22.73 18.40
N ASN A 609 -40.18 21.51 18.86
CA ASN A 609 -39.81 20.40 17.98
C ASN A 609 -40.95 20.07 17.02
N SER A 610 -42.19 20.28 17.47
CA SER A 610 -43.35 19.93 16.63
C SER A 610 -43.38 20.77 15.35
N GLU A 611 -43.09 22.06 15.46
CA GLU A 611 -43.10 22.93 14.29
C GLU A 611 -42.00 22.54 13.30
N LEU A 612 -40.80 22.24 13.81
CA LEU A 612 -39.70 21.82 12.94
C LEU A 612 -40.04 20.53 12.23
N LEU A 613 -40.59 19.56 12.96
CA LEU A 613 -40.98 18.31 12.35
C LEU A 613 -42.09 18.51 11.33
N LYS A 614 -43.01 19.44 11.61
CA LYS A 614 -44.08 19.72 10.65
C LYS A 614 -43.52 20.29 9.36
N GLU A 615 -42.58 21.22 9.46
CA GLU A 615 -41.96 21.76 8.25
C GLU A 615 -41.26 20.67 7.47
N TRP A 616 -40.53 19.80 8.15
CA TRP A 616 -39.80 18.76 7.43
C TRP A 616 -40.76 17.74 6.80
N ILE A 617 -41.86 17.41 7.50
CA ILE A 617 -42.85 16.49 6.94
C ILE A 617 -43.50 17.09 5.69
N ILE A 618 -43.91 18.35 5.76
CA ILE A 618 -44.57 18.95 4.61
C ILE A 618 -43.60 19.12 3.45
N ALA A 619 -42.34 19.46 3.73
CA ALA A 619 -41.34 19.55 2.67
C ALA A 619 -41.09 18.19 2.04
N ALA A 620 -41.03 17.14 2.85
CA ALA A 620 -40.84 15.80 2.31
C ALA A 620 -42.03 15.38 1.46
N PHE A 621 -43.25 15.74 1.89
CA PHE A 621 -44.43 15.40 1.10
C PHE A 621 -44.41 16.12 -0.24
N HIS A 622 -44.04 17.40 -0.24
CA HIS A 622 -43.97 18.13 -1.50
C HIS A 622 -42.85 17.59 -2.39
N GLU A 623 -41.76 17.14 -1.80
CA GLU A 623 -40.71 16.48 -2.57
C GLU A 623 -41.22 15.20 -3.22
N GLY A 624 -41.96 14.39 -2.45
CA GLY A 624 -42.53 13.18 -3.01
C GLY A 624 -43.50 13.46 -4.14
N LYS A 625 -44.31 14.51 -3.98
CA LYS A 625 -45.20 14.93 -5.06
C LYS A 625 -44.40 15.32 -6.30
N ASN A 626 -43.32 16.08 -6.11
CA ASN A 626 -42.48 16.48 -7.24
C ASN A 626 -41.70 15.32 -7.83
N LEU A 627 -41.61 14.19 -7.13
CA LEU A 627 -40.80 13.07 -7.57
C LEU A 627 -41.61 11.96 -8.23
N LYS A 628 -42.89 12.20 -8.52
CA LYS A 628 -43.69 11.18 -9.21
C LYS A 628 -44.09 11.68 -10.60
N PRO A 629 -43.91 10.92 -11.72
CA PRO A 629 -44.22 11.47 -13.05
C PRO A 629 -45.73 11.72 -13.22
N SER A 630 -46.09 12.64 -14.13
CA SER A 630 -47.52 13.01 -14.34
C SER A 630 -48.36 11.76 -14.60
N HIS A 631 -48.08 11.04 -15.70
CA HIS A 631 -48.87 9.84 -16.09
C HIS A 631 -48.07 8.58 -15.74
N GLU A 632 -46.88 8.74 -15.16
CA GLU A 632 -46.02 7.59 -14.75
C GLU A 632 -45.73 6.66 -15.94
N LYS A 633 -45.85 7.17 -17.17
CA LYS A 633 -45.65 6.35 -18.39
C LYS A 633 -46.44 5.04 -18.25
N LYS A 634 -47.74 5.13 -17.91
CA LYS A 634 -48.64 3.94 -17.80
C LYS A 634 -48.26 3.02 -16.63
N ASN A 635 -47.46 3.50 -15.67
CA ASN A 635 -47.12 2.72 -14.44
C ASN A 635 -46.53 1.34 -14.73
N ASP A 636 -45.96 1.10 -15.91
CA ASP A 636 -45.29 -0.21 -16.15
C ASP A 636 -43.83 -0.04 -15.73
N ASP A 637 -43.10 0.86 -16.40
CA ASP A 637 -41.70 1.14 -15.99
C ASP A 637 -41.72 1.65 -14.54
N ASN A 638 -42.66 2.57 -14.24
CA ASN A 638 -42.74 3.16 -12.88
C ASN A 638 -42.96 2.05 -11.86
N GLY A 639 -42.14 1.99 -10.81
CA GLY A 639 -42.24 0.93 -9.83
C GLY A 639 -41.16 1.06 -8.77
N LYS A 640 -40.10 0.27 -8.91
CA LYS A 640 -38.97 0.36 -7.98
C LYS A 640 -38.15 1.63 -8.18
N LYS A 641 -38.20 2.23 -9.38
CA LYS A 641 -37.43 3.44 -9.62
C LYS A 641 -37.93 4.61 -8.78
N LEU A 642 -39.26 4.77 -8.68
CA LEU A 642 -39.81 5.83 -7.84
C LEU A 642 -39.44 5.62 -6.39
N CYS A 643 -39.50 4.36 -5.92
CA CYS A 643 -39.12 4.08 -4.54
C CYS A 643 -37.63 4.35 -4.30
N LYS A 644 -36.78 4.03 -5.28
CA LYS A 644 -35.35 4.32 -5.15
C LYS A 644 -35.09 5.82 -5.08
N ALA A 645 -35.77 6.59 -5.94
CA ALA A 645 -35.62 8.05 -5.90
C ALA A 645 -36.12 8.61 -4.58
N LEU A 646 -37.23 8.08 -4.07
CA LEU A 646 -37.73 8.52 -2.77
C LEU A 646 -36.75 8.18 -1.66
N GLU A 647 -36.11 7.01 -1.75
CA GLU A 647 -35.11 6.62 -0.76
C GLU A 647 -33.93 7.58 -0.78
N TYR A 648 -33.45 7.94 -1.98
CA TYR A 648 -32.33 8.88 -2.06
C TYR A 648 -32.73 10.26 -1.54
N SER A 649 -33.95 10.72 -1.84
CA SER A 649 -34.41 12.00 -1.30
C SER A 649 -34.50 11.96 0.22
N PHE A 650 -34.99 10.86 0.77
CA PHE A 650 -35.06 10.70 2.22
C PHE A 650 -33.67 10.76 2.83
N ALA A 651 -32.71 10.08 2.19
CA ALA A 651 -31.34 10.10 2.69
C ALA A 651 -30.73 11.50 2.63
N ASP A 652 -30.97 12.23 1.53
CA ASP A 652 -30.44 13.58 1.42
C ASP A 652 -31.05 14.50 2.47
N TYR A 653 -32.37 14.41 2.66
CA TYR A 653 -33.02 15.12 3.76
C TYR A 653 -32.36 14.79 5.08
N GLY A 654 -32.08 13.50 5.31
CA GLY A 654 -31.52 13.08 6.58
C GLY A 654 -30.13 13.63 6.81
N ASP A 655 -29.29 13.63 5.78
CA ASP A 655 -27.88 14.06 5.95
C ASP A 655 -27.79 15.58 5.93
N LEU A 656 -28.79 16.28 5.40
CA LEU A 656 -28.75 17.74 5.49
C LEU A 656 -29.43 18.26 6.76
N ILE A 657 -30.36 17.51 7.34
CA ILE A 657 -30.81 17.80 8.70
C ILE A 657 -29.72 17.48 9.70
N LYS A 658 -29.09 16.31 9.53
CA LYS A 658 -27.99 15.91 10.39
C LYS A 658 -26.80 16.86 10.27
N GLY A 659 -26.59 17.40 9.08
CA GLY A 659 -25.51 18.37 8.87
C GLY A 659 -24.21 17.79 8.38
N THR A 660 -24.25 16.62 7.74
CA THR A 660 -23.03 16.02 7.21
C THR A 660 -23.15 15.85 5.70
N SER A 661 -23.69 16.86 5.02
CA SER A 661 -23.85 16.82 3.57
C SER A 661 -22.60 17.35 2.89
N ILE A 662 -22.37 16.86 1.67
CA ILE A 662 -21.21 17.25 0.88
C ILE A 662 -21.57 18.12 -0.31
N TRP A 663 -22.85 18.33 -0.56
CA TRP A 663 -23.29 19.23 -1.62
C TRP A 663 -23.65 20.60 -1.05
N ASP A 664 -23.59 21.60 -1.91
CA ASP A 664 -23.90 22.97 -1.52
C ASP A 664 -24.90 23.55 -2.51
N ASN A 665 -25.48 24.68 -2.15
CA ASN A 665 -26.57 25.28 -2.92
C ASN A 665 -26.70 26.72 -2.47
N GLU A 666 -27.58 27.46 -3.14
CA GLU A 666 -27.86 28.83 -2.73
C GLU A 666 -28.49 28.88 -1.35
N TYR A 667 -29.31 27.90 -1.01
CA TYR A 667 -30.06 27.89 0.25
C TYR A 667 -29.52 26.91 1.27
N THR A 668 -28.61 26.01 0.89
CA THR A 668 -28.13 25.00 1.81
C THR A 668 -27.34 25.60 2.97
N LYS A 669 -26.46 26.56 2.68
CA LYS A 669 -25.66 27.17 3.74
C LYS A 669 -26.53 27.94 4.72
N ASP A 670 -27.55 28.63 4.25
CA ASP A 670 -28.43 29.39 5.13
C ASP A 670 -29.22 28.45 6.04
N LEU A 671 -29.86 27.44 5.46
CA LEU A 671 -30.71 26.56 6.25
C LEU A 671 -29.91 25.70 7.22
N GLU A 672 -28.63 25.42 6.93
CA GLU A 672 -27.84 24.63 7.85
C GLU A 672 -27.55 25.42 9.12
N LEU A 673 -27.18 26.70 8.97
CA LEU A 673 -27.01 27.56 10.13
C LEU A 673 -28.33 27.77 10.86
N ASN A 674 -29.43 27.92 10.12
CA ASN A 674 -30.73 28.04 10.76
C ASN A 674 -31.06 26.80 11.58
N LEU A 675 -30.76 25.61 11.04
CA LEU A 675 -31.00 24.38 11.77
C LEU A 675 -30.11 24.26 12.99
N GLN A 676 -28.85 24.70 12.89
CA GLN A 676 -27.99 24.71 14.06
C GLN A 676 -28.57 25.60 15.15
N LYS A 677 -29.04 26.78 14.77
CA LYS A 677 -29.65 27.70 15.74
C LYS A 677 -30.90 27.07 16.36
N ILE A 678 -31.74 26.44 15.55
CA ILE A 678 -32.99 25.87 16.05
C ILE A 678 -32.71 24.71 17.00
N PHE A 679 -31.82 23.80 16.59
CA PHE A 679 -31.45 22.69 17.45
C PHE A 679 -30.77 23.15 18.73
N GLY A 680 -30.04 24.27 18.69
CA GLY A 680 -29.49 24.83 19.90
C GLY A 680 -30.54 25.39 20.83
N LYS A 681 -31.51 26.13 20.28
CA LYS A 681 -32.50 26.76 21.13
C LYS A 681 -33.55 25.77 21.65
N LEU A 682 -33.80 24.68 20.93
CA LEU A 682 -34.73 23.66 21.38
C LEU A 682 -34.11 22.75 22.43
N PHE A 683 -32.98 22.14 22.09
CA PHE A 683 -32.30 21.22 23.00
C PHE A 683 -31.20 21.92 23.80
N ARG A 684 -31.60 22.95 24.54
CA ARG A 684 -30.65 23.70 25.35
C ARG A 684 -30.06 22.84 26.46
N LYS A 685 -30.91 22.04 27.12
CA LYS A 685 -30.50 21.29 28.30
C LYS A 685 -29.97 19.91 27.94
N TYR A 686 -29.01 19.85 27.02
CA TYR A 686 -28.34 18.60 26.69
C TYR A 686 -26.88 18.86 26.34
N ASP A 703 -24.34 18.73 18.15
CA ASP A 703 -23.92 17.87 17.05
C ASP A 703 -24.61 16.52 17.10
N GLU A 704 -24.40 15.79 18.20
CA GLU A 704 -25.05 14.50 18.39
C GLU A 704 -26.55 14.62 18.58
N LEU A 705 -27.02 15.75 19.10
CA LEU A 705 -28.45 15.97 19.24
C LEU A 705 -29.14 15.96 17.89
N ARG A 706 -28.49 16.53 16.87
CA ARG A 706 -29.09 16.61 15.51
C ARG A 706 -29.20 15.21 14.90
N GLU A 707 -28.15 14.39 15.03
CA GLU A 707 -28.19 13.03 14.52
C GLU A 707 -29.20 12.17 15.26
N SER A 708 -29.26 12.30 16.60
CA SER A 708 -30.25 11.56 17.37
C SER A 708 -31.67 12.00 17.05
N TRP A 709 -31.88 13.30 16.83
CA TRP A 709 -33.19 13.80 16.45
C TRP A 709 -33.62 13.21 15.12
N TRP A 710 -32.71 13.15 14.14
CA TRP A 710 -33.07 12.52 12.88
C TRP A 710 -33.37 11.04 13.08
N ASN A 711 -32.50 10.32 13.78
CA ASN A 711 -32.70 8.89 13.99
C ASN A 711 -34.00 8.60 14.70
N THR A 712 -34.49 9.53 15.52
CA THR A 712 -35.76 9.38 16.18
C THR A 712 -36.94 9.78 15.29
N ASN A 713 -36.78 10.86 14.52
CA ASN A 713 -37.88 11.46 13.77
C ASN A 713 -37.72 11.30 12.27
N LYS A 714 -36.99 10.28 11.82
CA LYS A 714 -36.91 10.00 10.39
C LYS A 714 -38.06 9.14 9.90
N LYS A 715 -38.84 8.55 10.82
CA LYS A 715 -39.98 7.74 10.41
C LYS A 715 -41.11 8.61 9.84
N TYR A 716 -41.41 9.72 10.50
CA TYR A 716 -42.56 10.54 10.11
C TYR A 716 -42.34 11.17 8.74
N ILE A 717 -41.17 11.76 8.53
CA ILE A 717 -40.89 12.41 7.25
C ILE A 717 -40.81 11.38 6.14
N TRP A 718 -40.33 10.17 6.43
CA TRP A 718 -40.27 9.13 5.41
C TRP A 718 -41.67 8.69 4.98
N LEU A 719 -42.58 8.49 5.94
CA LEU A 719 -43.93 8.08 5.58
C LEU A 719 -44.68 9.22 4.90
N ALA A 720 -44.34 10.48 5.21
CA ALA A 720 -44.85 11.58 4.41
C ALA A 720 -44.30 11.58 3.00
N MET A 721 -43.04 11.14 2.82
CA MET A 721 -42.43 11.08 1.51
C MET A 721 -43.06 9.98 0.66
N LYS A 722 -43.36 8.83 1.27
CA LYS A 722 -43.94 7.72 0.52
C LYS A 722 -45.40 7.94 0.19
N HIS A 723 -46.03 8.99 0.73
CA HIS A 723 -47.38 9.38 0.35
C HIS A 723 -47.40 10.41 -0.76
N GLY A 724 -46.38 10.41 -1.62
CA GLY A 724 -46.33 11.31 -2.75
C GLY A 724 -45.53 10.72 -3.90
N PRO A 749 -38.70 2.56 8.07
CA PRO A 749 -38.25 3.34 6.91
C PRO A 749 -37.23 2.58 6.07
N THR A 750 -36.38 3.33 5.36
CA THR A 750 -35.33 2.75 4.55
C THR A 750 -33.97 2.95 5.22
N ILE A 751 -33.09 1.97 5.05
CA ILE A 751 -31.77 2.01 5.67
C ILE A 751 -30.90 2.96 4.86
N ASP A 752 -30.61 4.13 5.43
CA ASP A 752 -29.83 5.17 4.78
C ASP A 752 -28.78 5.72 5.74
N LEU A 753 -28.08 4.82 6.44
CA LEU A 753 -26.95 5.23 7.32
C LEU A 753 -25.68 5.09 6.47
N ILE A 754 -25.66 5.70 5.29
CA ILE A 754 -24.59 5.59 4.31
C ILE A 754 -24.00 6.97 4.06
N PRO A 755 -22.68 7.08 3.90
CA PRO A 755 -22.08 8.39 3.61
C PRO A 755 -22.68 8.99 2.35
N GLN A 756 -22.91 10.31 2.37
CA GLN A 756 -23.53 10.98 1.23
C GLN A 756 -22.68 10.85 -0.02
N TYR A 757 -21.35 10.73 0.14
CA TYR A 757 -20.50 10.50 -1.00
C TYR A 757 -20.86 9.20 -1.71
N LEU A 758 -21.11 8.14 -0.93
CA LEU A 758 -21.44 6.84 -1.52
C LEU A 758 -22.80 6.85 -2.20
N ARG A 759 -23.79 7.50 -1.58
CA ARG A 759 -25.10 7.61 -2.22
C ARG A 759 -25.01 8.41 -3.50
N PHE A 760 -24.26 9.52 -3.50
CA PHE A 760 -24.08 10.29 -4.71
C PHE A 760 -23.39 9.48 -5.81
N LEU A 761 -22.37 8.71 -5.42
CA LEU A 761 -21.70 7.82 -6.37
C LEU A 761 -22.69 6.82 -6.96
N GLN A 762 -23.52 6.22 -6.11
CA GLN A 762 -24.48 5.23 -6.58
C GLN A 762 -25.49 5.84 -7.55
N GLU A 763 -26.00 7.04 -7.24
CA GLU A 763 -26.96 7.68 -8.14
C GLU A 763 -26.31 8.04 -9.47
N TRP A 764 -25.10 8.60 -9.43
CA TRP A 764 -24.43 8.98 -10.67
C TRP A 764 -24.15 7.75 -11.52
N VAL A 765 -23.73 6.65 -10.90
CA VAL A 765 -23.46 5.43 -11.64
C VAL A 765 -24.75 4.78 -12.15
N GLU A 766 -25.85 4.90 -11.40
CA GLU A 766 -27.13 4.40 -11.88
C GLU A 766 -27.56 5.14 -13.14
N HIS A 767 -27.40 6.46 -13.16
CA HIS A 767 -27.69 7.23 -14.36
C HIS A 767 -26.76 6.84 -15.50
N PHE A 768 -25.47 6.66 -15.19
CA PHE A 768 -24.52 6.28 -16.23
C PHE A 768 -24.90 4.95 -16.87
N CYS A 769 -25.37 4.02 -16.03
CA CYS A 769 -25.78 2.69 -16.55
C CYS A 769 -27.14 2.79 -17.26
N LYS A 770 -28.01 3.72 -16.85
CA LYS A 770 -29.24 3.90 -17.63
C LYS A 770 -28.89 4.30 -19.06
N GLN A 771 -28.01 5.29 -19.21
CA GLN A 771 -27.58 5.71 -20.54
C GLN A 771 -26.86 4.58 -21.26
N ARG A 772 -25.97 3.88 -20.54
CA ARG A 772 -25.20 2.77 -21.13
C ARG A 772 -26.18 1.73 -21.69
N GLN A 773 -27.12 1.26 -20.86
CA GLN A 773 -28.04 0.19 -21.33
C GLN A 773 -28.84 0.71 -22.53
N GLU A 774 -29.31 1.96 -22.48
CA GLU A 774 -30.04 2.51 -23.62
C GLU A 774 -29.21 2.51 -24.89
N LYS A 775 -27.89 2.70 -24.78
CA LYS A 775 -27.04 2.73 -25.96
C LYS A 775 -26.27 1.45 -26.23
N VAL A 776 -26.47 0.42 -25.39
CA VAL A 776 -25.80 -0.91 -25.61
C VAL A 776 -26.86 -1.85 -26.20
N LYS A 777 -28.14 -1.64 -25.85
CA LYS A 777 -29.19 -2.51 -26.36
C LYS A 777 -29.20 -2.60 -27.89
N PRO A 778 -28.99 -1.51 -28.65
CA PRO A 778 -28.87 -1.67 -30.11
C PRO A 778 -27.79 -2.66 -30.52
N VAL A 779 -26.65 -2.65 -29.82
CA VAL A 779 -25.59 -3.59 -30.16
C VAL A 779 -25.99 -5.03 -29.87
N ILE A 780 -26.77 -5.26 -28.80
CA ILE A 780 -27.09 -6.62 -28.40
C ILE A 780 -28.06 -7.28 -29.38
N GLU A 781 -29.11 -6.55 -29.78
CA GLU A 781 -30.16 -7.15 -30.59
C GLU A 781 -29.99 -6.85 -32.08
N ASN A 782 -29.80 -5.56 -32.44
CA ASN A 782 -29.67 -5.21 -33.85
C ASN A 782 -28.38 -5.78 -34.42
N CYS A 783 -27.30 -5.75 -33.66
CA CYS A 783 -26.04 -6.37 -34.05
C CYS A 783 -25.89 -7.72 -33.35
N LYS A 784 -24.78 -8.39 -33.64
CA LYS A 784 -24.52 -9.71 -33.08
C LYS A 784 -23.03 -9.98 -33.12
N SER A 785 -22.57 -10.87 -32.23
CA SER A 785 -21.18 -11.28 -32.23
C SER A 785 -20.90 -12.27 -33.36
N CYS A 786 -21.58 -13.40 -33.33
CA CYS A 786 -21.42 -14.43 -34.36
C CYS A 786 -22.13 -14.03 -35.65
N GLU A 796 -25.45 -7.09 -42.70
CA GLU A 796 -25.46 -6.77 -41.28
C GLU A 796 -24.25 -7.38 -40.58
N CYS A 797 -23.43 -8.10 -41.35
CA CYS A 797 -22.24 -8.72 -40.78
C CYS A 797 -21.17 -7.69 -40.46
N LYS A 798 -20.97 -6.72 -41.36
CA LYS A 798 -19.95 -5.70 -41.17
C LYS A 798 -20.50 -4.28 -41.35
N THR A 799 -21.76 -4.13 -41.74
CA THR A 799 -22.34 -2.82 -42.03
C THR A 799 -23.22 -2.29 -40.91
N GLU A 800 -23.77 -3.16 -40.06
CA GLU A 800 -24.65 -2.71 -38.99
C GLU A 800 -23.94 -2.68 -37.64
N CYS A 801 -23.23 -3.77 -37.31
CA CYS A 801 -22.52 -3.81 -36.03
C CYS A 801 -21.47 -2.71 -35.94
N LYS A 802 -20.87 -2.34 -37.08
CA LYS A 802 -19.84 -1.32 -37.07
C LYS A 802 -20.36 0.00 -36.53
N ASN A 803 -21.45 0.50 -37.11
CA ASN A 803 -21.97 1.79 -36.65
C ASN A 803 -22.70 1.65 -35.31
N LYS A 804 -23.29 0.48 -35.04
CA LYS A 804 -23.93 0.27 -33.75
C LYS A 804 -22.92 0.25 -32.61
N CYS A 805 -21.67 -0.11 -32.87
CA CYS A 805 -20.62 0.00 -31.86
C CYS A 805 -19.91 1.35 -31.90
N GLU A 806 -19.85 2.00 -33.07
CA GLU A 806 -19.24 3.32 -33.13
C GLU A 806 -20.07 4.36 -32.40
N VAL A 807 -21.41 4.22 -32.40
CA VAL A 807 -22.22 5.13 -31.61
C VAL A 807 -21.95 4.92 -30.12
N TYR A 808 -21.73 3.66 -29.71
CA TYR A 808 -21.37 3.39 -28.32
C TYR A 808 -20.02 4.01 -27.97
N LYS A 809 -19.05 3.90 -28.86
CA LYS A 809 -17.75 4.53 -28.64
C LYS A 809 -17.88 6.05 -28.55
N LYS A 810 -18.72 6.64 -29.41
CA LYS A 810 -18.95 8.08 -29.37
C LYS A 810 -19.59 8.50 -28.05
N PHE A 811 -20.52 7.70 -27.55
CA PHE A 811 -21.09 7.97 -26.22
C PHE A 811 -20.04 7.87 -25.13
N ILE A 812 -19.19 6.85 -25.18
CA ILE A 812 -18.33 6.54 -24.05
C ILE A 812 -17.11 7.46 -24.02
N GLU A 813 -16.35 7.47 -25.12
CA GLU A 813 -15.11 8.30 -25.17
C GLU A 813 -15.48 9.76 -25.47
N ASP A 814 -16.73 10.15 -25.21
CA ASP A 814 -17.15 11.57 -25.38
C ASP A 814 -16.36 12.44 -24.40
N CYS A 815 -15.69 13.48 -24.90
CA CYS A 815 -14.89 14.37 -24.02
C CYS A 815 -15.84 15.24 -23.18
N LYS A 816 -17.07 15.45 -23.65
CA LYS A 816 -18.06 16.27 -22.91
C LYS A 816 -18.84 15.37 -21.94
N GLY A 817 -18.48 14.10 -21.84
CA GLY A 817 -19.12 13.20 -20.86
C GLY A 817 -20.60 13.01 -21.15
N GLY A 818 -20.95 12.65 -22.39
CA GLY A 818 -22.36 12.38 -22.75
C GLY A 818 -23.34 13.38 -22.14
N ASP A 819 -24.35 12.88 -21.42
CA ASP A 819 -25.39 13.77 -20.84
C ASP A 819 -25.39 13.61 -19.31
N GLY A 820 -24.34 13.01 -18.75
CA GLY A 820 -24.24 12.87 -17.29
C GLY A 820 -23.25 13.87 -16.73
N THR A 821 -21.96 13.53 -16.74
CA THR A 821 -20.91 14.45 -16.21
C THR A 821 -20.86 15.74 -17.05
N ALA A 822 -20.61 16.88 -16.41
CA ALA A 822 -20.69 18.19 -17.12
C ALA A 822 -19.38 18.71 -17.70
N GLY A 823 -18.69 17.97 -18.57
CA GLY A 823 -17.50 18.59 -19.19
C GLY A 823 -16.29 17.69 -19.30
N SER A 824 -16.13 16.72 -18.41
CA SER A 824 -14.99 15.77 -18.57
C SER A 824 -15.53 14.40 -18.98
N SER A 825 -14.66 13.56 -19.54
CA SER A 825 -15.08 12.19 -19.96
C SER A 825 -15.50 11.39 -18.73
N TRP A 826 -16.40 10.42 -18.89
CA TRP A 826 -16.78 9.53 -17.77
C TRP A 826 -15.52 8.98 -17.12
N VAL A 827 -14.52 8.60 -17.92
CA VAL A 827 -13.24 8.04 -17.41
C VAL A 827 -12.58 9.03 -16.45
N LYS A 828 -12.39 10.29 -16.86
CA LYS A 828 -11.71 11.29 -16.00
C LYS A 828 -12.51 11.48 -14.72
N ARG A 829 -13.83 11.51 -14.82
CA ARG A 829 -14.70 11.71 -13.64
C ARG A 829 -14.59 10.48 -12.72
N TRP A 830 -14.44 9.28 -13.29
CA TRP A 830 -14.27 8.06 -12.47
C TRP A 830 -12.94 8.14 -11.71
N ASP A 831 -11.91 8.76 -12.31
CA ASP A 831 -10.64 8.93 -11.57
C ASP A 831 -10.89 9.76 -10.32
N GLN A 832 -11.61 10.89 -10.45
CA GLN A 832 -11.94 11.75 -9.28
C GLN A 832 -12.72 10.95 -8.24
N ILE A 833 -13.53 9.97 -8.67
CA ILE A 833 -14.26 9.10 -7.75
C ILE A 833 -13.29 8.25 -6.96
N TYR A 834 -12.37 7.59 -7.66
CA TYR A 834 -11.43 6.69 -7.02
C TYR A 834 -10.51 7.46 -6.08
N LYS A 835 -10.09 8.66 -6.51
CA LYS A 835 -9.21 9.52 -5.66
C LYS A 835 -9.91 9.77 -4.33
N ARG A 836 -11.15 10.25 -4.37
CA ARG A 836 -11.85 10.61 -3.14
C ARG A 836 -12.16 9.39 -2.29
N TYR A 837 -12.56 8.28 -2.93
CA TYR A 837 -12.85 7.06 -2.17
C TYR A 837 -11.62 6.53 -1.46
N SER A 838 -10.47 6.53 -2.15
CA SER A 838 -9.24 6.07 -1.51
C SER A 838 -8.78 7.02 -0.42
N LYS A 839 -9.03 8.33 -0.57
CA LYS A 839 -8.74 9.25 0.53
C LYS A 839 -9.60 8.94 1.75
N TYR A 840 -10.88 8.64 1.52
CA TYR A 840 -11.75 8.25 2.63
C TYR A 840 -11.21 6.99 3.30
N ILE A 841 -10.80 6.01 2.51
CA ILE A 841 -10.30 4.75 3.06
C ILE A 841 -9.02 4.99 3.85
N GLU A 842 -8.13 5.84 3.36
CA GLU A 842 -6.90 6.13 4.08
C GLU A 842 -7.19 6.84 5.41
N ASP A 843 -8.11 7.81 5.41
CA ASP A 843 -8.48 8.47 6.65
C ASP A 843 -9.10 7.48 7.63
N ALA A 844 -9.88 6.51 7.14
CA ALA A 844 -10.44 5.50 8.01
C ALA A 844 -9.38 4.56 8.56
N LYS A 845 -8.34 4.28 7.76
CA LYS A 845 -7.26 3.37 8.21
C LYS A 845 -6.42 4.06 9.28
N ARG A 846 -6.04 5.32 9.06
CA ARG A 846 -5.15 6.04 10.01
C ARG A 846 -5.84 6.21 11.37
N ASN A 847 -7.16 6.40 11.38
CA ASN A 847 -7.87 6.66 12.62
C ASN A 847 -7.87 5.43 13.51
N ARG A 848 -7.87 5.64 14.83
CA ARG A 848 -7.84 4.53 15.78
C ARG A 848 -9.09 4.45 16.65
N LYS A 849 -9.76 5.59 16.85
CA LYS A 849 -11.02 5.61 17.65
C LYS A 849 -12.21 5.46 16.70
N ALA A 850 -12.28 4.35 15.95
CA ALA A 850 -13.37 4.16 14.97
C ALA A 850 -13.79 2.69 14.91
N GLY A 851 -13.43 1.91 15.94
CA GLY A 851 -13.82 0.48 16.00
C GLY A 851 -15.27 0.31 16.39
N THR A 852 -15.84 -0.88 16.17
CA THR A 852 -17.28 -1.14 16.46
C THR A 852 -17.60 -0.85 17.92
N LYS A 853 -18.76 -0.25 18.18
CA LYS A 853 -19.20 0.07 19.57
C LYS A 853 -19.61 -1.22 20.28
N ASN A 854 -19.47 -1.26 21.61
CA ASN A 854 -19.92 -2.45 22.38
C ASN A 854 -21.42 -2.64 22.16
N CYS A 855 -21.81 -3.74 21.50
CA CYS A 855 -23.24 -4.02 21.22
C CYS A 855 -23.92 -4.54 22.49
N GLY A 856 -23.13 -5.05 23.44
CA GLY A 856 -23.68 -5.55 24.72
C GLY A 856 -23.46 -4.55 25.84
N ASN A 862 -19.36 -9.01 7.80
CA ASN A 862 -20.16 -8.53 8.96
C ASN A 862 -21.40 -7.80 8.44
N ALA A 863 -22.58 -8.10 9.01
CA ALA A 863 -23.81 -7.37 8.64
C ALA A 863 -23.68 -5.93 9.13
N ALA A 864 -23.92 -4.95 8.25
CA ALA A 864 -23.87 -3.53 8.67
C ALA A 864 -24.91 -3.31 9.76
N GLU A 865 -24.47 -3.03 10.99
CA GLU A 865 -25.43 -2.73 12.08
C GLU A 865 -25.47 -1.23 12.34
N ASN A 866 -26.53 -0.75 13.00
CA ASN A 866 -26.70 0.71 13.21
C ASN A 866 -25.75 1.20 14.30
N LYS A 867 -25.89 0.66 15.52
CA LYS A 867 -25.05 1.12 16.65
C LYS A 867 -23.99 0.06 16.97
N CYS A 868 -24.36 -1.22 16.96
CA CYS A 868 -23.37 -2.32 17.17
C CYS A 868 -22.17 -2.04 16.26
N VAL A 869 -22.42 -1.96 14.95
CA VAL A 869 -21.32 -1.58 14.02
C VAL A 869 -21.24 -0.06 14.21
N GLN A 870 -20.06 0.51 14.50
CA GLN A 870 -19.95 1.96 14.85
C GLN A 870 -20.71 2.89 13.90
N SER A 871 -21.16 4.06 14.39
CA SER A 871 -22.04 4.97 13.59
C SER A 871 -21.56 6.37 13.17
N ASP A 872 -20.54 6.53 12.33
CA ASP A 872 -20.00 7.73 11.69
C ASP A 872 -19.49 7.38 10.30
N ILE A 873 -19.06 8.40 9.56
CA ILE A 873 -18.51 8.18 8.22
C ILE A 873 -17.24 7.35 8.32
N ASP A 874 -16.35 7.72 9.24
CA ASP A 874 -15.11 6.99 9.46
C ASP A 874 -15.40 5.57 9.93
N SER A 875 -16.37 5.41 10.83
CA SER A 875 -16.75 4.06 11.32
C SER A 875 -17.27 3.23 10.15
N PHE A 876 -18.11 3.83 9.31
CA PHE A 876 -18.67 3.13 8.15
C PHE A 876 -17.57 2.69 7.19
N PHE A 877 -16.59 3.57 6.93
CA PHE A 877 -15.52 3.20 6.02
C PHE A 877 -14.58 2.16 6.63
N LYS A 878 -14.46 2.17 7.96
CA LYS A 878 -13.66 1.12 8.65
C LYS A 878 -14.39 -0.19 8.43
N HIS A 879 -15.72 -0.20 8.56
CA HIS A 879 -16.50 -1.41 8.30
C HIS A 879 -16.33 -1.88 6.87
N LEU A 880 -16.31 -0.94 5.92
CA LEU A 880 -16.08 -1.29 4.52
C LEU A 880 -14.71 -1.92 4.33
N ILE A 881 -13.69 -1.40 5.02
CA ILE A 881 -12.38 -2.04 5.01
C ILE A 881 -12.47 -3.46 5.57
N ASP A 882 -13.22 -3.63 6.65
CA ASP A 882 -13.34 -4.94 7.28
C ASP A 882 -13.95 -5.96 6.33
N ILE A 883 -15.01 -5.58 5.61
CA ILE A 883 -15.64 -6.54 4.71
C ILE A 883 -14.86 -6.67 3.40
N GLY A 884 -13.95 -5.76 3.12
CA GLY A 884 -13.10 -5.84 1.95
C GLY A 884 -13.42 -4.90 0.81
N LEU A 885 -14.27 -3.89 1.02
CA LEU A 885 -14.65 -2.95 -0.02
C LEU A 885 -13.89 -1.64 0.21
N THR A 886 -12.68 -1.57 -0.34
CA THR A 886 -11.85 -0.39 -0.22
C THR A 886 -11.75 0.42 -1.50
N THR A 887 -12.39 -0.03 -2.58
CA THR A 887 -12.40 0.66 -3.86
C THR A 887 -13.85 0.89 -4.31
N PRO A 888 -14.13 2.00 -5.01
CA PRO A 888 -15.52 2.25 -5.43
C PRO A 888 -16.09 1.21 -6.36
N SER A 889 -15.25 0.55 -7.17
CA SER A 889 -15.75 -0.45 -8.10
C SER A 889 -16.39 -1.62 -7.37
N SER A 890 -15.72 -2.14 -6.34
CA SER A 890 -16.28 -3.25 -5.57
C SER A 890 -17.52 -2.82 -4.81
N TYR A 891 -17.50 -1.61 -4.23
CA TYR A 891 -18.66 -1.11 -3.51
C TYR A 891 -19.87 -1.02 -4.44
N LEU A 892 -19.66 -0.55 -5.67
CA LEU A 892 -20.73 -0.49 -6.65
C LEU A 892 -21.18 -1.88 -7.10
N SER A 893 -20.25 -2.82 -7.25
CA SER A 893 -20.65 -4.19 -7.55
C SER A 893 -21.49 -4.79 -6.44
N ILE A 894 -21.34 -4.30 -5.21
CA ILE A 894 -22.17 -4.72 -4.10
C ILE A 894 -23.54 -4.06 -4.15
N VAL A 895 -23.57 -2.72 -4.11
CA VAL A 895 -24.85 -2.03 -3.95
C VAL A 895 -25.73 -2.13 -5.20
N LEU A 896 -25.14 -2.04 -6.38
CA LEU A 896 -25.93 -2.01 -7.61
C LEU A 896 -26.58 -3.36 -7.86
N ASP A 897 -27.87 -3.34 -8.20
CA ASP A 897 -28.58 -4.57 -8.51
C ASP A 897 -28.11 -5.13 -9.85
N ASP A 898 -28.44 -6.39 -10.10
CA ASP A 898 -27.93 -7.11 -11.25
C ASP A 898 -28.67 -6.70 -12.52
N ASN A 899 -27.94 -6.66 -13.64
CA ASN A 899 -28.51 -6.29 -14.97
C ASN A 899 -29.14 -4.89 -14.93
N ILE A 900 -28.31 -3.85 -14.77
CA ILE A 900 -28.81 -2.45 -14.79
C ILE A 900 -28.02 -1.70 -15.86
N CYS A 901 -27.00 -2.34 -16.43
CA CYS A 901 -26.15 -1.67 -17.46
C CYS A 901 -26.28 -2.39 -18.80
N GLY A 902 -27.10 -3.44 -18.89
CA GLY A 902 -27.32 -4.08 -20.20
C GLY A 902 -27.35 -5.61 -20.15
N ALA A 903 -27.84 -6.25 -21.22
CA ALA A 903 -27.89 -7.70 -21.30
C ALA A 903 -26.50 -8.32 -21.29
N ASP A 904 -25.47 -7.50 -21.43
CA ASP A 904 -24.09 -7.94 -21.30
C ASP A 904 -23.67 -7.91 -19.83
N LYS A 905 -23.03 -9.00 -19.40
CA LYS A 905 -22.56 -9.12 -18.02
C LYS A 905 -21.16 -8.51 -17.91
N ALA A 906 -21.14 -7.18 -17.80
CA ALA A 906 -19.89 -6.46 -17.62
C ALA A 906 -19.71 -6.10 -16.16
N PRO A 907 -18.86 -6.82 -15.43
CA PRO A 907 -18.70 -6.54 -14.00
C PRO A 907 -17.95 -5.24 -13.78
N TRP A 908 -18.20 -4.64 -12.60
CA TRP A 908 -17.49 -3.44 -12.19
C TRP A 908 -16.08 -3.72 -11.68
N THR A 909 -15.80 -4.97 -11.28
CA THR A 909 -14.48 -5.34 -10.79
C THR A 909 -13.52 -5.73 -11.90
N THR A 910 -14.04 -6.08 -13.08
CA THR A 910 -13.19 -6.41 -14.21
C THR A 910 -12.97 -5.16 -15.06
N TYR A 911 -11.71 -4.83 -15.31
CA TYR A 911 -11.38 -3.59 -15.98
C TYR A 911 -11.07 -3.84 -17.45
N THR A 912 -11.11 -2.76 -18.24
CA THR A 912 -10.86 -2.83 -19.66
C THR A 912 -9.88 -1.73 -20.07
N THR A 913 -9.41 -1.81 -21.32
CA THR A 913 -8.48 -0.83 -21.87
C THR A 913 -9.06 -0.19 -23.13
N ALA A 935 -2.82 7.31 -28.34
CA ALA A 935 -1.53 6.77 -27.94
C ALA A 935 -1.46 6.56 -26.44
N VAL A 936 -2.56 6.86 -25.76
CA VAL A 936 -2.66 6.74 -24.31
C VAL A 936 -3.60 5.57 -24.01
N VAL A 937 -3.11 4.62 -23.22
CA VAL A 937 -3.93 3.48 -22.79
C VAL A 937 -4.59 3.86 -21.47
N VAL A 938 -5.91 3.74 -21.42
CA VAL A 938 -6.68 3.98 -20.21
C VAL A 938 -7.22 2.66 -19.70
N ASN A 939 -6.98 2.38 -18.42
CA ASN A 939 -7.38 1.12 -17.80
C ASN A 939 -8.51 1.44 -16.82
N VAL A 940 -9.74 1.17 -17.24
CA VAL A 940 -10.94 1.64 -16.55
C VAL A 940 -11.90 0.46 -16.40
N PRO A 941 -12.86 0.57 -15.48
CA PRO A 941 -13.81 -0.54 -15.30
C PRO A 941 -14.59 -0.84 -16.57
N SER A 942 -15.10 -2.07 -16.64
CA SER A 942 -15.78 -2.52 -17.85
C SER A 942 -16.96 -1.65 -18.26
N PRO A 943 -17.84 -1.20 -17.36
CA PRO A 943 -18.95 -0.34 -17.83
C PRO A 943 -18.50 0.92 -18.55
N LEU A 944 -17.41 1.54 -18.10
CA LEU A 944 -16.91 2.74 -18.76
C LEU A 944 -15.98 2.36 -19.91
N GLY A 945 -16.42 1.48 -20.79
CA GLY A 945 -15.58 0.99 -21.86
C GLY A 945 -16.13 1.38 -23.22
N ASN A 946 -15.23 1.45 -24.20
CA ASN A 946 -15.62 1.87 -25.57
C ASN A 946 -16.51 0.81 -26.23
N THR A 947 -16.37 -0.46 -25.84
CA THR A 947 -17.14 -1.55 -26.43
C THR A 947 -17.72 -2.44 -25.33
N PRO A 948 -18.81 -3.15 -25.59
CA PRO A 948 -19.37 -4.05 -24.58
C PRO A 948 -18.42 -5.20 -24.27
N HIS A 949 -18.53 -5.69 -23.03
CA HIS A 949 -17.67 -6.77 -22.54
C HIS A 949 -18.00 -8.05 -23.30
N GLY A 950 -17.11 -8.44 -24.20
CA GLY A 950 -17.34 -9.60 -25.02
C GLY A 950 -17.48 -9.24 -26.49
N TYR A 951 -18.13 -8.11 -26.75
CA TYR A 951 -18.26 -7.58 -28.10
C TYR A 951 -17.07 -6.73 -28.51
N LYS A 952 -16.02 -6.70 -27.69
CA LYS A 952 -14.81 -5.96 -28.03
C LYS A 952 -14.15 -6.47 -29.30
N TYR A 953 -14.47 -7.69 -29.73
CA TYR A 953 -13.88 -8.30 -30.91
C TYR A 953 -14.94 -8.55 -31.97
N ALA A 954 -16.12 -7.96 -31.75
CA ALA A 954 -17.23 -8.11 -32.72
C ALA A 954 -17.72 -6.70 -33.08
N CYS A 955 -17.00 -5.67 -32.63
CA CYS A 955 -17.35 -4.28 -32.98
C CYS A 955 -17.29 -4.13 -34.49
N GLN A 956 -16.23 -4.65 -35.11
CA GLN A 956 -16.08 -4.61 -36.59
C GLN A 956 -16.25 -6.04 -37.10
N CYS A 957 -16.76 -6.94 -36.25
CA CYS A 957 -16.91 -8.37 -36.60
C CYS A 957 -15.58 -8.89 -37.13
N LYS A 958 -14.49 -8.62 -36.40
CA LYS A 958 -13.15 -9.10 -36.82
C LYS A 958 -13.06 -10.60 -36.55
N ILE A 959 -12.13 -11.27 -37.24
CA ILE A 959 -11.87 -12.72 -37.05
C ILE A 959 -11.72 -13.02 -35.55
N PRO A 960 -12.53 -13.91 -34.90
CA PRO A 960 -12.26 -14.27 -33.49
C PRO A 960 -11.06 -15.23 -33.44
N THR A 961 -9.91 -14.79 -33.97
CA THR A 961 -8.71 -15.66 -34.04
C THR A 961 -8.14 -15.87 -32.63
N ASN A 962 -7.59 -17.06 -32.37
CA ASN A 962 -7.07 -17.35 -31.01
C ASN A 962 -5.94 -16.37 -30.68
N GLU A 963 -5.45 -15.63 -31.68
CA GLU A 963 -4.31 -14.69 -31.47
C GLU A 963 -4.73 -13.56 -30.54
N GLU A 964 -5.81 -12.85 -30.89
CA GLU A 964 -6.27 -11.69 -30.09
C GLU A 964 -6.88 -12.22 -28.78
N THR A 965 -7.38 -13.46 -28.78
CA THR A 965 -7.88 -14.08 -27.56
C THR A 965 -6.74 -14.41 -26.61
N CYS A 966 -5.60 -14.86 -27.14
CA CYS A 966 -4.43 -15.16 -26.32
C CYS A 966 -3.83 -13.92 -25.67
N ASP A 967 -4.23 -12.73 -26.10
CA ASP A 967 -3.80 -11.50 -25.45
C ASP A 967 -4.41 -11.32 -24.07
N ASP A 968 -5.39 -12.13 -23.69
CA ASP A 968 -6.00 -12.04 -22.37
C ASP A 968 -5.38 -13.03 -21.41
N MET A 973 3.04 -14.12 -21.50
CA MET A 973 2.95 -13.38 -22.75
C MET A 973 4.30 -12.76 -23.12
N ASN A 974 4.53 -12.58 -24.41
CA ASN A 974 5.78 -12.03 -24.89
C ASN A 974 5.66 -10.52 -25.14
N GLN A 975 6.81 -9.87 -25.30
CA GLN A 975 6.84 -8.42 -25.46
C GLN A 975 7.79 -7.96 -26.55
N TRP A 976 8.14 -8.82 -27.50
CA TRP A 976 9.00 -8.47 -28.61
C TRP A 976 8.21 -8.51 -29.91
N SER A 977 8.91 -8.25 -31.01
CA SER A 977 8.28 -8.26 -32.33
C SER A 977 9.20 -8.88 -33.37
N ASN A 990 19.39 -10.37 -46.23
CA ASN A 990 19.04 -9.44 -47.29
C ASN A 990 19.45 -8.02 -46.89
N ASP A 991 20.51 -7.93 -46.10
CA ASP A 991 21.11 -6.68 -45.65
C ASP A 991 20.13 -5.82 -44.85
N ASN A 992 19.19 -6.43 -44.16
CA ASN A 992 18.27 -5.72 -43.28
C ASN A 992 18.16 -6.47 -41.95
N TYR A 993 18.02 -5.72 -40.87
CA TYR A 993 17.80 -6.28 -39.54
C TYR A 993 16.31 -6.34 -39.26
N GLU A 994 15.79 -7.56 -39.11
CA GLU A 994 14.42 -7.78 -38.67
C GLU A 994 14.42 -7.65 -37.15
N LEU A 995 14.51 -6.40 -36.71
CA LEU A 995 14.71 -6.11 -35.29
C LEU A 995 13.47 -6.47 -34.49
N CYS A 996 13.66 -7.33 -33.47
CA CYS A 996 12.56 -7.67 -32.55
C CYS A 996 12.57 -6.60 -31.46
N LYS A 997 11.79 -5.54 -31.64
CA LYS A 997 11.85 -4.41 -30.67
C LYS A 997 10.90 -4.65 -29.50
N TYR A 998 11.34 -4.33 -28.28
CA TYR A 998 10.42 -4.42 -27.12
C TYR A 998 9.34 -3.36 -27.31
N ASN A 999 8.07 -3.71 -27.08
CA ASN A 999 6.97 -2.74 -27.30
C ASN A 999 7.28 -1.44 -26.54
N GLY A 1000 7.54 -0.35 -27.27
CA GLY A 1000 7.91 0.93 -26.63
C GLY A 1000 9.34 1.32 -26.94
N VAL A 1001 10.31 0.47 -26.55
CA VAL A 1001 11.74 0.76 -26.82
C VAL A 1001 12.09 0.33 -28.25
N ASP A 1002 12.27 1.28 -29.16
CA ASP A 1002 12.57 0.96 -30.57
C ASP A 1002 14.08 1.06 -30.83
N VAL A 1003 14.47 1.28 -32.10
CA VAL A 1003 15.92 1.37 -32.46
C VAL A 1003 16.49 2.65 -31.85
N LYS A 1004 17.67 2.55 -31.20
CA LYS A 1004 18.30 3.73 -30.57
C LYS A 1004 19.53 4.13 -31.40
N PRO A 1005 19.51 5.28 -32.10
CA PRO A 1005 20.66 5.74 -32.87
C PRO A 1005 21.85 6.12 -31.96
N THR A 1006 22.92 5.31 -31.98
CA THR A 1006 24.13 5.63 -31.19
C THR A 1006 24.68 6.99 -31.65
N THR A 1007 24.94 7.90 -30.71
CA THR A 1007 25.43 9.26 -31.08
C THR A 1007 26.95 9.31 -30.92
N VAL A 1008 27.48 8.64 -29.90
CA VAL A 1008 28.96 8.61 -29.66
C VAL A 1008 29.58 7.56 -30.59
N ARG A 1009 29.93 7.97 -31.81
CA ARG A 1009 30.51 7.02 -32.80
C ARG A 1009 31.98 7.40 -33.04
N SER A 1010 32.90 6.50 -32.72
CA SER A 1010 34.35 6.77 -32.91
C SER A 1010 34.97 5.67 -33.78
N ASN A 1011 36.30 5.49 -33.72
CA ASN A 1011 36.96 4.39 -34.46
C ASN A 1011 36.30 3.08 -34.03
N SER A 1012 35.76 2.35 -35.00
CA SER A 1012 34.99 1.12 -34.68
C SER A 1012 35.57 -0.09 -35.39
N SER A 1013 35.44 -1.28 -34.76
CA SER A 1013 35.89 -2.52 -35.39
C SER A 1013 34.77 -3.05 -36.29
N LYS A 1014 34.40 -2.25 -37.27
CA LYS A 1014 33.33 -2.56 -38.22
C LYS A 1014 31.97 -2.71 -37.52
N LEU A 1015 31.85 -2.10 -36.34
CA LEU A 1015 30.58 -2.17 -35.57
C LEU A 1015 29.76 -0.91 -35.89
N ASP A 1016 28.72 -1.06 -36.71
CA ASP A 1016 27.92 0.12 -37.14
C ASP A 1016 26.80 0.39 -36.14
N ASP A 1017 26.08 1.50 -36.33
CA ASP A 1017 24.95 1.87 -35.43
C ASP A 1017 23.96 0.70 -35.34
N LYS A 1018 23.45 0.23 -36.49
CA LYS A 1018 22.46 -0.82 -36.51
C LYS A 1018 22.98 -2.10 -35.86
N ASP A 1019 24.25 -2.42 -36.08
CA ASP A 1019 24.82 -3.62 -35.49
C ASP A 1019 24.84 -3.54 -33.97
N VAL A 1020 25.25 -2.39 -33.42
CA VAL A 1020 25.26 -2.22 -31.97
C VAL A 1020 23.85 -2.27 -31.41
N THR A 1021 22.90 -1.60 -32.07
CA THR A 1021 21.52 -1.64 -31.61
C THR A 1021 20.99 -3.07 -31.60
N PHE A 1022 21.27 -3.83 -32.67
CA PHE A 1022 20.83 -5.21 -32.70
C PHE A 1022 21.47 -6.03 -31.60
N PHE A 1023 22.76 -5.82 -31.33
CA PHE A 1023 23.40 -6.61 -30.29
C PHE A 1023 22.81 -6.31 -28.92
N ASN A 1024 22.53 -5.04 -28.65
CA ASN A 1024 21.86 -4.68 -27.39
C ASN A 1024 20.51 -5.37 -27.30
N LEU A 1025 19.70 -5.25 -28.36
CA LEU A 1025 18.37 -5.85 -28.34
C LEU A 1025 18.44 -7.37 -28.22
N PHE A 1026 19.45 -7.97 -28.85
CA PHE A 1026 19.60 -9.46 -28.80
C PHE A 1026 19.96 -9.87 -27.36
N GLU A 1027 20.87 -9.14 -26.71
CA GLU A 1027 21.22 -9.46 -25.34
C GLU A 1027 20.00 -9.37 -24.43
N GLN A 1028 19.21 -8.29 -24.58
CA GLN A 1028 18.00 -8.20 -23.77
C GLN A 1028 17.05 -9.35 -24.10
N TRP A 1029 16.91 -9.69 -25.38
CA TRP A 1029 15.94 -10.70 -25.78
C TRP A 1029 16.32 -12.08 -25.25
N ASN A 1030 17.60 -12.45 -25.35
CA ASN A 1030 17.96 -13.78 -24.88
C ASN A 1030 18.27 -13.82 -23.39
N LYS A 1031 18.25 -12.68 -22.71
CA LYS A 1031 18.19 -12.73 -21.25
C LYS A 1031 16.76 -12.79 -20.74
N GLU A 1032 15.80 -12.28 -21.51
CA GLU A 1032 14.38 -12.25 -21.06
C GLU A 1032 13.69 -13.55 -21.46
N ILE A 1033 13.84 -13.98 -22.71
CA ILE A 1033 13.13 -15.16 -23.21
C ILE A 1033 13.69 -16.44 -22.60
N GLN A 1034 15.01 -16.53 -22.46
CA GLN A 1034 15.62 -17.71 -21.85
C GLN A 1034 15.19 -17.88 -20.39
N TYR A 1035 14.68 -16.83 -19.77
CA TYR A 1035 14.14 -16.86 -18.42
C TYR A 1035 12.64 -17.11 -18.42
N GLN A 1036 11.92 -16.50 -19.37
CA GLN A 1036 10.49 -16.71 -19.50
C GLN A 1036 10.17 -18.16 -19.84
N ILE A 1037 11.03 -18.81 -20.62
CA ILE A 1037 10.78 -20.22 -20.94
C ILE A 1037 10.78 -21.07 -19.69
N GLU A 1038 11.78 -20.88 -18.82
CA GLU A 1038 11.85 -21.63 -17.58
C GLU A 1038 10.77 -21.20 -16.60
N GLN A 1039 10.34 -19.94 -16.63
CA GLN A 1039 9.28 -19.48 -15.74
C GLN A 1039 7.89 -19.87 -16.22
N TYR A 1040 7.75 -20.28 -17.47
CA TYR A 1040 6.46 -20.74 -18.00
C TYR A 1040 6.43 -22.23 -18.25
N MET A 1041 7.55 -22.94 -18.10
CA MET A 1041 7.49 -24.40 -18.12
C MET A 1041 6.83 -24.96 -16.86
N THR A 1042 6.64 -24.16 -15.83
CA THR A 1042 5.98 -24.59 -14.61
C THR A 1042 4.58 -24.01 -14.50
N ASN A 1083 -11.00 -25.33 -18.63
CA ASN A 1083 -10.37 -24.04 -18.90
C ASN A 1083 -8.89 -24.22 -19.24
N CYS A 1084 -8.31 -25.33 -18.78
CA CYS A 1084 -6.91 -25.60 -19.04
C CYS A 1084 -6.63 -25.80 -20.53
N LYS A 1085 -7.63 -26.22 -21.31
CA LYS A 1085 -7.44 -26.33 -22.75
C LYS A 1085 -7.17 -24.96 -23.37
N GLU A 1086 -7.88 -23.93 -22.92
CA GLU A 1086 -7.60 -22.57 -23.36
C GLU A 1086 -6.19 -22.15 -22.97
N LYS A 1087 -5.76 -22.52 -21.77
CA LYS A 1087 -4.41 -22.18 -21.33
C LYS A 1087 -3.35 -22.85 -22.22
N CYS A 1088 -3.55 -24.13 -22.55
CA CYS A 1088 -2.57 -24.80 -23.40
C CYS A 1088 -2.62 -24.29 -24.83
N LYS A 1089 -3.79 -23.83 -25.28
CA LYS A 1089 -3.90 -23.23 -26.64
C LYS A 1089 -3.10 -21.93 -26.66
N CYS A 1090 -3.34 -21.05 -25.68
CA CYS A 1090 -2.60 -19.78 -25.58
C CYS A 1090 -1.11 -20.06 -25.42
N TYR A 1091 -0.76 -21.12 -24.70
CA TYR A 1091 0.64 -21.47 -24.49
C TYR A 1091 1.29 -21.96 -25.78
N SER A 1092 0.55 -22.73 -26.59
CA SER A 1092 1.10 -23.17 -27.87
C SER A 1092 1.30 -21.99 -28.81
N LEU A 1093 0.37 -21.04 -28.81
CA LEU A 1093 0.57 -19.83 -29.60
C LEU A 1093 1.78 -19.04 -29.09
N TRP A 1094 1.95 -18.99 -27.77
CA TRP A 1094 3.12 -18.36 -27.16
C TRP A 1094 4.42 -19.01 -27.62
N ILE A 1095 4.47 -20.34 -27.62
CA ILE A 1095 5.71 -21.01 -28.02
C ILE A 1095 5.94 -20.84 -29.51
N GLU A 1096 4.88 -20.74 -30.32
CA GLU A 1096 5.06 -20.42 -31.73
C GLU A 1096 5.64 -19.02 -31.91
N LYS A 1097 5.16 -18.06 -31.11
CA LYS A 1097 5.70 -16.70 -31.16
C LYS A 1097 7.17 -16.69 -30.81
N ILE A 1098 7.56 -17.42 -29.76
CA ILE A 1098 8.97 -17.48 -29.41
C ILE A 1098 9.77 -18.21 -30.48
N ASN A 1099 9.20 -19.24 -31.11
CA ASN A 1099 9.91 -19.97 -32.15
C ASN A 1099 10.22 -19.07 -33.35
N ASP A 1100 9.23 -18.34 -33.86
CA ASP A 1100 9.53 -17.52 -35.03
C ASP A 1100 10.32 -16.26 -34.65
N GLN A 1101 10.20 -15.78 -33.40
CA GLN A 1101 11.09 -14.71 -32.96
C GLN A 1101 12.54 -15.17 -32.94
N TRP A 1102 12.78 -16.38 -32.41
CA TRP A 1102 14.16 -16.93 -32.44
C TRP A 1102 14.61 -17.12 -33.89
N ASP A 1103 13.70 -17.56 -34.76
CA ASP A 1103 14.06 -17.71 -36.17
C ASP A 1103 14.50 -16.38 -36.77
N LYS A 1104 13.82 -15.29 -36.42
CA LYS A 1104 14.29 -13.96 -36.83
C LYS A 1104 15.67 -13.66 -36.26
N GLN A 1105 15.86 -13.94 -34.97
CA GLN A 1105 17.10 -13.56 -34.29
C GLN A 1105 18.29 -14.37 -34.80
N LYS A 1106 18.06 -15.63 -35.18
CA LYS A 1106 19.15 -16.47 -35.73
C LYS A 1106 19.71 -15.78 -36.97
N ASP A 1107 18.85 -15.43 -37.93
CA ASP A 1107 19.29 -14.79 -39.16
C ASP A 1107 19.88 -13.42 -38.87
N ASN A 1108 19.31 -12.68 -37.92
CA ASN A 1108 19.85 -11.38 -37.57
C ASN A 1108 21.29 -11.50 -37.06
N TYR A 1109 21.53 -12.50 -36.20
CA TYR A 1109 22.89 -12.69 -35.65
C TYR A 1109 23.83 -13.20 -36.74
N ASN A 1110 23.32 -14.02 -37.66
CA ASN A 1110 24.17 -14.45 -38.78
C ASN A 1110 24.61 -13.25 -39.60
N LYS A 1111 23.68 -12.33 -39.88
CA LYS A 1111 24.05 -11.10 -40.58
C LYS A 1111 25.06 -10.28 -39.78
N PHE A 1112 24.85 -10.20 -38.46
CA PHE A 1112 25.77 -9.45 -37.60
C PHE A 1112 27.17 -10.06 -37.64
N GLN A 1113 27.27 -11.39 -37.51
CA GLN A 1113 28.57 -12.04 -37.56
C GLN A 1113 29.23 -11.85 -38.91
N ARG A 1114 28.45 -11.91 -40.00
CA ARG A 1114 29.01 -11.70 -41.31
C ARG A 1114 29.55 -10.28 -41.46
N LYS A 1115 28.74 -9.29 -41.09
CA LYS A 1115 29.18 -7.90 -41.21
C LYS A 1115 30.26 -7.52 -40.23
N GLN A 1116 30.53 -8.35 -39.22
CA GLN A 1116 31.62 -8.09 -38.28
C GLN A 1116 32.93 -8.76 -38.71
N ILE A 1117 32.87 -10.04 -39.08
CA ILE A 1117 34.09 -10.82 -39.32
C ILE A 1117 34.56 -10.77 -40.77
N TYR A 1118 33.69 -10.44 -41.72
CA TYR A 1118 34.11 -10.47 -43.12
C TYR A 1118 35.13 -9.38 -43.42
N ASP A 1119 35.08 -8.27 -42.70
CA ASP A 1119 36.03 -7.18 -42.93
C ASP A 1119 36.59 -6.67 -41.59
N VAL A 1129 35.12 -12.46 -34.16
CA VAL A 1129 33.85 -12.30 -33.47
C VAL A 1129 33.29 -13.68 -33.14
N VAL A 1130 32.44 -13.76 -32.11
CA VAL A 1130 31.80 -15.04 -31.71
C VAL A 1130 30.49 -15.19 -32.48
N SER A 1131 29.84 -16.35 -32.36
CA SER A 1131 28.54 -16.59 -33.03
C SER A 1131 27.45 -16.80 -31.97
N LEU A 1132 26.28 -17.31 -32.36
CA LEU A 1132 25.23 -17.64 -31.36
C LEU A 1132 25.77 -18.79 -30.51
N SER A 1133 26.52 -19.70 -31.13
CA SER A 1133 27.08 -20.87 -30.40
C SER A 1133 27.99 -20.43 -29.27
N ASN A 1134 28.69 -19.30 -29.42
CA ASN A 1134 29.66 -18.87 -28.38
C ASN A 1134 29.08 -17.75 -27.52
N PHE A 1135 28.13 -16.97 -28.06
CA PHE A 1135 27.48 -15.91 -27.24
C PHE A 1135 26.56 -16.57 -26.22
N LEU A 1136 25.61 -17.40 -26.65
CA LEU A 1136 24.63 -17.99 -25.71
C LEU A 1136 25.38 -18.82 -24.66
N PHE A 1137 26.49 -19.45 -25.03
CA PHE A 1137 27.31 -20.16 -24.06
C PHE A 1137 27.76 -19.22 -22.95
N PHE A 1138 28.46 -18.15 -23.34
CA PHE A 1138 28.88 -17.14 -22.36
C PHE A 1138 27.67 -16.59 -21.62
N SER A 1139 26.60 -16.29 -22.36
CA SER A 1139 25.40 -15.71 -21.75
C SER A 1139 24.81 -16.62 -20.68
N CYS A 1140 25.11 -17.92 -20.73
CA CYS A 1140 24.72 -18.79 -19.62
C CYS A 1140 25.80 -18.85 -18.56
N TRP A 1141 27.05 -19.05 -18.96
CA TRP A 1141 28.15 -19.22 -17.97
C TRP A 1141 28.23 -18.01 -17.03
N GLU A 1142 28.14 -16.79 -17.56
CA GLU A 1142 28.25 -15.60 -16.71
C GLU A 1142 27.19 -15.57 -15.63
N GLU A 1143 26.08 -16.29 -15.80
CA GLU A 1143 25.09 -16.38 -14.75
C GLU A 1143 25.73 -16.89 -13.46
N TYR A 1144 26.45 -18.01 -13.55
CA TYR A 1144 27.17 -18.51 -12.38
C TYR A 1144 28.19 -17.49 -11.88
N ILE A 1145 28.72 -16.67 -12.79
CA ILE A 1145 29.70 -15.66 -12.39
C ILE A 1145 29.02 -14.39 -11.89
N GLN A 1146 27.75 -14.19 -12.20
CA GLN A 1146 27.05 -12.98 -11.78
C GLN A 1146 26.21 -13.20 -10.53
N LYS A 1147 25.96 -14.45 -10.14
CA LYS A 1147 25.12 -14.75 -8.98
C LYS A 1147 25.95 -15.06 -7.73
N TYR A 1148 26.85 -16.04 -7.81
CA TYR A 1148 27.62 -16.45 -6.64
C TYR A 1148 29.06 -15.93 -6.63
N PHE A 1149 29.54 -15.37 -7.74
CA PHE A 1149 30.90 -14.84 -7.80
C PHE A 1149 30.97 -13.33 -7.91
N ASN A 1150 29.84 -12.74 -8.36
CA ASN A 1150 29.69 -11.25 -8.39
C ASN A 1150 30.96 -10.61 -8.92
N GLY A 1151 31.13 -10.65 -10.24
CA GLY A 1151 32.41 -10.18 -10.81
C GLY A 1151 33.20 -11.43 -11.09
N ASP A 1152 34.32 -11.32 -11.78
CA ASP A 1152 35.01 -12.57 -12.16
C ASP A 1152 36.15 -12.91 -11.21
N TRP A 1153 36.70 -14.12 -11.32
CA TRP A 1153 37.90 -14.54 -10.61
C TRP A 1153 38.97 -13.45 -10.64
N GLY A 1160 33.57 -26.67 -8.53
CA GLY A 1160 34.69 -27.45 -9.01
C GLY A 1160 34.34 -28.90 -9.24
N SER A 1161 33.52 -29.46 -8.36
CA SER A 1161 33.09 -30.86 -8.46
C SER A 1161 31.59 -31.00 -8.68
N ASP A 1162 30.78 -30.40 -7.82
CA ASP A 1162 29.32 -30.50 -7.91
C ASP A 1162 28.69 -29.29 -8.57
N THR A 1163 29.48 -28.33 -9.04
CA THR A 1163 28.98 -27.16 -9.75
C THR A 1163 29.51 -27.07 -11.17
N PHE A 1164 30.77 -27.42 -11.39
CA PHE A 1164 31.34 -27.43 -12.73
C PHE A 1164 30.61 -28.43 -13.63
N GLU A 1165 30.33 -29.62 -13.09
CA GLU A 1165 29.50 -30.57 -13.82
C GLU A 1165 28.10 -30.02 -14.04
N PHE A 1166 27.56 -29.28 -13.06
CA PHE A 1166 26.26 -28.65 -13.26
C PHE A 1166 26.31 -27.61 -14.37
N LEU A 1167 27.43 -26.90 -14.50
CA LEU A 1167 27.58 -25.95 -15.59
C LEU A 1167 27.70 -26.63 -16.95
N ILE A 1168 28.40 -27.77 -17.00
CA ILE A 1168 28.43 -28.55 -18.25
C ILE A 1168 27.02 -29.02 -18.61
N LYS A 1169 26.27 -29.53 -17.63
CA LYS A 1169 24.93 -30.03 -17.91
C LYS A 1169 23.93 -28.91 -18.14
N LYS A 1170 24.26 -27.68 -17.77
CA LYS A 1170 23.35 -26.56 -17.94
C LYS A 1170 23.42 -26.00 -19.35
N CYS A 1171 24.63 -25.71 -19.84
CA CYS A 1171 24.79 -25.14 -21.16
C CYS A 1171 26.21 -25.41 -21.66
N GLY A 1172 26.30 -25.84 -22.92
CA GLY A 1172 27.59 -25.98 -23.58
C GLY A 1172 28.03 -27.40 -23.80
N ASN A 1173 27.85 -28.26 -22.80
CA ASN A 1173 28.26 -29.66 -22.89
C ASN A 1173 29.73 -29.76 -23.28
N ASP A 1174 30.57 -28.91 -22.67
CA ASP A 1174 31.99 -28.82 -22.97
C ASP A 1174 32.22 -28.45 -24.44
N SER A 1175 31.70 -27.29 -24.80
CA SER A 1175 31.88 -26.78 -26.15
C SER A 1175 30.91 -25.66 -26.42
N GLY A 1176 31.09 -25.03 -27.59
CA GLY A 1176 30.21 -23.96 -28.00
C GLY A 1176 29.01 -24.49 -28.76
N ASP A 1177 27.89 -24.63 -28.07
CA ASP A 1177 26.66 -25.17 -28.65
C ASP A 1177 25.46 -24.32 -28.26
N GLY A 1178 25.62 -22.99 -28.32
CA GLY A 1178 24.55 -22.06 -27.90
C GLY A 1178 23.24 -22.36 -28.60
N GLU A 1179 23.32 -22.77 -29.87
CA GLU A 1179 22.10 -23.10 -30.65
C GLU A 1179 21.33 -24.21 -29.92
N THR A 1180 21.98 -25.35 -29.64
CA THR A 1180 21.28 -26.47 -29.03
C THR A 1180 21.01 -26.27 -27.55
N ILE A 1181 21.62 -25.26 -26.92
CA ILE A 1181 21.29 -24.97 -25.49
C ILE A 1181 19.85 -24.43 -25.46
N PHE A 1182 19.52 -23.56 -26.41
CA PHE A 1182 18.23 -22.89 -26.39
C PHE A 1182 17.16 -23.70 -27.11
N SER A 1183 17.54 -24.43 -28.16
CA SER A 1183 16.57 -25.25 -28.89
C SER A 1183 16.00 -26.36 -28.01
N GLU A 1184 16.83 -26.94 -27.16
CA GLU A 1184 16.36 -28.02 -26.29
C GLU A 1184 15.27 -27.51 -25.35
N LYS A 1185 15.49 -26.34 -24.74
CA LYS A 1185 14.49 -25.81 -23.83
C LYS A 1185 13.28 -25.27 -24.58
N LEU A 1186 13.46 -24.81 -25.82
CA LEU A 1186 12.30 -24.53 -26.67
C LEU A 1186 11.44 -25.77 -26.87
N ASN A 1187 12.07 -26.91 -27.20
CA ASN A 1187 11.31 -28.13 -27.40
C ASN A 1187 10.62 -28.58 -26.12
N ASN A 1188 11.32 -28.49 -24.98
CA ASN A 1188 10.73 -28.88 -23.71
C ASN A 1188 9.52 -28.03 -23.37
N ALA A 1189 9.66 -26.70 -23.50
CA ALA A 1189 8.52 -25.83 -23.26
C ALA A 1189 7.39 -26.13 -24.24
N GLU A 1190 7.72 -26.39 -25.51
CA GLU A 1190 6.69 -26.67 -26.51
C GLU A 1190 5.88 -27.90 -26.15
N LYS A 1191 6.54 -28.95 -25.67
CA LYS A 1191 5.83 -30.17 -25.31
C LYS A 1191 5.21 -30.13 -23.92
N LYS A 1192 5.54 -29.11 -23.11
CA LYS A 1192 5.03 -29.05 -21.73
C LYS A 1192 3.51 -29.19 -21.66
N CYS A 1193 2.77 -28.23 -22.23
CA CYS A 1193 1.32 -28.25 -22.02
C CYS A 1193 0.65 -29.34 -22.84
N LYS A 1194 1.27 -29.79 -23.93
CA LYS A 1194 0.75 -30.97 -24.62
C LYS A 1194 0.77 -32.19 -23.71
N GLU A 1195 1.89 -32.41 -23.00
CA GLU A 1195 1.95 -33.49 -22.04
C GLU A 1195 0.97 -33.27 -20.89
N ASN A 1196 0.83 -32.03 -20.43
CA ASN A 1196 -0.10 -31.74 -19.34
C ASN A 1196 -1.53 -32.08 -19.72
N GLU A 1197 -1.95 -31.69 -20.94
CA GLU A 1197 -3.27 -32.04 -21.42
C GLU A 1197 -3.39 -33.54 -21.68
N SER A 1198 -2.28 -34.20 -22.02
CA SER A 1198 -2.31 -35.64 -22.26
C SER A 1198 -2.58 -36.44 -20.99
N THR A 1199 -2.38 -35.84 -19.82
CA THR A 1199 -2.63 -36.53 -18.56
C THR A 1199 -4.11 -36.80 -18.35
N CYS A 1255 26.21 -41.03 4.38
CA CYS A 1255 25.13 -41.22 5.35
C CYS A 1255 23.96 -41.98 4.72
N ILE A 1256 23.76 -43.21 5.18
CA ILE A 1256 22.74 -44.08 4.60
C ILE A 1256 21.79 -44.54 5.71
N PRO A 1257 20.51 -44.76 5.40
CA PRO A 1257 19.57 -45.22 6.42
C PRO A 1257 19.91 -46.64 6.84
N PRO A 1258 19.54 -47.04 8.07
CA PRO A 1258 19.90 -48.40 8.52
C PRO A 1258 19.27 -49.50 7.68
N ARG A 1259 18.07 -49.29 7.16
CA ARG A 1259 17.39 -50.34 6.39
C ARG A 1259 18.07 -50.61 5.06
N THR A 1260 18.98 -49.74 4.62
CA THR A 1260 19.80 -50.06 3.45
C THR A 1260 20.76 -51.20 3.75
N GLN A 1261 21.11 -51.39 5.03
CA GLN A 1261 22.03 -52.46 5.40
C GLN A 1261 21.46 -53.84 5.07
N ASN A 1262 20.20 -54.07 5.41
CA ASN A 1262 19.55 -55.36 5.21
C ASN A 1262 18.44 -55.24 4.17
N LEU A 1263 18.50 -56.09 3.15
CA LEU A 1263 17.49 -56.13 2.09
C LEU A 1263 17.24 -57.59 1.73
N CYS A 1264 16.48 -57.81 0.66
CA CYS A 1264 16.12 -59.19 0.25
C CYS A 1264 17.17 -59.75 -0.72
N VAL A 1265 18.43 -59.80 -0.29
CA VAL A 1265 19.51 -60.39 -1.14
C VAL A 1265 19.96 -61.69 -0.47
N GLY A 1266 19.01 -62.44 0.08
CA GLY A 1266 19.34 -63.70 0.75
C GLY A 1266 20.03 -64.69 -0.16
N GLU A 1267 19.68 -64.64 -1.45
CA GLU A 1267 20.29 -65.56 -2.45
C GLU A 1267 21.80 -65.30 -2.52
N LEU A 1268 22.23 -64.07 -2.26
CA LEU A 1268 23.64 -63.72 -2.31
C LEU A 1268 24.19 -63.51 -0.90
N ASN A 1293 9.24 -64.93 -5.08
CA ASN A 1293 9.31 -63.93 -3.99
C ASN A 1293 10.70 -63.30 -3.98
N ALA A 1294 11.18 -62.85 -5.14
CA ALA A 1294 12.53 -62.24 -5.26
C ALA A 1294 12.62 -61.02 -4.35
N ILE A 1295 11.84 -59.97 -4.64
CA ILE A 1295 11.83 -58.75 -3.79
C ILE A 1295 10.55 -58.73 -2.96
N GLN A 1296 9.78 -59.83 -3.02
CA GLN A 1296 8.46 -59.82 -2.34
C GLN A 1296 8.57 -60.12 -0.84
N LYS A 1297 9.61 -60.83 -0.38
CA LYS A 1297 9.58 -61.10 1.09
C LYS A 1297 9.95 -59.82 1.84
N GLU A 1298 10.73 -58.93 1.20
CA GLU A 1298 11.09 -57.64 1.84
C GLU A 1298 9.81 -56.84 2.12
N THR A 1299 8.91 -56.71 1.14
CA THR A 1299 7.71 -55.86 1.37
C THR A 1299 6.83 -56.51 2.45
N GLU A 1300 7.01 -57.81 2.73
CA GLU A 1300 6.24 -58.43 3.80
C GLU A 1300 6.88 -58.17 5.16
N LEU A 1301 8.20 -58.33 5.26
CA LEU A 1301 8.87 -58.07 6.53
C LEU A 1301 8.87 -56.59 6.86
N LEU A 1302 8.92 -55.72 5.86
CA LEU A 1302 8.82 -54.28 6.11
C LEU A 1302 7.45 -53.92 6.66
N TYR A 1303 6.40 -54.51 6.10
CA TYR A 1303 5.06 -54.30 6.65
C TYR A 1303 4.94 -54.85 8.07
N GLU A 1304 5.55 -56.00 8.34
CA GLU A 1304 5.56 -56.54 9.69
C GLU A 1304 6.24 -55.59 10.66
N TYR A 1305 7.38 -55.02 10.24
CA TYR A 1305 8.12 -54.10 11.09
C TYR A 1305 7.35 -52.81 11.33
N HIS A 1306 6.73 -52.26 10.28
CA HIS A 1306 5.98 -51.02 10.41
C HIS A 1306 4.63 -51.21 11.08
N ASP A 1307 4.14 -52.44 11.19
CA ASP A 1307 2.82 -52.70 11.74
C ASP A 1307 2.84 -52.88 13.26
N LYS A 1308 3.98 -53.22 13.83
CA LYS A 1308 4.10 -53.44 15.27
C LYS A 1308 3.75 -52.17 16.06
N ASN A 1332 -6.63 -46.64 7.18
CA ASN A 1332 -6.80 -47.20 5.84
C ASN A 1332 -6.08 -48.55 5.71
N GLY A 1333 -6.01 -49.28 6.82
CA GLY A 1333 -5.38 -50.58 6.80
C GLY A 1333 -3.87 -50.56 6.74
N LEU A 1334 -3.26 -49.38 6.89
CA LEU A 1334 -1.81 -49.26 6.88
C LEU A 1334 -1.36 -48.37 8.04
N PRO A 1335 -0.17 -48.64 8.60
CA PRO A 1335 0.36 -47.73 9.62
C PRO A 1335 0.87 -46.43 9.02
N LYS A 1336 1.41 -45.54 9.85
CA LYS A 1336 1.91 -44.27 9.34
C LYS A 1336 3.18 -44.48 8.54
N GLY A 1337 3.23 -43.90 7.35
CA GLY A 1337 4.41 -43.92 6.52
C GLY A 1337 4.91 -45.29 6.12
N PHE A 1338 3.99 -46.21 5.79
CA PHE A 1338 4.39 -47.50 5.26
C PHE A 1338 4.79 -47.41 3.80
N CYS A 1339 4.08 -46.59 3.01
CA CYS A 1339 4.39 -46.49 1.59
C CYS A 1339 5.76 -45.89 1.34
N HIS A 1340 6.18 -44.96 2.20
CA HIS A 1340 7.46 -44.30 2.00
C HIS A 1340 8.63 -45.27 2.13
N ALA A 1341 8.54 -46.21 3.07
CA ALA A 1341 9.62 -47.17 3.25
C ALA A 1341 9.76 -48.09 2.04
N VAL A 1342 8.63 -48.63 1.55
CA VAL A 1342 8.71 -49.47 0.37
C VAL A 1342 9.08 -48.66 -0.87
N GLN A 1343 8.77 -47.37 -0.90
CA GLN A 1343 9.20 -46.51 -1.99
C GLN A 1343 10.72 -46.38 -2.01
N ARG A 1344 11.33 -46.12 -0.85
CA ARG A 1344 12.79 -46.05 -0.81
C ARG A 1344 13.42 -47.42 -1.07
N SER A 1345 12.75 -48.50 -0.68
CA SER A 1345 13.22 -49.83 -1.04
C SER A 1345 13.21 -50.01 -2.56
N PHE A 1346 12.17 -49.51 -3.22
CA PHE A 1346 12.13 -49.51 -4.68
C PHE A 1346 13.31 -48.73 -5.25
N ILE A 1347 13.58 -47.56 -4.68
CA ILE A 1347 14.69 -46.73 -5.17
C ILE A 1347 16.01 -47.47 -5.02
N ASP A 1348 16.24 -48.08 -3.85
CA ASP A 1348 17.48 -48.80 -3.61
C ASP A 1348 17.62 -50.00 -4.53
N TYR A 1349 16.52 -50.73 -4.73
CA TYR A 1349 16.56 -51.94 -5.59
C TYR A 1349 16.84 -51.55 -7.04
N LYS A 1350 16.19 -50.47 -7.51
CA LYS A 1350 16.38 -50.05 -8.90
C LYS A 1350 17.75 -49.43 -9.11
N ASN A 1351 18.34 -48.80 -8.09
CA ASN A 1351 19.71 -48.34 -8.20
C ASN A 1351 20.71 -49.50 -8.14
N MET A 1352 20.35 -50.57 -7.42
CA MET A 1352 21.23 -51.73 -7.31
C MET A 1352 21.37 -52.43 -8.66
N ILE A 1353 20.28 -52.54 -9.41
CA ILE A 1353 20.30 -53.17 -10.72
C ILE A 1353 20.57 -52.13 -11.80
N TYR A 1363 30.50 -53.23 2.00
CA TYR A 1363 29.95 -54.55 2.28
C TYR A 1363 28.87 -54.92 1.28
N ILE A 1364 28.16 -53.92 0.77
CA ILE A 1364 27.15 -54.16 -0.25
C ILE A 1364 27.76 -54.43 -1.63
N GLY A 1365 28.98 -53.95 -1.87
CA GLY A 1365 29.54 -53.98 -3.21
C GLY A 1365 29.58 -55.35 -3.85
N LYS A 1366 29.72 -56.40 -3.03
CA LYS A 1366 29.87 -57.75 -3.58
C LYS A 1366 28.64 -58.16 -4.39
N LEU A 1367 27.44 -57.83 -3.91
CA LEU A 1367 26.22 -58.32 -4.62
C LEU A 1367 26.02 -57.52 -5.90
N GLN A 1368 26.29 -56.21 -5.89
CA GLN A 1368 26.18 -55.45 -7.14
C GLN A 1368 27.20 -55.94 -8.16
N GLU A 1369 28.43 -56.20 -7.71
CA GLU A 1369 29.44 -56.70 -8.64
C GLU A 1369 29.07 -58.07 -9.19
N ASP A 1370 28.55 -58.97 -8.35
CA ASP A 1370 28.15 -60.29 -8.82
C ASP A 1370 27.02 -60.19 -9.82
N ILE A 1371 26.02 -59.35 -9.54
CA ILE A 1371 24.90 -59.21 -10.47
C ILE A 1371 25.35 -58.56 -11.77
N LYS A 1372 26.28 -57.61 -11.71
CA LYS A 1372 26.83 -57.04 -12.93
C LYS A 1372 27.60 -58.08 -13.74
N LYS A 1373 28.33 -58.98 -13.06
CA LYS A 1373 28.99 -60.06 -13.77
C LYS A 1373 27.99 -61.04 -14.38
N ILE A 1374 26.81 -61.15 -13.77
CA ILE A 1374 25.76 -61.96 -14.38
C ILE A 1374 25.36 -61.40 -15.74
N ILE A 1375 25.20 -60.09 -15.84
CA ILE A 1375 24.87 -59.45 -17.11
C ILE A 1375 26.15 -59.09 -17.86
N ASN A 1395 19.61 -51.21 -20.81
CA ASN A 1395 18.98 -51.30 -19.50
C ASN A 1395 17.47 -51.43 -19.61
N ALA A 1396 16.98 -51.65 -20.82
CA ALA A 1396 15.55 -51.88 -21.01
C ALA A 1396 15.10 -53.15 -20.31
N TRP A 1397 16.00 -54.14 -20.20
CA TRP A 1397 15.71 -55.34 -19.44
C TRP A 1397 15.46 -54.99 -17.97
N TRP A 1398 16.27 -54.08 -17.43
CA TRP A 1398 16.06 -53.61 -16.06
C TRP A 1398 14.72 -52.88 -15.93
N LYS A 1399 14.34 -52.11 -16.94
CA LYS A 1399 13.05 -51.43 -16.91
C LYS A 1399 11.89 -52.42 -16.91
N GLY A 1400 11.99 -53.47 -17.73
CA GLY A 1400 10.96 -54.51 -17.72
C GLY A 1400 10.90 -55.23 -16.39
N ILE A 1401 12.08 -55.50 -15.82
CA ILE A 1401 12.11 -56.13 -14.47
C ILE A 1401 11.36 -55.18 -13.53
N GLU A 1402 11.68 -53.88 -13.55
CA GLU A 1402 11.07 -52.94 -12.63
C GLU A 1402 9.55 -52.91 -12.77
N GLY A 1403 9.05 -52.95 -14.00
CA GLY A 1403 7.61 -53.00 -14.19
C GLY A 1403 7.00 -54.28 -13.64
N GLU A 1404 7.63 -55.41 -13.94
CA GLU A 1404 7.16 -56.69 -13.40
C GLU A 1404 7.23 -56.70 -11.88
N MET A 1405 8.23 -56.01 -11.33
CA MET A 1405 8.40 -55.96 -9.85
C MET A 1405 7.28 -55.11 -9.26
N TRP A 1406 6.94 -53.97 -9.89
CA TRP A 1406 5.81 -53.17 -9.41
C TRP A 1406 4.54 -54.01 -9.41
N ASP A 1407 4.31 -54.77 -10.48
CA ASP A 1407 3.15 -55.65 -10.53
C ASP A 1407 3.21 -56.70 -9.41
N ALA A 1408 4.38 -57.28 -9.19
CA ALA A 1408 4.53 -58.28 -8.13
C ALA A 1408 4.34 -57.68 -6.75
N VAL A 1409 4.77 -56.43 -6.54
CA VAL A 1409 4.56 -55.78 -5.25
C VAL A 1409 3.08 -55.51 -5.02
N ARG A 1410 2.36 -55.10 -6.07
CA ARG A 1410 0.91 -54.94 -5.93
C ARG A 1410 0.26 -56.27 -5.59
N CYS A 1411 0.70 -57.36 -6.25
CA CYS A 1411 0.18 -58.68 -5.93
C CYS A 1411 0.49 -59.07 -4.49
N ALA A 1412 1.69 -58.72 -4.01
CA ALA A 1412 2.06 -59.00 -2.63
C ALA A 1412 1.19 -58.22 -1.65
N ILE A 1413 0.87 -56.97 -1.99
CA ILE A 1413 -0.05 -56.20 -1.16
C ILE A 1413 -1.42 -56.86 -1.09
N THR A 1414 -1.91 -57.34 -2.24
CA THR A 1414 -3.18 -58.07 -2.23
C THR A 1414 -3.09 -59.34 -1.39
N LYS A 1415 -1.97 -60.06 -1.49
CA LYS A 1415 -1.79 -61.28 -0.70
C LYS A 1415 -1.78 -60.97 0.79
N ILE A 1416 -1.11 -59.90 1.19
CA ILE A 1416 -1.09 -59.49 2.59
C ILE A 1416 -2.49 -59.11 3.05
N ASN A 1417 -3.23 -58.39 2.20
CA ASN A 1417 -4.62 -58.05 2.53
C ASN A 1417 -5.47 -59.30 2.69
N LYS A 1418 -5.16 -60.36 1.93
CA LYS A 1418 -5.92 -61.61 2.03
C LYS A 1418 -5.84 -62.18 3.44
N LYS A 1419 -4.64 -62.22 4.02
CA LYS A 1419 -4.49 -62.76 5.37
C LYS A 1419 -5.11 -61.85 6.41
N GLN A 1420 -5.18 -60.55 6.14
CA GLN A 1420 -5.76 -59.60 7.08
C GLN A 1420 -7.27 -59.75 7.15
N LYS A 1449 13.87 -35.71 2.77
CA LYS A 1449 14.43 -37.04 2.59
C LYS A 1449 14.13 -37.86 3.85
N GLU A 1450 14.38 -39.17 3.78
CA GLU A 1450 14.00 -40.07 4.86
C GLU A 1450 14.70 -39.71 6.16
N TRP A 1451 15.96 -39.30 6.09
CA TRP A 1451 16.67 -38.88 7.28
C TRP A 1451 15.98 -37.69 7.92
N SER A 1452 15.50 -36.75 7.11
CA SER A 1452 14.76 -35.61 7.66
C SER A 1452 13.48 -36.06 8.36
N GLU A 1453 12.76 -37.01 7.77
CA GLU A 1453 11.52 -37.49 8.39
C GLU A 1453 11.81 -38.17 9.73
N GLN A 1454 12.82 -39.04 9.76
CA GLN A 1454 13.18 -39.72 11.00
C GLN A 1454 13.63 -38.73 12.06
N PHE A 1455 14.45 -37.75 11.66
CA PHE A 1455 14.92 -36.75 12.61
C PHE A 1455 13.77 -35.91 13.14
N CYS A 1456 12.83 -35.54 12.27
CA CYS A 1456 11.70 -34.73 12.72
C CYS A 1456 10.81 -35.50 13.69
N ILE A 1457 10.53 -36.77 13.41
CA ILE A 1457 9.68 -37.53 14.32
C ILE A 1457 10.40 -37.79 15.64
N GLU A 1458 11.71 -38.06 15.58
CA GLU A 1458 12.47 -38.24 16.82
C GLU A 1458 12.52 -36.95 17.62
N ARG A 1459 12.65 -35.81 16.96
CA ARG A 1459 12.68 -34.53 17.67
C ARG A 1459 11.32 -34.20 18.26
N LEU A 1460 10.23 -34.58 17.60
CA LEU A 1460 8.92 -34.41 18.20
C LEU A 1460 8.76 -35.29 19.44
N GLN A 1461 9.26 -36.53 19.38
CA GLN A 1461 9.27 -37.38 20.57
C GLN A 1461 10.10 -36.76 21.68
N TYR A 1462 11.23 -36.16 21.33
CA TYR A 1462 12.09 -35.51 22.32
C TYR A 1462 11.41 -34.30 22.93
N GLU A 1463 10.67 -33.52 22.12
CA GLU A 1463 9.91 -32.41 22.67
C GLU A 1463 8.84 -32.90 23.62
N LYS A 1464 8.17 -34.00 23.29
CA LYS A 1464 7.19 -34.59 24.21
C LYS A 1464 7.85 -35.00 25.51
N ASN A 1465 9.03 -35.63 25.42
CA ASN A 1465 9.75 -36.04 26.62
C ASN A 1465 10.14 -34.83 27.48
N ILE A 1466 10.64 -33.77 26.83
CA ILE A 1466 11.07 -32.59 27.57
C ILE A 1466 9.89 -31.93 28.26
N ARG A 1467 8.77 -31.76 27.53
CA ARG A 1467 7.59 -31.16 28.13
C ARG A 1467 6.97 -32.04 29.19
N ASP A 1468 7.25 -33.35 29.18
CA ASP A 1468 6.77 -34.25 30.21
C ASP A 1468 7.52 -34.08 31.54
N ALA A 1469 8.38 -33.08 31.66
CA ALA A 1469 9.09 -32.83 32.90
C ALA A 1469 8.96 -31.36 33.30
N GLY A 1481 12.28 -31.55 37.71
CA GLY A 1481 12.41 -32.97 37.99
C GLY A 1481 13.25 -33.71 36.98
N ASP A 1482 14.57 -33.69 37.21
CA ASP A 1482 15.54 -34.36 36.34
C ASP A 1482 15.44 -33.85 34.90
N CYS A 1483 15.04 -32.59 34.74
CA CYS A 1483 14.92 -32.01 33.41
C CYS A 1483 16.28 -31.85 32.75
N LYS A 1484 17.35 -31.69 33.54
CA LYS A 1484 18.68 -31.52 32.97
C LYS A 1484 19.16 -32.78 32.28
N ARG A 1485 18.77 -33.96 32.76
CA ARG A 1485 19.20 -35.21 32.13
C ARG A 1485 18.67 -35.31 30.70
N LYS A 1486 17.36 -35.13 30.53
CA LYS A 1486 16.76 -35.26 29.21
C LYS A 1486 17.21 -34.14 28.28
N CYS A 1487 17.32 -32.91 28.79
CA CYS A 1487 17.81 -31.82 27.95
C CYS A 1487 19.25 -32.04 27.52
N GLU A 1488 20.09 -32.55 28.44
CA GLU A 1488 21.48 -32.85 28.09
C GLU A 1488 21.56 -33.95 27.04
N GLU A 1489 20.73 -34.99 27.17
CA GLU A 1489 20.74 -36.05 26.18
C GLU A 1489 20.22 -35.54 24.84
N TYR A 1490 19.24 -34.64 24.86
CA TYR A 1490 18.75 -34.02 23.63
C TYR A 1490 19.85 -33.22 22.95
N LYS A 1491 20.61 -32.45 23.74
CA LYS A 1491 21.70 -31.64 23.17
C LYS A 1491 22.79 -32.52 22.60
N LYS A 1492 23.17 -33.60 23.29
CA LYS A 1492 24.21 -34.46 22.74
C LYS A 1492 23.70 -35.22 21.53
N TYR A 1493 22.40 -35.50 21.47
CA TYR A 1493 21.82 -36.10 20.28
C TYR A 1493 21.93 -35.17 19.08
N ILE A 1494 21.62 -33.89 19.28
CA ILE A 1494 21.77 -32.92 18.19
C ILE A 1494 23.24 -32.82 17.78
N SER A 1495 24.14 -32.81 18.76
CA SER A 1495 25.57 -32.73 18.44
C SER A 1495 25.99 -33.94 17.62
N GLU A 1496 25.51 -35.13 17.98
CA GLU A 1496 25.83 -36.34 17.23
C GLU A 1496 25.29 -36.28 15.81
N LYS A 1497 24.04 -35.82 15.64
CA LYS A 1497 23.43 -35.80 14.31
C LYS A 1497 23.93 -34.65 13.44
N LYS A 1498 24.64 -33.68 14.04
CA LYS A 1498 25.21 -32.60 13.25
C LYS A 1498 26.16 -33.13 12.17
N GLN A 1499 26.97 -34.13 12.52
CA GLN A 1499 27.87 -34.72 11.52
C GLN A 1499 27.09 -35.36 10.38
N GLU A 1500 25.96 -35.99 10.67
CA GLU A 1500 25.15 -36.57 9.60
C GLU A 1500 24.52 -35.49 8.71
N TRP A 1501 24.01 -34.41 9.30
CA TRP A 1501 23.42 -33.36 8.48
C TRP A 1501 24.48 -32.57 7.73
N ASP A 1502 25.67 -32.44 8.30
CA ASP A 1502 26.74 -31.71 7.61
C ASP A 1502 26.99 -32.29 6.22
N LYS A 1503 26.89 -33.60 6.07
CA LYS A 1503 27.01 -34.25 4.77
C LYS A 1503 25.67 -34.44 4.07
N GLN A 1504 24.57 -33.94 4.63
CA GLN A 1504 23.25 -34.19 4.09
C GLN A 1504 22.69 -33.03 3.29
N LYS A 1505 22.69 -31.81 3.85
CA LYS A 1505 22.05 -30.68 3.19
C LYS A 1505 22.78 -30.27 1.92
N THR A 1506 24.11 -30.36 1.90
CA THR A 1506 24.86 -29.95 0.71
C THR A 1506 24.50 -30.82 -0.49
N LYS A 1507 24.44 -32.14 -0.31
CA LYS A 1507 24.22 -33.03 -1.43
C LYS A 1507 22.86 -32.84 -2.07
N TYR A 1508 21.90 -32.24 -1.36
CA TYR A 1508 20.60 -31.92 -1.93
C TYR A 1508 20.39 -30.42 -2.08
N GLU A 1509 21.43 -29.62 -1.89
CA GLU A 1509 21.39 -28.19 -2.17
C GLU A 1509 22.59 -27.67 -2.96
N ASN A 1510 23.72 -28.38 -2.95
CA ASN A 1510 24.85 -28.07 -3.82
C ASN A 1510 24.75 -28.79 -5.16
N LYS A 1511 24.35 -30.06 -5.16
CA LYS A 1511 24.16 -30.80 -6.39
C LYS A 1511 23.02 -30.22 -7.24
N TYR A 1512 21.99 -29.67 -6.61
CA TYR A 1512 20.86 -29.07 -7.32
C TYR A 1512 20.94 -27.56 -7.37
N VAL A 1513 21.86 -26.95 -6.64
CA VAL A 1513 22.05 -25.50 -6.61
C VAL A 1513 20.75 -24.76 -6.31
N PHE A 1533 15.66 -27.52 8.26
CA PHE A 1533 15.57 -26.18 8.84
C PHE A 1533 16.98 -25.76 9.25
N ASP A 1534 17.17 -24.46 9.52
CA ASP A 1534 18.50 -23.91 9.73
C ASP A 1534 18.87 -23.70 11.19
N PHE A 1535 17.91 -23.35 12.06
CA PHE A 1535 18.24 -23.02 13.43
C PHE A 1535 18.78 -24.24 14.18
N ILE A 1536 18.24 -25.43 13.90
CA ILE A 1536 18.56 -26.60 14.70
C ILE A 1536 20.03 -26.97 14.58
N PHE A 1537 20.67 -26.60 13.47
CA PHE A 1537 22.10 -26.85 13.26
C PHE A 1537 22.78 -25.58 12.74
N ASN A 1538 22.52 -24.47 13.41
CA ASN A 1538 23.25 -23.24 13.11
C ASN A 1538 24.63 -23.33 13.76
N ASP A 1539 25.68 -23.05 12.98
CA ASP A 1539 27.05 -23.30 13.40
C ASP A 1539 27.71 -22.10 14.07
N ASN A 1540 26.98 -21.02 14.30
CA ASN A 1540 27.56 -19.85 14.93
C ASN A 1540 27.96 -20.16 16.37
N ILE A 1541 29.07 -19.54 16.80
CA ILE A 1541 29.53 -19.71 18.18
C ILE A 1541 28.51 -19.13 19.15
N GLU A 1542 28.00 -17.93 18.84
CA GLU A 1542 27.04 -17.27 19.73
C GLU A 1542 25.79 -18.12 19.91
N TYR A 1543 25.44 -18.93 18.92
CA TYR A 1543 24.38 -19.91 19.08
C TYR A 1543 24.69 -20.85 20.25
N LYS A 1544 25.88 -21.44 20.24
CA LYS A 1544 26.28 -22.34 21.32
C LYS A 1544 26.42 -21.62 22.65
N THR A 1545 26.65 -20.30 22.63
CA THR A 1545 26.73 -19.55 23.89
C THR A 1545 25.35 -19.31 24.48
N TYR A 1546 24.48 -18.61 23.75
CA TYR A 1546 23.17 -18.26 24.29
C TYR A 1546 22.19 -19.42 24.20
N TYR A 1547 22.08 -20.07 23.04
CA TYR A 1547 20.98 -20.98 22.79
C TYR A 1547 21.47 -22.41 22.57
N PRO A 1548 21.48 -23.25 23.60
CA PRO A 1548 21.75 -24.68 23.40
C PRO A 1548 20.51 -25.53 23.13
N TYR A 1549 19.35 -24.91 22.88
CA TYR A 1549 18.11 -25.62 22.60
C TYR A 1549 17.85 -25.58 21.11
N GLY A 1550 18.22 -26.66 20.42
CA GLY A 1550 17.99 -26.77 18.99
C GLY A 1550 16.53 -26.89 18.62
N SER A 1576 21.48 -12.20 21.06
CA SER A 1576 20.76 -13.03 20.11
C SER A 1576 21.72 -13.83 19.23
N LEU A 1577 21.26 -14.16 18.03
CA LEU A 1577 22.03 -14.98 17.10
C LEU A 1577 22.29 -14.25 15.77
N CYS A 1578 21.88 -12.99 15.66
CA CYS A 1578 22.10 -12.25 14.42
C CYS A 1578 23.59 -12.03 14.20
N HIS A 1579 23.92 -11.60 12.99
CA HIS A 1579 25.32 -11.37 12.61
C HIS A 1579 25.34 -10.25 11.56
N GLU A 1580 26.52 -9.99 11.01
CA GLU A 1580 26.68 -8.93 10.03
C GLU A 1580 25.89 -9.25 8.76
N LYS A 1581 25.21 -8.24 8.23
CA LYS A 1581 24.35 -8.40 7.06
C LYS A 1581 25.22 -8.39 5.81
N GLY A 1582 25.56 -9.58 5.32
CA GLY A 1582 26.33 -9.68 4.09
C GLY A 1582 25.57 -9.07 2.92
N ASN A 1583 26.26 -8.24 2.14
CA ASN A 1583 25.65 -7.54 1.01
C ASN A 1583 25.66 -8.37 -0.27
N ASP A 1584 25.85 -9.68 -0.18
CA ASP A 1584 25.92 -10.53 -1.36
C ASP A 1584 24.56 -10.95 -1.89
N ARG A 1585 23.48 -10.74 -1.14
CA ARG A 1585 22.16 -11.18 -1.55
C ARG A 1585 21.63 -10.31 -2.68
N THR A 1586 20.74 -10.91 -3.48
CA THR A 1586 20.10 -10.22 -4.60
C THR A 1586 18.59 -10.34 -4.50
N TRP A 1587 17.88 -9.93 -5.54
CA TRP A 1587 16.43 -10.02 -5.58
C TRP A 1587 16.01 -11.33 -6.21
N SER A 1588 15.18 -12.09 -5.51
CA SER A 1588 14.66 -13.36 -5.99
C SER A 1588 13.20 -13.49 -5.59
N LYS A 1589 12.44 -14.22 -6.42
CA LYS A 1589 11.00 -14.47 -6.11
C LYS A 1589 10.84 -15.89 -5.58
N LYS A 1590 11.06 -16.09 -4.27
CA LYS A 1590 10.92 -17.39 -3.64
C LYS A 1590 10.08 -17.24 -2.39
N TYR A 1591 9.19 -18.20 -2.17
CA TYR A 1591 8.38 -18.30 -0.94
C TYR A 1591 7.30 -17.23 -0.86
N ILE A 1592 6.84 -16.72 -2.00
CA ILE A 1592 5.76 -15.73 -2.02
C ILE A 1592 4.43 -16.46 -2.18
N LYS A 1593 3.48 -16.14 -1.30
CA LYS A 1593 2.12 -16.66 -1.43
C LYS A 1593 1.16 -15.83 -0.58
N GLU A 1602 1.59 -13.47 -7.63
CA GLU A 1602 2.82 -13.99 -8.21
C GLU A 1602 3.44 -12.99 -9.19
N GLY A 1603 4.75 -12.80 -9.07
CA GLY A 1603 5.45 -11.82 -9.88
C GLY A 1603 6.09 -10.73 -9.05
N VAL A 1604 6.33 -11.02 -7.77
CA VAL A 1604 6.90 -10.07 -6.83
C VAL A 1604 8.24 -10.60 -6.35
N TYR A 1605 9.23 -9.71 -6.25
CA TYR A 1605 10.58 -10.07 -5.85
C TYR A 1605 10.85 -9.55 -4.43
N VAL A 1606 11.41 -10.49 -3.65
CA VAL A 1606 11.74 -10.21 -2.23
C VAL A 1606 13.02 -9.38 -2.16
N PRO A 1607 13.09 -8.21 -1.45
CA PRO A 1607 14.37 -7.52 -1.29
C PRO A 1607 15.28 -8.27 -0.35
N PRO A 1608 16.60 -8.08 -0.47
CA PRO A 1608 17.52 -8.77 0.44
C PRO A 1608 17.31 -8.41 1.89
N ARG A 1609 16.87 -7.18 2.17
CA ARG A 1609 16.64 -6.78 3.56
C ARG A 1609 15.58 -7.66 4.22
N ARG A 1610 14.50 -7.96 3.50
CA ARG A 1610 13.51 -8.89 4.01
C ARG A 1610 14.07 -10.30 4.13
N GLN A 1611 14.92 -10.71 3.17
CA GLN A 1611 15.52 -12.03 3.23
C GLN A 1611 16.47 -12.18 4.41
N GLN A 1612 16.99 -11.08 4.94
CA GLN A 1612 17.97 -11.14 6.02
C GLN A 1612 17.39 -10.72 7.38
N LEU A 1613 16.07 -10.67 7.50
CA LEU A 1613 15.48 -10.41 8.81
C LEU A 1613 15.82 -11.52 9.78
N CYS A 1614 16.10 -11.14 11.03
CA CYS A 1614 16.30 -12.12 12.09
C CYS A 1614 14.94 -12.64 12.57
N LEU A 1615 14.85 -13.97 12.67
CA LEU A 1615 13.65 -14.62 13.25
C LEU A 1615 14.18 -15.86 13.97
N TYR A 1616 15.50 -15.92 14.24
CA TYR A 1616 16.10 -17.12 14.80
C TYR A 1616 15.58 -17.39 16.20
N GLU A 1617 15.50 -16.35 17.04
CA GLU A 1617 15.08 -16.53 18.43
C GLU A 1617 13.57 -16.64 18.58
N LEU A 1618 12.79 -16.27 17.58
CA LEU A 1618 11.34 -16.48 17.63
C LEU A 1618 10.97 -17.95 17.47
N PHE A 1619 11.90 -18.79 17.01
CA PHE A 1619 11.65 -20.21 16.74
C PHE A 1619 11.59 -21.04 18.02
N PRO A 1620 12.61 -21.01 18.89
CA PRO A 1620 12.50 -21.78 20.13
C PRO A 1620 11.39 -21.29 21.03
N ILE A 1621 11.07 -20.00 20.99
CA ILE A 1621 9.97 -19.47 21.78
C ILE A 1621 8.66 -20.09 21.34
N ILE A 1622 8.46 -20.20 20.03
CA ILE A 1622 7.26 -20.83 19.50
C ILE A 1622 7.22 -22.32 19.87
N ILE A 1623 8.37 -22.99 19.76
CA ILE A 1623 8.43 -24.41 20.09
C ILE A 1623 8.08 -24.64 21.56
N LYS A 1624 8.59 -23.81 22.46
CA LYS A 1624 8.35 -24.00 23.89
C LYS A 1624 6.88 -23.81 24.26
N ASN A 1625 6.15 -22.99 23.52
CA ASN A 1625 4.76 -22.68 23.84
C ASN A 1625 3.77 -23.65 23.20
N LYS A 1626 4.17 -24.88 22.91
CA LYS A 1626 3.24 -25.85 22.37
C LYS A 1626 2.15 -26.16 23.38
N ASN A 1627 0.90 -26.04 22.94
CA ASN A 1627 -0.28 -26.21 23.80
C ASN A 1627 -0.25 -25.26 24.99
N ASP A 1628 0.32 -24.07 24.77
CA ASP A 1628 0.46 -23.05 25.81
C ASP A 1628 0.24 -21.68 25.17
N ILE A 1629 -0.72 -20.92 25.70
CA ILE A 1629 -1.04 -19.59 25.21
C ILE A 1629 -0.75 -18.51 26.24
N THR A 1630 -0.46 -18.89 27.49
CA THR A 1630 -0.19 -17.89 28.52
C THR A 1630 1.04 -17.07 28.19
N ASN A 1631 2.11 -17.72 27.73
CA ASN A 1631 3.34 -17.03 27.34
C ASN A 1631 3.32 -16.53 25.91
N ALA A 1632 2.25 -16.82 25.16
CA ALA A 1632 2.17 -16.41 23.77
C ALA A 1632 2.13 -14.89 23.64
N LYS A 1633 1.34 -14.23 24.48
CA LYS A 1633 1.27 -12.78 24.50
C LYS A 1633 2.31 -12.16 25.43
N LYS A 1634 3.12 -12.97 26.10
CA LYS A 1634 4.11 -12.47 27.05
C LYS A 1634 5.54 -12.74 26.59
N GLU A 1635 5.90 -14.00 26.34
CA GLU A 1635 7.28 -14.33 26.01
C GLU A 1635 7.61 -13.96 24.57
N LEU A 1636 6.65 -14.15 23.66
CA LEU A 1636 6.87 -13.79 22.27
C LEU A 1636 7.07 -12.30 22.10
N LEU A 1637 6.42 -11.48 22.92
CA LEU A 1637 6.63 -10.03 22.85
C LEU A 1637 8.06 -9.67 23.25
N GLU A 1638 8.58 -10.29 24.32
CA GLU A 1638 9.97 -10.05 24.70
C GLU A 1638 10.92 -10.48 23.60
N THR A 1639 10.63 -11.62 22.97
CA THR A 1639 11.47 -12.08 21.86
C THR A 1639 11.39 -11.11 20.69
N LEU A 1640 10.21 -10.54 20.43
CA LEU A 1640 10.05 -9.53 19.40
C LEU A 1640 10.93 -8.32 19.68
N GLN A 1641 10.91 -7.85 20.93
CA GLN A 1641 11.76 -6.72 21.31
C GLN A 1641 13.24 -7.04 21.07
N ILE A 1642 13.68 -8.21 21.54
CA ILE A 1642 15.09 -8.57 21.41
C ILE A 1642 15.49 -8.64 19.93
N VAL A 1643 14.67 -9.30 19.12
CA VAL A 1643 15.02 -9.49 17.72
C VAL A 1643 14.98 -8.17 16.96
N ALA A 1644 14.04 -7.29 17.28
CA ALA A 1644 14.01 -5.98 16.64
C ALA A 1644 15.24 -5.16 17.01
N GLU A 1645 15.64 -5.20 18.27
CA GLU A 1645 16.82 -4.47 18.70
C GLU A 1645 18.06 -4.96 17.96
N ARG A 1646 18.22 -6.29 17.87
CA ARG A 1646 19.39 -6.82 17.17
C ARG A 1646 19.34 -6.50 15.68
N GLU A 1647 18.16 -6.55 15.07
CA GLU A 1647 18.03 -6.20 13.66
C GLU A 1647 18.43 -4.76 13.41
N ALA A 1648 17.94 -3.82 14.23
CA ALA A 1648 18.32 -2.43 14.06
C ALA A 1648 19.81 -2.22 14.26
N TYR A 1649 20.37 -2.84 15.30
CA TYR A 1649 21.80 -2.73 15.56
C TYR A 1649 22.61 -3.18 14.36
N TYR A 1650 22.29 -4.35 13.82
CA TYR A 1650 23.12 -4.88 12.73
C TYR A 1650 22.88 -4.15 11.41
N LEU A 1651 21.66 -3.65 11.17
CA LEU A 1651 21.44 -2.82 10.00
C LEU A 1651 22.25 -1.53 10.08
N TRP A 1652 22.25 -0.90 11.26
CA TRP A 1652 23.02 0.33 11.43
C TRP A 1652 24.52 0.06 11.31
N LYS A 1653 24.95 -1.12 11.75
CA LYS A 1653 26.40 -1.45 11.73
C LYS A 1653 26.84 -1.73 10.29
N GLN A 1654 25.89 -1.92 9.37
CA GLN A 1654 26.26 -2.27 7.98
C GLN A 1654 25.94 -1.11 7.03
N TYR A 1655 24.98 -0.25 7.39
CA TYR A 1655 24.57 0.85 6.49
C TYR A 1655 25.38 2.11 6.82
N HIS A 1656 25.79 2.26 8.08
CA HIS A 1656 26.69 3.41 8.41
C HIS A 1656 28.05 3.08 7.82
N ALA A 1657 28.38 1.79 7.71
CA ALA A 1657 29.65 1.38 7.06
C ALA A 1657 29.60 1.76 5.58
N HIS A 1658 28.46 1.53 4.91
CA HIS A 1658 28.33 1.81 3.46
C HIS A 1658 28.99 3.16 3.13
N ASN A 1659 28.75 4.17 3.96
CA ASN A 1659 29.38 5.50 3.75
C ASN A 1659 29.94 5.98 5.09
N ASP A 1660 31.15 5.53 5.45
CA ASP A 1660 31.74 5.91 6.76
C ASP A 1660 31.80 7.43 6.89
N THR A 1661 31.38 7.97 8.03
CA THR A 1661 31.43 9.45 8.29
C THR A 1661 30.65 10.20 7.21
N THR A 1662 29.38 9.84 6.98
CA THR A 1662 28.53 10.60 6.01
C THR A 1662 27.10 10.73 6.54
N TYR A 1663 26.41 11.81 6.18
CA TYR A 1663 25.03 12.07 6.64
C TYR A 1663 24.07 11.10 5.92
N LEU A 1664 24.25 10.93 4.61
CA LEU A 1664 23.32 10.07 3.82
C LEU A 1664 23.40 8.61 4.28
N ALA A 1665 24.54 8.19 4.84
CA ALA A 1665 24.67 6.81 5.35
C ALA A 1665 23.58 6.54 6.38
N HIS A 1666 23.50 7.38 7.43
CA HIS A 1666 22.51 7.12 8.51
C HIS A 1666 21.09 7.36 7.99
N LYS A 1667 20.93 8.16 6.92
CA LYS A 1667 19.61 8.33 6.32
C LYS A 1667 19.14 7.02 5.68
N LYS A 1668 20.00 6.40 4.87
CA LYS A 1668 19.66 5.11 4.26
C LYS A 1668 19.55 4.02 5.31
N ALA A 1669 20.36 4.10 6.38
CA ALA A 1669 20.21 3.16 7.49
C ALA A 1669 18.83 3.27 8.11
N CYS A 1670 18.36 4.50 8.34
CA CYS A 1670 17.02 4.69 8.90
C CYS A 1670 15.96 4.16 7.96
N CYS A 1671 16.12 4.38 6.66
CA CYS A 1671 15.16 3.85 5.69
C CYS A 1671 15.10 2.33 5.75
N ALA A 1672 16.26 1.67 5.77
CA ALA A 1672 16.29 0.22 5.82
C ALA A 1672 15.72 -0.32 7.13
N ILE A 1673 16.00 0.35 8.24
CA ILE A 1673 15.47 -0.08 9.53
C ILE A 1673 13.95 0.07 9.56
N ARG A 1674 13.43 1.15 9.00
CA ARG A 1674 11.98 1.31 8.92
C ARG A 1674 11.36 0.22 8.05
N GLY A 1675 12.01 -0.10 6.93
CA GLY A 1675 11.49 -1.17 6.09
C GLY A 1675 11.49 -2.51 6.80
N SER A 1676 12.55 -2.81 7.55
CA SER A 1676 12.60 -4.05 8.31
C SER A 1676 11.52 -4.08 9.38
N PHE A 1677 11.29 -2.94 10.04
CA PHE A 1677 10.24 -2.89 11.05
C PHE A 1677 8.86 -3.11 10.43
N TYR A 1678 8.62 -2.52 9.25
CA TYR A 1678 7.35 -2.73 8.57
C TYR A 1678 7.17 -4.19 8.17
N ASP A 1679 8.23 -4.83 7.68
CA ASP A 1679 8.14 -6.24 7.33
C ASP A 1679 7.91 -7.11 8.56
N LEU A 1680 8.55 -6.78 9.69
CA LEU A 1680 8.30 -7.50 10.93
C LEU A 1680 6.86 -7.34 11.38
N GLU A 1681 6.33 -6.12 11.27
CA GLU A 1681 4.93 -5.88 11.62
C GLU A 1681 4.00 -6.70 10.73
N ASP A 1682 4.29 -6.77 9.44
CA ASP A 1682 3.44 -7.51 8.52
C ASP A 1682 3.63 -9.02 8.64
N ILE A 1683 4.70 -9.47 9.31
CA ILE A 1683 4.81 -10.94 9.58
C ILE A 1683 3.70 -11.24 10.58
N ILE A 1684 3.44 -10.32 11.52
CA ILE A 1684 2.41 -10.51 12.52
C ILE A 1684 1.10 -9.84 12.10
N LYS A 1685 0.95 -9.50 10.81
CA LYS A 1685 -0.27 -8.73 10.42
C LYS A 1685 -0.76 -9.20 9.05
N GLY A 1686 -1.97 -9.75 8.99
CA GLY A 1686 -2.45 -10.29 7.71
C GLY A 1686 -1.56 -11.43 7.25
N ASN A 1687 -1.24 -11.46 5.96
CA ASN A 1687 -0.42 -12.58 5.42
C ASN A 1687 0.90 -12.01 4.87
N ASP A 1688 2.02 -12.26 5.56
CA ASP A 1688 3.35 -11.84 5.04
C ASP A 1688 3.51 -12.41 3.63
N LEU A 1689 3.65 -11.56 2.62
CA LEU A 1689 3.76 -12.03 1.21
C LEU A 1689 4.77 -13.18 1.17
N VAL A 1690 5.94 -12.94 1.80
CA VAL A 1690 7.04 -13.97 1.84
C VAL A 1690 6.73 -15.03 2.88
N HIS A 1691 6.80 -16.29 2.47
CA HIS A 1691 6.64 -17.41 3.39
C HIS A 1691 7.97 -18.14 3.54
N ASP A 1692 9.02 -17.37 3.82
CA ASP A 1692 10.34 -17.88 4.20
C ASP A 1692 10.17 -18.96 5.26
N GLU A 1693 11.05 -19.98 5.26
CA GLU A 1693 10.79 -21.15 6.10
C GLU A 1693 10.77 -20.79 7.58
N TYR A 1694 11.35 -19.66 7.97
CA TYR A 1694 11.18 -19.18 9.33
C TYR A 1694 9.79 -18.59 9.53
N THR A 1695 9.46 -17.60 8.72
CA THR A 1695 8.16 -16.92 8.92
C THR A 1695 7.02 -17.86 8.53
N LYS A 1696 7.24 -18.83 7.62
CA LYS A 1696 6.20 -19.79 7.28
C LYS A 1696 5.73 -20.55 8.52
N TYR A 1697 6.68 -21.15 9.24
CA TYR A 1697 6.32 -21.86 10.47
C TYR A 1697 5.85 -20.89 11.55
N ILE A 1698 6.42 -19.69 11.60
CA ILE A 1698 6.02 -18.72 12.60
C ILE A 1698 4.54 -18.38 12.45
N ASP A 1699 4.10 -18.08 11.22
CA ASP A 1699 2.69 -17.79 11.02
C ASP A 1699 1.83 -19.04 11.16
N SER A 1700 2.33 -20.21 10.71
CA SER A 1700 1.57 -21.44 10.86
C SER A 1700 1.29 -21.74 12.32
N LYS A 1701 2.15 -21.28 13.24
CA LYS A 1701 1.94 -21.51 14.66
C LYS A 1701 1.17 -20.38 15.34
N LEU A 1702 1.43 -19.12 14.99
CA LEU A 1702 0.72 -18.03 15.65
C LEU A 1702 -0.58 -17.66 14.96
N ASN A 1703 -1.01 -18.39 13.93
CA ASN A 1703 -2.42 -18.35 13.57
C ASN A 1703 -3.23 -19.34 14.38
N GLU A 1704 -2.55 -20.30 15.03
CA GLU A 1704 -3.19 -21.18 16.00
C GLU A 1704 -3.09 -20.64 17.41
N ILE A 1705 -2.10 -19.80 17.69
CA ILE A 1705 -1.99 -19.17 19.00
C ILE A 1705 -3.23 -18.31 19.27
N PHE A 1706 -3.63 -17.49 18.30
CA PHE A 1706 -4.78 -16.61 18.45
C PHE A 1706 -6.05 -17.22 17.87
N ASP A 1707 -6.18 -18.54 17.93
CA ASP A 1707 -7.27 -19.24 17.27
C ASP A 1707 -8.15 -19.96 18.29
N SER A 1708 -9.43 -20.06 17.96
CA SER A 1708 -10.37 -20.89 18.69
C SER A 1708 -10.99 -21.96 17.80
N SER A 1709 -10.40 -22.22 16.64
CA SER A 1709 -10.87 -23.23 15.69
C SER A 1709 -12.29 -22.95 15.22
N ASN A 1710 -12.54 -21.69 14.85
CA ASN A 1710 -13.83 -21.28 14.30
C ASN A 1710 -13.72 -20.82 12.86
N LYS A 1711 -12.88 -19.83 12.59
CA LYS A 1711 -12.68 -19.32 11.23
C LYS A 1711 -11.19 -19.11 11.01
N ASN A 1712 -10.85 -18.46 9.89
CA ASN A 1712 -9.48 -18.12 9.57
C ASN A 1712 -9.34 -16.71 9.02
N ASP A 1713 -10.40 -15.90 9.08
CA ASP A 1713 -10.38 -14.54 8.60
C ASP A 1713 -10.60 -13.51 9.70
N ILE A 1714 -11.67 -13.66 10.48
CA ILE A 1714 -11.92 -12.74 11.59
C ILE A 1714 -11.35 -13.26 12.90
N GLU A 1715 -11.37 -14.57 13.11
CA GLU A 1715 -10.84 -15.13 14.36
C GLU A 1715 -9.33 -14.95 14.46
N THR A 1716 -8.62 -15.09 13.35
CA THR A 1716 -7.16 -15.12 13.38
C THR A 1716 -6.52 -13.79 12.98
N LYS A 1717 -6.82 -13.30 11.78
CA LYS A 1717 -6.12 -12.13 11.28
C LYS A 1717 -6.55 -10.87 12.01
N ARG A 1718 -7.85 -10.70 12.25
CA ARG A 1718 -8.31 -9.52 12.98
C ARG A 1718 -7.81 -9.52 14.42
N ALA A 1719 -7.82 -10.68 15.08
CA ALA A 1719 -7.29 -10.76 16.44
C ALA A 1719 -5.80 -10.48 16.48
N ARG A 1720 -5.06 -10.98 15.49
CA ARG A 1720 -3.62 -10.72 15.44
C ARG A 1720 -3.35 -9.23 15.21
N THR A 1721 -4.13 -8.60 14.33
CA THR A 1721 -3.98 -7.17 14.11
C THR A 1721 -4.31 -6.38 15.37
N ASP A 1722 -5.34 -6.78 16.10
CA ASP A 1722 -5.68 -6.11 17.35
C ASP A 1722 -4.58 -6.32 18.39
N TRP A 1723 -3.94 -7.49 18.39
CA TRP A 1723 -2.78 -7.70 19.26
C TRP A 1723 -1.67 -6.72 18.93
N TRP A 1724 -1.31 -6.61 17.65
CA TRP A 1724 -0.20 -5.73 17.30
C TRP A 1724 -0.55 -4.26 17.51
N GLU A 1725 -1.79 -3.87 17.26
CA GLU A 1725 -2.18 -2.46 17.36
C GLU A 1725 -2.53 -2.06 18.79
N ASN A 1726 -3.37 -2.85 19.46
CA ASN A 1726 -3.91 -2.51 20.77
C ASN A 1726 -3.50 -3.57 21.78
N GLU A 1727 -2.33 -3.39 22.39
CA GLU A 1727 -1.87 -4.28 23.45
C GLU A 1727 -0.79 -3.56 24.25
N ALA A 1728 -0.76 -3.82 25.56
CA ALA A 1728 0.25 -3.24 26.42
C ALA A 1728 1.60 -3.94 26.24
N ILE A 1745 2.54 -2.85 21.25
CA ILE A 1745 3.60 -3.75 20.80
C ILE A 1745 4.32 -3.15 19.62
N ARG A 1746 3.56 -2.45 18.76
CA ARG A 1746 4.16 -1.67 17.69
C ARG A 1746 5.19 -0.69 18.25
N GLN A 1747 4.81 0.08 19.25
CA GLN A 1747 5.71 1.02 19.89
C GLN A 1747 6.83 0.33 20.66
N LEU A 1748 6.56 -0.82 21.29
CA LEU A 1748 7.63 -1.56 21.95
C LEU A 1748 8.66 -2.05 20.95
N VAL A 1749 8.22 -2.56 19.80
CA VAL A 1749 9.16 -3.05 18.80
C VAL A 1749 9.96 -1.89 18.20
N TRP A 1750 9.29 -0.76 17.95
CA TRP A 1750 10.02 0.39 17.42
C TRP A 1750 11.00 0.95 18.44
N ASP A 1751 10.63 0.91 19.73
CA ASP A 1751 11.57 1.33 20.77
C ASP A 1751 12.74 0.37 20.87
N ALA A 1752 12.50 -0.91 20.61
CA ALA A 1752 13.60 -1.86 20.53
C ALA A 1752 14.53 -1.52 19.36
N MET A 1753 13.94 -1.12 18.22
CA MET A 1753 14.75 -0.67 17.09
C MET A 1753 15.62 0.52 17.48
N GLN A 1754 15.00 1.50 18.17
CA GLN A 1754 15.73 2.68 18.61
C GLN A 1754 16.83 2.31 19.59
N SER A 1755 16.54 1.40 20.52
CA SER A 1755 17.56 0.98 21.48
C SER A 1755 18.71 0.26 20.79
N GLY A 1756 18.41 -0.53 19.75
CA GLY A 1756 19.47 -1.16 18.99
C GLY A 1756 20.38 -0.17 18.30
N VAL A 1757 19.78 0.86 17.68
CA VAL A 1757 20.63 1.83 17.00
C VAL A 1757 21.39 2.68 18.02
N ARG A 1758 20.80 2.92 19.21
CA ARG A 1758 21.53 3.63 20.26
C ARG A 1758 22.72 2.81 20.73
N LYS A 1759 22.54 1.49 20.87
CA LYS A 1759 23.66 0.62 21.22
C LYS A 1759 24.73 0.66 20.14
N ALA A 1760 24.32 0.70 18.87
CA ALA A 1760 25.28 0.82 17.78
C ALA A 1760 26.07 2.13 17.90
N ILE A 1761 25.37 3.23 18.16
CA ILE A 1761 26.02 4.54 18.28
C ILE A 1761 27.02 4.53 19.43
N ASP A 1762 26.60 3.97 20.58
CA ASP A 1762 27.50 3.90 21.73
C ASP A 1762 28.69 3.00 21.45
N GLU A 1763 28.49 2.00 20.59
CA GLU A 1763 29.60 1.07 20.23
C GLU A 1763 30.29 1.57 18.97
N GLU A 1764 30.21 2.88 18.68
CA GLU A 1764 30.95 3.46 17.53
C GLU A 1764 32.16 4.22 18.08
N LYS A 1765 32.65 3.83 19.25
CA LYS A 1765 33.87 4.47 19.83
C LYS A 1765 35.09 3.87 19.14
N GLU A 1766 34.98 2.64 18.63
CA GLU A 1766 36.11 2.03 17.88
C GLU A 1766 36.17 2.71 16.51
N LYS A 1767 35.06 3.30 16.07
CA LYS A 1767 35.05 4.03 14.77
C LYS A 1767 35.66 5.41 15.00
N LYS A 1768 35.99 5.73 16.26
CA LYS A 1768 36.58 7.04 16.63
C LYS A 1768 35.74 8.16 16.03
N LYS A 1769 34.42 7.97 15.98
CA LYS A 1769 33.53 8.99 15.37
C LYS A 1769 32.72 9.67 16.49
N PRO A 1770 32.18 10.90 16.29
CA PRO A 1770 31.34 11.55 17.30
C PRO A 1770 30.07 10.75 17.61
N ASN A 1771 29.94 10.29 18.86
CA ASN A 1771 28.73 9.53 19.29
C ASN A 1771 27.87 10.45 20.16
N GLU A 1772 27.85 11.75 19.87
CA GLU A 1772 27.09 12.74 20.68
C GLU A 1772 25.64 12.27 20.88
N ASN A 1773 24.89 12.09 19.78
CA ASN A 1773 23.46 11.72 19.89
C ASN A 1773 23.08 10.76 18.77
N PHE A 1774 21.82 10.32 18.80
CA PHE A 1774 21.28 9.41 17.76
C PHE A 1774 20.63 10.26 16.64
N PRO A 1775 20.84 10.01 15.32
CA PRO A 1775 20.13 10.74 14.27
C PRO A 1775 18.63 10.93 14.51
N PRO A 1776 18.03 12.16 14.37
CA PRO A 1776 16.62 12.37 14.71
C PRO A 1776 15.65 11.73 13.71
N CYS A 1777 16.18 11.01 12.70
CA CYS A 1777 15.29 10.30 11.77
C CYS A 1777 14.66 9.12 12.52
N MET A 1778 15.33 8.62 13.57
CA MET A 1778 14.72 7.56 14.41
C MET A 1778 14.00 8.25 15.58
N GLY A 1779 14.23 9.56 15.77
CA GLY A 1779 13.61 10.30 16.87
C GLY A 1779 12.10 10.08 16.92
N VAL A 1780 11.44 10.14 15.77
CA VAL A 1780 9.96 9.98 15.71
C VAL A 1780 9.59 8.59 16.25
N GLN A 1781 8.65 8.53 17.20
CA GLN A 1781 8.18 7.22 17.73
C GLN A 1781 7.03 6.75 16.83
N HIS A 1782 6.00 7.57 16.65
CA HIS A 1782 4.92 7.20 15.70
C HIS A 1782 5.43 7.49 14.29
N ILE A 1783 5.65 6.45 13.48
CA ILE A 1783 6.30 6.68 12.16
C ILE A 1783 5.31 6.54 10.99
N GLY A 1784 4.02 6.29 11.27
CA GLY A 1784 3.03 6.26 10.19
C GLY A 1784 2.59 4.85 9.81
N ILE A 1785 1.58 4.74 8.93
CA ILE A 1785 1.03 3.40 8.57
C ILE A 1785 1.93 2.72 7.53
N ALA A 1786 1.76 1.41 7.35
CA ALA A 1786 2.61 0.66 6.40
C ALA A 1786 1.89 0.47 5.06
N LYS A 1787 2.45 1.00 3.97
CA LYS A 1787 1.87 0.73 2.67
C LYS A 1787 2.20 -0.70 2.25
N PRO A 1788 1.40 -1.30 1.36
CA PRO A 1788 1.50 -2.74 1.12
C PRO A 1788 2.89 -3.17 0.69
N GLN A 1789 3.26 -4.40 1.08
CA GLN A 1789 4.64 -4.86 0.95
C GLN A 1789 5.15 -4.73 -0.48
N PHE A 1790 4.31 -4.98 -1.46
CA PHE A 1790 4.78 -4.89 -2.84
C PHE A 1790 5.20 -3.46 -3.17
N ILE A 1791 4.47 -2.47 -2.66
CA ILE A 1791 4.82 -1.08 -2.93
C ILE A 1791 6.12 -0.69 -2.25
N ARG A 1792 6.31 -1.13 -1.00
CA ARG A 1792 7.56 -0.85 -0.31
C ARG A 1792 8.74 -1.54 -1.00
N TRP A 1793 8.53 -2.77 -1.48
CA TRP A 1793 9.58 -3.45 -2.22
C TRP A 1793 9.83 -2.78 -3.56
N LEU A 1794 8.81 -2.20 -4.18
CA LEU A 1794 9.01 -1.40 -5.38
C LEU A 1794 9.87 -0.17 -5.08
N GLU A 1795 9.60 0.51 -3.96
CA GLU A 1795 10.40 1.66 -3.60
C GLU A 1795 11.84 1.27 -3.31
N GLU A 1796 12.03 0.16 -2.59
CA GLU A 1796 13.39 -0.31 -2.31
C GLU A 1796 14.11 -0.71 -3.59
N TRP A 1797 13.39 -1.36 -4.51
CA TRP A 1797 13.98 -1.71 -5.80
C TRP A 1797 14.40 -0.47 -6.56
N THR A 1798 13.55 0.55 -6.56
CA THR A 1798 13.90 1.80 -7.25
C THR A 1798 15.12 2.45 -6.62
N ASN A 1799 15.17 2.48 -5.28
CA ASN A 1799 16.32 3.06 -4.60
C ASN A 1799 17.61 2.32 -4.96
N GLU A 1800 17.60 1.00 -4.84
CA GLU A 1800 18.78 0.22 -5.13
C GLU A 1800 19.17 0.35 -6.60
N PHE A 1801 18.18 0.31 -7.50
CA PHE A 1801 18.46 0.43 -8.92
C PHE A 1801 19.09 1.77 -9.24
N CYS A 1802 18.57 2.84 -8.66
CA CYS A 1802 19.09 4.19 -9.00
C CYS A 1802 20.47 4.41 -8.37
N GLU A 1803 20.70 3.89 -7.16
CA GLU A 1803 22.02 4.03 -6.54
C GLU A 1803 23.06 3.23 -7.31
N LYS A 1804 22.77 1.97 -7.62
CA LYS A 1804 23.71 1.15 -8.36
C LYS A 1804 23.86 1.63 -9.81
N TYR A 1805 22.81 2.20 -10.39
CA TYR A 1805 22.93 2.77 -11.73
C TYR A 1805 23.87 3.96 -11.72
N THR A 1806 23.73 4.85 -10.74
CA THR A 1806 24.65 5.98 -10.63
C THR A 1806 26.08 5.49 -10.43
N LYS A 1807 26.28 4.51 -9.54
CA LYS A 1807 27.62 4.00 -9.27
C LYS A 1807 28.24 3.39 -10.52
N TYR A 1808 27.51 2.48 -11.19
CA TYR A 1808 28.06 1.80 -12.36
C TYR A 1808 28.23 2.75 -13.54
N PHE A 1809 27.30 3.70 -13.72
CA PHE A 1809 27.42 4.67 -14.78
C PHE A 1809 28.64 5.56 -14.58
N GLU A 1810 28.87 6.01 -13.35
CA GLU A 1810 30.07 6.80 -13.07
C GLU A 1810 31.33 5.98 -13.26
N ASP A 1811 31.32 4.71 -12.86
CA ASP A 1811 32.47 3.85 -13.06
C ASP A 1811 32.80 3.71 -14.54
N MET A 1812 31.80 3.39 -15.36
CA MET A 1812 31.99 3.19 -16.79
C MET A 1812 32.31 4.48 -17.52
N LYS A 1813 31.84 5.63 -17.03
CA LYS A 1813 32.20 6.91 -17.61
C LYS A 1813 33.63 7.32 -17.25
N SER A 1814 34.05 7.08 -16.01
CA SER A 1814 35.42 7.39 -15.61
C SER A 1814 36.42 6.49 -16.31
N ASN A 1815 36.09 5.22 -16.51
CA ASN A 1815 36.97 4.31 -17.23
C ASN A 1815 36.86 4.46 -18.74
N CYS A 1816 35.78 5.07 -19.23
CA CYS A 1816 35.62 5.38 -20.65
C CYS A 1816 34.84 6.68 -20.84
N ASN A 1830 43.26 -1.82 -20.68
CA ASN A 1830 41.90 -1.74 -21.18
C ASN A 1830 40.94 -2.50 -20.26
N ILE A 1831 41.52 -3.27 -19.34
CA ILE A 1831 40.74 -4.06 -18.40
C ILE A 1831 39.94 -3.21 -17.43
N GLU A 1832 40.29 -1.93 -17.29
CA GLU A 1832 39.62 -1.07 -16.32
C GLU A 1832 38.18 -0.75 -16.71
N CYS A 1833 37.86 -0.80 -18.00
CA CYS A 1833 36.53 -0.40 -18.48
C CYS A 1833 35.68 -1.57 -18.94
N LYS A 1834 36.31 -2.67 -19.35
CA LYS A 1834 35.56 -3.89 -19.66
C LYS A 1834 34.80 -4.37 -18.43
N LYS A 1835 35.43 -4.32 -17.26
CA LYS A 1835 34.75 -4.72 -16.03
C LYS A 1835 33.53 -3.85 -15.78
N ALA A 1836 33.67 -2.54 -15.92
CA ALA A 1836 32.54 -1.64 -15.69
C ALA A 1836 31.41 -1.91 -16.68
N CYS A 1837 31.75 -2.09 -17.96
CA CYS A 1837 30.72 -2.32 -18.97
C CYS A 1837 29.98 -3.63 -18.72
N ALA A 1838 30.73 -4.71 -18.47
CA ALA A 1838 30.11 -6.00 -18.21
C ALA A 1838 29.26 -5.96 -16.95
N ASN A 1839 29.75 -5.28 -15.90
CA ASN A 1839 28.97 -5.15 -14.68
C ASN A 1839 27.67 -4.41 -14.94
N TYR A 1840 27.73 -3.32 -15.71
CA TYR A 1840 26.54 -2.55 -16.01
C TYR A 1840 25.50 -3.39 -16.75
N THR A 1841 25.95 -4.11 -17.79
CA THR A 1841 24.97 -4.90 -18.56
C THR A 1841 24.42 -6.07 -17.75
N ASN A 1842 25.30 -6.80 -17.05
CA ASN A 1842 24.88 -7.96 -16.28
C ASN A 1842 24.06 -7.58 -15.05
N TRP A 1843 24.11 -6.32 -14.63
CA TRP A 1843 23.22 -5.84 -13.59
C TRP A 1843 21.93 -5.26 -14.16
N LEU A 1844 21.98 -4.72 -15.38
CA LEU A 1844 20.81 -4.11 -15.98
C LEU A 1844 19.81 -5.16 -16.45
N ASN A 1845 20.28 -6.25 -17.07
CA ASN A 1845 19.34 -7.23 -17.62
C ASN A 1845 18.45 -7.86 -16.55
N PRO A 1846 18.97 -8.40 -15.44
CA PRO A 1846 18.07 -8.89 -14.39
C PRO A 1846 17.16 -7.83 -13.83
N LYS A 1847 17.66 -6.59 -13.72
CA LYS A 1847 16.81 -5.50 -13.27
C LYS A 1847 15.71 -5.20 -14.28
N ARG A 1848 15.98 -5.37 -15.58
CA ARG A 1848 14.93 -5.21 -16.57
C ARG A 1848 13.86 -6.28 -16.42
N ILE A 1849 14.28 -7.53 -16.19
CA ILE A 1849 13.31 -8.60 -15.99
C ILE A 1849 12.46 -8.34 -14.74
N GLU A 1850 13.10 -7.93 -13.64
CA GLU A 1850 12.36 -7.62 -12.42
C GLU A 1850 11.42 -6.45 -12.64
N TRP A 1851 11.87 -5.43 -13.38
CA TRP A 1851 11.03 -4.28 -13.69
C TRP A 1851 9.80 -4.69 -14.46
N ASN A 1852 9.97 -5.53 -15.49
CA ASN A 1852 8.83 -5.99 -16.27
C ASN A 1852 7.87 -6.82 -15.43
N GLY A 1853 8.38 -7.75 -14.62
CA GLY A 1853 7.51 -8.55 -13.79
C GLY A 1853 6.73 -7.75 -12.77
N MET A 1854 7.41 -6.84 -12.07
CA MET A 1854 6.73 -6.02 -11.08
C MET A 1854 5.81 -5.01 -11.74
N SER A 1855 6.12 -4.55 -12.95
CA SER A 1855 5.21 -3.69 -13.68
C SER A 1855 3.94 -4.43 -14.06
N ASN A 1856 4.06 -5.68 -14.49
CA ASN A 1856 2.87 -6.48 -14.78
C ASN A 1856 2.03 -6.69 -13.52
N TYR A 1857 2.70 -7.01 -12.40
CA TYR A 1857 1.98 -7.20 -11.15
C TYR A 1857 1.26 -5.91 -10.74
N TYR A 1858 1.94 -4.77 -10.89
CA TYR A 1858 1.33 -3.49 -10.61
C TYR A 1858 0.12 -3.25 -11.50
N ASN A 1859 0.25 -3.54 -12.79
CA ASN A 1859 -0.86 -3.36 -13.72
C ASN A 1859 -2.05 -4.21 -13.33
N LYS A 1860 -1.81 -5.36 -12.72
CA LYS A 1860 -2.94 -6.17 -12.28
C LYS A 1860 -3.33 -5.90 -10.83
N ILE A 1861 -2.67 -4.98 -10.12
CA ILE A 1861 -3.13 -4.62 -8.78
C ILE A 1861 -3.20 -3.11 -8.58
N TYR A 1862 -3.15 -2.31 -9.66
CA TYR A 1862 -2.86 -0.89 -9.48
C TYR A 1862 -3.97 -0.17 -8.74
N ARG A 1863 -5.22 -0.58 -8.95
CA ARG A 1863 -6.36 0.03 -8.25
C ARG A 1863 -7.34 -1.03 -7.78
N LYS A 1864 -6.86 -2.25 -7.54
CA LYS A 1864 -7.70 -3.35 -7.09
C LYS A 1864 -7.89 -3.26 -5.57
N SER A 1865 -8.41 -4.33 -4.97
CA SER A 1865 -8.67 -4.37 -3.54
C SER A 1865 -8.69 -5.82 -3.09
N ASN A 1866 -9.18 -6.04 -1.86
CA ASN A 1866 -9.23 -7.40 -1.31
C ASN A 1866 -10.16 -8.28 -2.13
N LYS A 1867 -11.32 -7.76 -2.53
CA LYS A 1867 -12.26 -8.52 -3.32
C LYS A 1867 -11.85 -8.65 -4.78
N GLU A 1868 -10.84 -7.90 -5.22
CA GLU A 1868 -10.46 -7.86 -6.63
C GLU A 1868 -9.08 -8.46 -6.88
N SER A 1869 -8.08 -8.07 -6.10
CA SER A 1869 -6.73 -8.60 -6.29
C SER A 1869 -6.69 -10.08 -5.91
N GLU A 1870 -5.75 -10.80 -6.52
CA GLU A 1870 -5.63 -12.23 -6.28
C GLU A 1870 -5.31 -12.54 -4.82
N ASP A 1871 -4.65 -11.63 -4.13
CA ASP A 1871 -4.38 -11.76 -2.71
C ASP A 1871 -5.31 -10.85 -1.92
N GLY A 1872 -5.60 -11.26 -0.69
CA GLY A 1872 -6.50 -10.50 0.15
C GLY A 1872 -5.85 -9.29 0.80
N LYS A 1873 -5.03 -8.58 0.04
CA LYS A 1873 -4.37 -7.37 0.52
C LYS A 1873 -4.90 -6.18 -0.27
N ASP A 1874 -5.11 -5.10 0.48
CA ASP A 1874 -5.71 -3.89 -0.12
C ASP A 1874 -4.66 -3.03 -0.81
N TYR A 1875 -4.85 -2.77 -2.10
CA TYR A 1875 -4.01 -1.84 -2.82
C TYR A 1875 -4.79 -0.62 -3.30
N SER A 1876 -5.85 -0.23 -2.59
CA SER A 1876 -6.67 0.89 -3.02
C SER A 1876 -5.88 2.19 -3.02
N MET A 1877 -5.01 2.37 -2.02
CA MET A 1877 -4.25 3.61 -1.91
C MET A 1877 -3.33 3.83 -3.11
N ILE A 1878 -3.02 2.78 -3.87
CA ILE A 1878 -2.25 2.93 -5.10
C ILE A 1878 -3.16 3.48 -6.17
N MET A 1879 -2.70 4.52 -6.87
CA MET A 1879 -3.59 5.30 -7.72
C MET A 1879 -3.00 5.66 -9.07
N GLU A 1880 -1.87 5.07 -9.46
CA GLU A 1880 -1.27 5.46 -10.73
C GLU A 1880 -1.45 4.36 -11.77
N PRO A 1881 -1.54 4.73 -13.06
CA PRO A 1881 -1.79 3.69 -14.07
C PRO A 1881 -0.58 2.83 -14.36
N THR A 1882 0.60 3.42 -14.41
CA THR A 1882 1.82 2.70 -14.74
C THR A 1882 2.85 2.92 -13.63
N VAL A 1883 3.68 1.90 -13.41
CA VAL A 1883 4.68 1.97 -12.33
C VAL A 1883 5.64 3.14 -12.55
N ILE A 1884 5.95 3.47 -13.82
CA ILE A 1884 6.75 4.65 -14.09
C ILE A 1884 6.06 5.90 -13.55
N ASP A 1885 4.76 6.02 -13.81
CA ASP A 1885 4.00 7.15 -13.32
C ASP A 1885 3.95 7.17 -11.79
N TYR A 1886 3.92 6.00 -11.16
CA TYR A 1886 3.89 5.95 -9.70
C TYR A 1886 5.22 6.43 -9.12
N LEU A 1887 6.33 5.92 -9.64
CA LEU A 1887 7.64 6.27 -9.10
C LEU A 1887 8.05 7.70 -9.48
N ASN A 1888 7.45 8.26 -10.53
CA ASN A 1888 7.82 9.61 -10.93
C ASN A 1888 7.52 10.63 -9.84
N LYS A 1889 6.44 10.45 -9.08
CA LYS A 1889 6.06 11.38 -8.03
C LYS A 1889 6.50 10.91 -6.64
N ARG A 1890 7.27 9.84 -6.57
CA ARG A 1890 7.85 9.38 -5.30
C ARG A 1890 9.36 9.39 -5.29
N CYS A 1891 10.00 8.83 -6.31
CA CYS A 1891 11.45 8.70 -6.37
C CYS A 1891 12.06 9.84 -7.17
N ASN A 1892 11.78 11.07 -6.72
CA ASN A 1892 12.30 12.26 -7.37
C ASN A 1892 13.15 13.12 -6.45
N GLY A 1893 12.68 13.38 -5.23
CA GLY A 1893 13.36 14.30 -4.32
C GLY A 1893 14.46 13.63 -3.51
N GLU A 1894 14.89 14.34 -2.48
CA GLU A 1894 15.94 13.88 -1.60
C GLU A 1894 15.38 13.00 -0.49
N ILE A 1895 16.18 12.03 -0.07
CA ILE A 1895 15.76 11.08 0.96
C ILE A 1895 15.69 11.79 2.31
N ASN A 1896 14.59 11.56 3.04
CA ASN A 1896 14.44 12.12 4.37
C ASN A 1896 14.63 11.08 5.48
N GLY A 1897 14.51 9.80 5.16
CA GLY A 1897 14.68 8.74 6.13
C GLY A 1897 13.41 8.29 6.81
N ASN A 1898 12.32 9.03 6.66
CA ASN A 1898 11.05 8.67 7.28
C ASN A 1898 9.99 8.32 6.25
N TYR A 1899 9.71 9.19 5.28
CA TYR A 1899 8.73 8.91 4.25
C TYR A 1899 9.38 8.52 2.93
N ILE A 1900 10.25 9.38 2.41
CA ILE A 1900 10.94 9.08 1.15
C ILE A 1900 12.04 8.06 1.40
N CYS A 1901 12.07 7.03 0.55
CA CYS A 1901 13.07 5.98 0.66
C CYS A 1901 13.84 5.77 -0.63
N CYS A 1902 13.77 6.69 -1.59
CA CYS A 1902 14.47 6.53 -2.85
C CYS A 1902 14.67 7.88 -3.51
N SER A 1903 15.84 8.05 -4.12
CA SER A 1903 16.14 9.22 -4.94
C SER A 1903 16.76 8.73 -6.24
N CYS A 1904 16.36 9.40 -7.34
CA CYS A 1904 16.84 8.99 -8.69
C CYS A 1904 17.18 10.20 -9.56
N LYS A 1905 18.20 10.08 -10.40
CA LYS A 1905 18.57 11.11 -11.36
C LYS A 1905 17.62 11.15 -12.55
N ASN A 1906 17.39 10.01 -13.19
CA ASN A 1906 16.43 9.88 -14.28
C ASN A 1906 15.23 9.07 -13.82
N ILE A 1907 14.03 9.59 -14.07
CA ILE A 1907 12.82 9.04 -13.50
C ILE A 1907 11.88 8.47 -14.56
N GLY A 1908 11.71 9.19 -15.68
CA GLY A 1908 10.68 8.82 -16.64
C GLY A 1908 11.17 8.02 -17.83
N GLU A 1909 12.35 7.42 -17.72
CA GLU A 1909 12.92 6.63 -18.80
C GLU A 1909 13.45 5.30 -18.29
N ASN A 1910 12.81 4.73 -17.26
CA ASN A 1910 13.22 3.42 -16.78
C ASN A 1910 13.03 2.36 -17.87
N SER A 1911 11.91 2.45 -18.61
CA SER A 1911 11.68 1.51 -19.69
C SER A 1911 12.75 1.63 -20.78
N THR A 1912 13.19 2.85 -21.07
CA THR A 1912 14.25 3.06 -22.05
C THR A 1912 15.62 2.78 -21.48
N SER A 1913 15.85 3.13 -20.21
CA SER A 1913 17.14 2.81 -19.57
C SER A 1913 17.36 1.31 -19.48
N GLY A 1914 16.29 0.53 -19.35
CA GLY A 1914 16.40 -0.91 -19.34
C GLY A 1914 16.82 -1.52 -20.66
N THR A 1915 16.85 -0.74 -21.73
CA THR A 1915 17.29 -1.24 -23.03
C THR A 1915 18.18 -0.21 -23.73
N VAL A 1916 18.55 0.87 -23.06
CA VAL A 1916 19.44 1.87 -23.64
C VAL A 1916 18.65 3.03 -24.23
N LYS A 1952 28.58 4.23 -24.64
CA LYS A 1952 27.37 3.48 -24.90
C LYS A 1952 27.48 2.73 -26.22
N MET A 1953 28.57 3.03 -26.95
CA MET A 1953 28.83 2.33 -28.25
C MET A 1953 30.06 1.45 -28.06
N LYS A 1954 31.20 2.03 -27.66
CA LYS A 1954 32.42 1.25 -27.44
C LYS A 1954 32.20 0.15 -26.40
N CYS A 1955 31.16 0.27 -25.58
CA CYS A 1955 30.82 -0.77 -24.63
C CYS A 1955 30.63 -2.11 -25.34
N THR A 1956 30.16 -2.11 -26.58
CA THR A 1956 29.97 -3.37 -27.28
C THR A 1956 31.30 -3.98 -27.67
N GLU A 1957 32.27 -3.17 -28.13
CA GLU A 1957 33.57 -3.72 -28.46
C GLU A 1957 34.30 -4.23 -27.22
N VAL A 1958 34.22 -3.51 -26.11
CA VAL A 1958 34.88 -4.01 -24.91
C VAL A 1958 34.16 -5.23 -24.38
N TYR A 1959 32.83 -5.29 -24.53
CA TYR A 1959 32.10 -6.47 -24.10
C TYR A 1959 32.43 -7.68 -24.97
N LEU A 1960 32.67 -7.47 -26.26
CA LEU A 1960 33.05 -8.59 -27.12
C LEU A 1960 34.47 -9.05 -26.83
N GLU A 1961 35.38 -8.12 -26.51
CA GLU A 1961 36.70 -8.53 -26.06
C GLU A 1961 36.62 -9.32 -24.75
N HIS A 1962 35.76 -8.86 -23.84
CA HIS A 1962 35.54 -9.59 -22.59
C HIS A 1962 34.96 -10.98 -22.86
N VAL A 1963 34.04 -11.07 -23.83
CA VAL A 1963 33.45 -12.36 -24.17
C VAL A 1963 34.51 -13.30 -24.72
N GLU A 1964 35.34 -12.81 -25.64
CA GLU A 1964 36.39 -13.66 -26.20
C GLU A 1964 37.39 -14.08 -25.13
N GLU A 1965 37.69 -13.19 -24.18
CA GLU A 1965 38.61 -13.54 -23.11
C GLU A 1965 38.02 -14.61 -22.19
N GLN A 1966 36.79 -14.39 -21.71
CA GLN A 1966 36.15 -15.38 -20.86
C GLN A 1966 35.93 -16.69 -21.61
N LEU A 1967 35.83 -16.64 -22.93
CA LEU A 1967 35.69 -17.87 -23.70
C LEU A 1967 37.00 -18.63 -23.76
N LYS A 1968 38.09 -17.94 -24.08
CA LYS A 1968 39.40 -18.59 -24.07
C LYS A 1968 39.77 -19.04 -22.66
N GLU A 1969 39.09 -18.53 -21.64
CA GLU A 1969 39.26 -19.03 -20.28
C GLU A 1969 38.44 -20.31 -20.04
N ILE A 1970 37.12 -20.18 -20.11
CA ILE A 1970 36.20 -21.30 -19.74
C ILE A 1970 36.30 -22.48 -20.72
N ASP A 1971 36.76 -22.25 -21.93
CA ASP A 1971 36.74 -23.31 -22.93
C ASP A 1971 38.07 -24.04 -23.04
N ASN A 1972 39.17 -23.42 -22.61
CA ASN A 1972 40.49 -24.04 -22.68
C ASN A 1972 41.16 -24.16 -21.32
N ALA A 1973 41.08 -23.14 -20.47
CA ALA A 1973 41.74 -23.15 -19.18
C ALA A 1973 40.95 -23.86 -18.10
N ILE A 1974 39.68 -24.23 -18.39
CA ILE A 1974 38.90 -25.01 -17.38
C ILE A 1974 38.39 -26.34 -17.97
N LYS A 1975 38.57 -26.56 -19.29
CA LYS A 1975 38.13 -27.82 -19.87
C LYS A 1975 38.89 -28.99 -19.25
N ASP A 1976 38.23 -30.13 -19.17
CA ASP A 1976 38.81 -31.33 -18.57
C ASP A 1976 38.09 -32.58 -19.04
C1 BDP B . -0.63 10.48 8.09
C2 BDP B . -1.46 11.74 8.07
C3 BDP B . -2.05 11.94 6.73
C4 BDP B . -1.06 11.95 5.60
C5 BDP B . 0.16 11.01 5.76
C6 BDP B . 1.39 11.66 5.20
O2 BDP B . -2.52 11.60 9.03
O3 BDP B . -2.77 13.21 6.72
O4 BDP B . -1.84 11.58 4.45
O5 BDP B . 0.52 10.63 7.14
O6A BDP B . 1.84 12.72 5.71
O1 BDP B . -0.14 10.27 9.34
O6B BDP B . 1.98 11.13 4.22
C1 ASG B . -1.20 12.02 3.23
C2 ASG B . -2.22 12.22 2.14
C3 ASG B . -1.65 12.89 0.97
C4 ASG B . -0.15 12.88 0.98
C5 ASG B . 0.47 13.55 2.27
C6 ASG B . 0.66 14.93 2.09
C7 ASG B . -4.00 10.33 2.12
C8 ASG B . -4.88 11.14 3.08
N2 ASG B . -2.72 10.84 1.68
O3 ASG B . -2.13 14.30 0.91
O4 ASG B . 0.38 13.49 -0.18
O5 ASG B . -0.48 13.29 3.43
O6 ASG B . 1.71 15.36 2.93
O7 ASG B . -4.36 9.26 1.76
OSA ASG B . 1.04 11.31 -1.62
OSB ASG B . 2.41 13.59 -1.97
OSC ASG B . 2.69 12.18 0.32
S ASG B . 1.63 12.65 -0.86
C1 BDP B . -3.16 14.49 -0.10
C2 BDP B . -2.53 15.20 -1.31
C3 BDP B . -2.52 14.44 -2.60
C4 BDP B . -3.73 13.60 -2.90
C5 BDP B . -4.66 13.47 -1.69
C6 BDP B . -5.65 12.36 -1.90
O2 BDP B . -3.24 16.43 -1.53
O3 BDP B . -1.34 13.57 -2.63
O4 BDP B . -4.46 14.17 -4.00
O5 BDP B . -3.87 13.22 -0.49
O6A BDP B . -6.88 12.63 -1.94
O6B BDP B . -5.26 11.18 -2.04
C1 ASG B . -4.13 13.52 -5.25
C2 ASG B . -3.68 14.62 -6.20
C3 ASG B . -2.54 14.39 -7.08
C4 ASG B . -1.61 13.33 -6.64
C5 ASG B . -2.39 12.04 -6.29
C6 ASG B . -1.50 10.97 -6.03
C7 ASG B . -5.80 16.01 -6.75
C8 ASG B . -5.58 16.84 -5.48
N2 ASG B . -4.88 14.94 -7.09
O3 ASG B . -1.76 15.65 -7.20
O4 ASG B . -0.93 13.78 -5.48
O5 ASG B . -3.15 12.43 -5.02
O6 ASG B . -1.31 10.26 -7.23
O7 ASG B . -6.72 16.24 -7.46
OSA ASG B . 1.64 12.99 -5.64
OSB ASG B . 0.78 15.06 -7.14
OSC ASG B . 1.02 15.33 -4.46
S ASG B . 0.63 14.29 -5.68
C1 BDP B . -1.97 16.24 -8.50
C2 BDP B . -2.14 17.74 -8.32
C3 BDP B . -1.57 18.63 -9.40
C4 BDP B . -1.20 18.02 -10.74
C5 BDP B . -1.14 16.49 -10.78
C6 BDP B . -0.03 16.10 -11.71
O2 BDP B . -3.54 18.04 -8.20
O3 BDP B . -0.37 19.26 -8.87
O4 BDP B . -2.03 18.50 -11.80
O5 BDP B . -0.86 15.91 -9.46
O6A BDP B . 1.16 16.11 -11.29
O6B BDP B . -0.28 15.75 -12.88
C1 ASG B . -3.43 18.56 -11.44
C2 ASG B . -4.02 19.86 -11.90
C3 ASG B . -5.46 19.79 -12.08
C4 ASG B . -6.14 18.80 -11.20
C5 ASG B . -5.58 17.34 -11.36
C6 ASG B . -6.44 16.57 -12.18
C7 ASG B . -3.49 22.31 -11.29
C8 ASG B . -3.17 23.38 -10.26
N2 ASG B . -3.71 20.93 -10.87
O3 ASG B . -5.77 19.47 -13.49
O4 ASG B . -7.53 18.77 -11.47
O5 ASG B . -4.19 17.43 -12.01
O6 ASG B . -7.06 15.61 -11.36
O7 ASG B . -3.56 22.58 -12.44
OSA ASG B . -8.50 18.00 -9.06
OSB ASG B . -10.08 19.35 -10.80
OSC ASG B . -8.03 20.62 -9.57
S ASG B . -8.53 19.18 -10.22
C1 BDP B . -6.20 20.64 -14.24
C2 BDP B . -7.60 20.33 -14.80
C3 BDP B . -8.73 20.58 -13.85
C4 BDP B . -8.43 21.57 -12.76
C5 BDP B . -7.42 22.60 -13.24
C6 BDP B . -7.28 23.69 -12.24
O2 BDP B . -7.82 21.11 -16.00
O3 BDP B . -9.10 19.30 -13.23
O4 BDP B . -9.62 22.19 -12.22
O5 BDP B . -6.13 21.92 -13.42
O6A BDP B . -7.24 24.89 -12.62
O6B BDP B . -7.21 23.42 -11.01
C1 ASG B . -10.60 23.00 -12.95
C2 ASG B . -11.88 22.20 -13.02
C3 ASG B . -13.00 23.18 -13.01
C4 ASG B . -12.89 24.18 -11.86
C5 ASG B . -11.52 24.88 -11.76
C6 ASG B . -10.83 24.70 -10.42
C7 ASG B . -12.23 20.18 -14.40
C8 ASG B . -12.37 19.67 -15.80
N2 ASG B . -11.91 21.47 -14.28
O3 ASG B . -14.19 22.41 -12.91
O4 ASG B . -13.16 23.46 -10.60
O5 ASG B . -10.62 24.40 -12.78
O6 ASG B . -11.44 25.50 -9.42
O7 ASG B . -12.41 19.46 -13.43
OSA ASG B . -15.36 22.53 -10.52
OSB ASG B . -15.12 24.89 -10.35
OSC ASG B . -14.34 23.45 -8.57
S ASG B . -14.60 23.61 -9.97
C1 BDP B . -15.01 22.77 -14.04
C2 BDP B . -16.10 21.73 -14.28
C3 BDP B . -17.04 22.16 -15.35
C4 BDP B . -17.57 23.54 -15.11
C5 BDP B . -16.46 24.56 -14.85
C6 BDP B . -17.10 25.85 -14.44
O2 BDP B . -15.49 20.49 -14.67
O3 BDP B . -18.14 21.22 -15.33
O4 BDP B . -18.40 24.06 -16.17
O5 BDP B . -15.58 24.13 -13.76
O6A BDP B . -16.41 26.75 -13.89
O6B BDP B . -18.32 26.04 -14.66
C1 ASG B . -18.26 23.44 -17.46
C2 ASG B . -19.42 23.94 -18.28
C3 ASG B . -19.50 23.36 -19.62
C4 ASG B . -18.29 22.61 -20.03
C5 ASG B . -16.92 23.22 -19.58
C6 ASG B . -16.53 24.27 -20.44
C7 ASG B . -21.29 24.69 -16.70
C8 ASG B . -20.73 26.11 -16.71
N2 ASG B . -20.67 23.63 -17.47
O3 ASG B . -19.70 24.45 -20.60
O4 ASG B . -18.28 22.55 -21.45
O5 ASG B . -16.99 23.74 -18.14
O6 ASG B . -16.31 25.41 -19.66
O7 ASG B . -22.27 24.44 -16.06
OSA ASG B . -19.44 20.14 -21.14
OSB ASG B . -17.13 20.36 -22.53
OSC ASG B . -19.43 21.33 -23.56
S ASG B . -18.58 21.09 -22.17
C1 BDP B . -20.92 24.39 -21.40
C2 BDP B . -21.66 23.05 -21.27
C3 BDP B . -23.05 23.04 -21.83
C4 BDP B . -23.84 24.31 -21.65
C5 BDP B . -23.00 25.57 -21.89
C6 BDP B . -23.81 26.78 -21.58
O2 BDP B . -20.93 22.05 -22.01
O3 BDP B . -23.77 21.78 -21.48
O5 BDP B . -21.81 25.55 -21.03
O6A BDP B . -24.16 27.56 -22.50
O6B BDP B . -24.14 27.02 -20.39
C1 ASG B . -24.50 21.56 -20.21
C2 ASG B . -23.55 21.00 -19.16
C3 ASG B . -23.43 21.87 -18.02
C4 ASG B . -24.72 22.03 -17.32
C5 ASG B . -25.86 22.49 -18.30
C6 ASG B . -26.49 23.66 -17.85
C7 ASG B . -23.67 18.40 -19.10
C8 ASG B . -24.28 17.13 -18.51
N2 ASG B . -24.12 19.69 -18.62
O3 ASG B . -23.01 23.21 -18.48
O4 ASG B . -24.58 23.02 -16.31
O5 ASG B . -25.18 22.75 -19.65
O6 ASG B . -27.44 24.05 -18.79
O7 ASG B . -22.84 18.33 -19.95
OSA ASG B . -25.79 22.62 -13.94
OSB ASG B . -23.92 20.88 -14.80
OSC ASG B . -23.19 23.36 -14.03
S ASG B . -24.37 22.46 -14.77
#